data_8DNN
#
_entry.id   8DNN
#
_cell.length_a   85.110
_cell.length_b   111.580
_cell.length_c   187.080
_cell.angle_alpha   90.000
_cell.angle_beta   90.000
_cell.angle_gamma   90.000
#
_symmetry.space_group_name_H-M   'P 21 21 21'
#
loop_
_entity.id
_entity.type
_entity.pdbx_description
1 polymer 'Spike protein S1'
2 polymer '80 FAB HEAVY CHAIN'
3 polymer '80 FAB LIGHT CHAIN'
4 non-polymer 2-acetamido-2-deoxy-beta-D-glucopyranose
#
loop_
_entity_poly.entity_id
_entity_poly.type
_entity_poly.pdbx_seq_one_letter_code
_entity_poly.pdbx_strand_id
1 'polypeptide(L)'
;RVQPTESIVRFPNITNLCPFGEVFNATRFASVYAWNRKRISNCVADYSVLYNSASFSTFKCYGVSPTKLNDLCFTNVYAD
SFVIRGDEVRQIAPGQTGKIADYNYKLPDDFTGCVIAWNSNNLDSKVGGNYNYLYRLFRKSNLKPFERDISTEIYQAGST
PCNGVEGFNCYFPLQSYGFQPTNGVGYQPYRVVVLSFELLHAPATVCGPKKSTNLVKNKCVNFHHHHH
;
A,D
2 'polypeptide(L)'
;QVQLVQSGAEVKKPGSSVKVSCKASGGTFNRYAFSWVRQAPGQGLEWMGGIIPIFGTANYAQKFQGRVTITADESTSTAY
MELSSLRSEDTAVYYCARSTRELPEVVDWYFDLWGRGTLVTVSSASTKGPSVFPLAPSSKSTSGGTAALGCLVKDYFPEP
VTVSWNSGALTSGVHTFPAVLQSSGLYSLSSVVTVPSSSLGTQTYICNVNHKPSNTKVDKKVEPKSC
;
B,E
3 'polypeptide(L)'
;DIVMTQSPDSLAVSLGERATINCKSSQSVLYSSNNKNYLAWYQQKPGQPPKLLIYWASTRESGVPDRFSGSGSGTDFTLT
ISSLQAEDVAVYYCQQYYSAPLTFGGGTKVEIKRTVAAPSVFIFPPSDEQLKSGTASVVCLLNNFYPREAKVQWKVDNAL
QSGNSQESVTEQDSKDSTYSLSSTLTLSKADYEKHKVYACEVTHQGLSSPVTKSFNRGEC
;
C,F
#
# COMPACT_ATOMS: atom_id res chain seq x y z
N ASN A 16 25.87 -20.39 88.73
CA ASN A 16 26.03 -21.27 87.58
C ASN A 16 26.24 -20.50 86.27
N LEU A 17 27.35 -20.79 85.58
CA LEU A 17 27.67 -20.13 84.32
C LEU A 17 26.77 -20.61 83.18
N CYS A 18 26.59 -19.74 82.17
CA CYS A 18 25.81 -20.01 80.97
C CYS A 18 26.69 -20.62 79.89
N PRO A 19 26.17 -21.55 79.10
CA PRO A 19 27.00 -22.20 78.07
C PRO A 19 27.16 -21.34 76.83
N PHE A 20 27.73 -20.14 77.00
CA PHE A 20 28.02 -19.30 75.85
C PHE A 20 29.21 -19.84 75.06
N GLY A 21 30.09 -20.62 75.70
CA GLY A 21 31.19 -21.22 74.98
C GLY A 21 30.73 -22.23 73.95
N GLU A 22 29.62 -22.92 74.23
CA GLU A 22 29.07 -23.88 73.27
C GLU A 22 28.56 -23.21 72.01
N VAL A 23 28.35 -21.89 72.05
CA VAL A 23 27.83 -21.14 70.91
C VAL A 23 28.95 -20.43 70.16
N PHE A 24 29.74 -19.62 70.88
CA PHE A 24 30.80 -18.86 70.20
C PHE A 24 31.97 -19.77 69.84
N ASN A 25 32.37 -20.65 70.75
CA ASN A 25 33.49 -21.55 70.52
C ASN A 25 33.07 -22.89 69.94
N ALA A 26 31.90 -22.95 69.30
CA ALA A 26 31.45 -24.20 68.69
C ALA A 26 32.35 -24.56 67.51
N THR A 27 32.59 -25.86 67.35
CA THR A 27 33.46 -26.32 66.27
C THR A 27 32.83 -26.06 64.90
N ARG A 28 31.54 -26.37 64.76
CA ARG A 28 30.83 -26.22 63.50
C ARG A 28 29.72 -25.19 63.66
N PHE A 29 29.56 -24.35 62.64
CA PHE A 29 28.50 -23.36 62.58
C PHE A 29 27.55 -23.73 61.45
N ALA A 30 26.27 -23.37 61.64
CA ALA A 30 25.26 -23.71 60.66
C ALA A 30 25.29 -22.73 59.48
N SER A 31 24.76 -23.19 58.35
CA SER A 31 24.59 -22.30 57.21
C SER A 31 23.45 -21.32 57.50
N VAL A 32 23.53 -20.15 56.85
CA VAL A 32 22.62 -19.07 57.19
C VAL A 32 21.18 -19.45 56.90
N TYR A 33 20.94 -20.21 55.82
CA TYR A 33 19.57 -20.60 55.50
C TYR A 33 19.00 -21.53 56.56
N ALA A 34 19.85 -22.26 57.26
CA ALA A 34 19.42 -23.19 58.31
C ALA A 34 20.05 -22.78 59.64
N TRP A 35 19.96 -21.50 59.97
CA TRP A 35 20.62 -20.98 61.16
C TRP A 35 20.13 -21.69 62.42
N ASN A 36 21.08 -22.00 63.31
CA ASN A 36 20.77 -22.70 64.54
C ASN A 36 20.48 -21.71 65.66
N ARG A 37 19.53 -22.06 66.51
CA ARG A 37 19.15 -21.27 67.66
C ARG A 37 19.36 -22.09 68.93
N LYS A 38 20.09 -21.53 69.88
CA LYS A 38 20.33 -22.17 71.17
C LYS A 38 19.61 -21.38 72.25
N ARG A 39 18.81 -22.07 73.05
CA ARG A 39 18.10 -21.44 74.15
C ARG A 39 19.02 -21.36 75.36
N ILE A 40 19.17 -20.15 75.90
CA ILE A 40 20.00 -19.92 77.07
C ILE A 40 19.07 -19.57 78.23
N SER A 41 19.10 -20.42 79.25
CA SER A 41 18.20 -20.26 80.40
C SER A 41 18.81 -20.98 81.60
N ASN A 42 18.28 -20.64 82.78
CA ASN A 42 18.65 -21.28 84.04
C ASN A 42 20.16 -21.18 84.32
N CYS A 43 20.70 -19.98 84.16
CA CYS A 43 22.12 -19.75 84.36
C CYS A 43 22.36 -18.26 84.54
N VAL A 44 23.59 -17.90 84.90
CA VAL A 44 24.00 -16.50 85.07
C VAL A 44 24.97 -16.15 83.96
N ALA A 45 24.64 -15.09 83.22
CA ALA A 45 25.41 -14.64 82.07
C ALA A 45 26.13 -13.33 82.39
N ASP A 46 27.43 -13.29 82.12
CA ASP A 46 28.21 -12.06 82.28
C ASP A 46 28.53 -11.52 80.88
N TYR A 47 27.72 -10.57 80.43
CA TYR A 47 27.87 -9.98 79.11
C TYR A 47 29.02 -8.99 79.00
N SER A 48 29.59 -8.54 80.12
CA SER A 48 30.67 -7.57 80.05
C SER A 48 31.89 -8.14 79.35
N VAL A 49 32.20 -9.42 79.57
CA VAL A 49 33.38 -10.00 78.94
C VAL A 49 33.22 -10.08 77.44
N LEU A 50 32.01 -10.34 76.96
CA LEU A 50 31.80 -10.40 75.51
C LEU A 50 32.02 -9.04 74.87
N TYR A 51 31.45 -7.99 75.44
CA TYR A 51 31.62 -6.66 74.87
C TYR A 51 33.04 -6.13 75.05
N ASN A 52 33.69 -6.47 76.17
CA ASN A 52 35.06 -6.07 76.44
C ASN A 52 36.08 -7.04 75.88
N SER A 53 35.68 -7.84 74.90
CA SER A 53 36.59 -8.80 74.26
C SER A 53 37.33 -8.14 73.10
N ALA A 54 38.28 -8.88 72.55
CA ALA A 54 39.14 -8.37 71.48
C ALA A 54 39.21 -9.35 70.32
N SER A 55 38.27 -10.30 70.28
CA SER A 55 38.16 -11.26 69.19
C SER A 55 36.96 -10.98 68.29
N PHE A 56 36.16 -9.97 68.58
CA PHE A 56 34.96 -9.67 67.80
C PHE A 56 35.21 -8.46 66.91
N SER A 57 34.88 -8.60 65.62
CA SER A 57 35.02 -7.50 64.67
C SER A 57 33.79 -6.60 64.63
N THR A 58 32.63 -7.13 64.99
CA THR A 58 31.37 -6.40 64.98
C THR A 58 30.61 -6.71 66.26
N PHE A 59 30.27 -5.67 67.01
CA PHE A 59 29.50 -5.84 68.25
C PHE A 59 28.60 -4.62 68.40
N LYS A 60 27.36 -4.74 67.93
CA LYS A 60 26.39 -3.66 67.99
C LYS A 60 25.13 -4.17 68.67
N CYS A 61 24.60 -3.34 69.57
CA CYS A 61 23.40 -3.68 70.34
C CYS A 61 22.29 -2.68 70.04
N TYR A 62 21.06 -3.15 70.14
CA TYR A 62 19.89 -2.33 69.85
C TYR A 62 18.93 -2.42 71.03
N GLY A 63 18.39 -1.28 71.42
CA GLY A 63 17.43 -1.17 72.50
C GLY A 63 17.99 -1.39 73.89
N VAL A 64 19.21 -1.90 74.02
CA VAL A 64 19.86 -2.12 75.31
C VAL A 64 21.29 -1.62 75.24
N SER A 65 21.71 -0.86 76.26
CA SER A 65 23.11 -0.46 76.32
C SER A 65 23.98 -1.68 76.65
N PRO A 66 25.14 -1.81 76.01
CA PRO A 66 25.99 -2.99 76.29
C PRO A 66 26.44 -3.09 77.74
N THR A 67 26.67 -1.96 78.40
CA THR A 67 27.14 -1.98 79.79
C THR A 67 26.04 -2.41 80.75
N LYS A 68 24.79 -2.04 80.47
CA LYS A 68 23.69 -2.29 81.39
C LYS A 68 23.21 -3.74 81.35
N LEU A 69 23.73 -4.55 80.42
CA LEU A 69 23.29 -5.94 80.31
C LEU A 69 23.63 -6.73 81.56
N ASN A 70 24.72 -6.38 82.24
CA ASN A 70 25.17 -7.12 83.41
C ASN A 70 24.32 -6.85 84.65
N ASP A 71 23.37 -5.93 84.58
CA ASP A 71 22.48 -5.64 85.71
C ASP A 71 21.04 -5.61 85.23
N LEU A 72 20.71 -6.50 84.30
CA LEU A 72 19.37 -6.65 83.76
C LEU A 72 19.00 -8.13 83.78
N CYS A 73 17.74 -8.42 84.07
CA CYS A 73 17.23 -9.78 84.04
C CYS A 73 16.32 -9.99 82.84
N PHE A 74 16.34 -11.20 82.31
CA PHE A 74 15.50 -11.56 81.17
C PHE A 74 14.96 -12.96 81.36
N THR A 75 13.80 -13.22 80.75
CA THR A 75 13.17 -14.54 80.86
C THR A 75 14.03 -15.61 80.18
N ASN A 76 14.27 -15.43 78.88
CA ASN A 76 15.09 -16.35 78.11
C ASN A 76 15.96 -15.54 77.16
N VAL A 77 17.10 -16.12 76.78
CA VAL A 77 18.01 -15.53 75.82
C VAL A 77 18.23 -16.55 74.71
N TYR A 78 18.08 -16.11 73.46
CA TYR A 78 18.28 -16.99 72.32
C TYR A 78 19.52 -16.56 71.55
N ALA A 79 20.38 -17.54 71.26
CA ALA A 79 21.61 -17.32 70.52
C ALA A 79 21.46 -17.96 69.15
N ASP A 80 21.29 -17.15 68.11
CA ASP A 80 21.23 -17.62 66.75
C ASP A 80 22.62 -17.47 66.13
N SER A 81 23.13 -18.55 65.55
CA SER A 81 24.46 -18.56 64.98
C SER A 81 24.41 -19.08 63.55
N PHE A 82 25.22 -18.46 62.69
CA PHE A 82 25.31 -18.85 61.29
C PHE A 82 26.58 -18.23 60.71
N VAL A 83 26.84 -18.52 59.44
CA VAL A 83 27.99 -17.96 58.74
C VAL A 83 27.50 -17.32 57.45
N ILE A 84 27.87 -16.06 57.24
CA ILE A 84 27.53 -15.32 56.03
C ILE A 84 28.82 -14.73 55.47
N ARG A 85 28.67 -14.02 54.35
CA ARG A 85 29.80 -13.36 53.74
C ARG A 85 30.17 -12.11 54.56
N GLY A 86 31.37 -11.58 54.28
CA GLY A 86 31.84 -10.43 55.02
C GLY A 86 30.99 -9.19 54.79
N ASP A 87 30.70 -8.89 53.52
CA ASP A 87 29.92 -7.70 53.21
C ASP A 87 28.44 -7.88 53.47
N GLU A 88 28.01 -9.09 53.83
CA GLU A 88 26.61 -9.32 54.18
C GLU A 88 26.32 -9.09 55.65
N VAL A 89 27.35 -8.86 56.49
CA VAL A 89 27.12 -8.67 57.92
C VAL A 89 26.27 -7.44 58.17
N ARG A 90 26.38 -6.43 57.29
CA ARG A 90 25.57 -5.22 57.42
C ARG A 90 24.07 -5.49 57.30
N GLN A 91 23.68 -6.63 56.73
CA GLN A 91 22.27 -6.96 56.62
C GLN A 91 21.68 -7.50 57.91
N ILE A 92 22.51 -7.87 58.88
CA ILE A 92 22.01 -8.42 60.15
C ILE A 92 21.74 -7.21 61.05
N ALA A 93 20.57 -6.60 60.85
CA ALA A 93 20.17 -5.40 61.57
C ALA A 93 18.71 -5.10 61.30
N PRO A 94 18.01 -4.44 62.22
CA PRO A 94 16.62 -4.07 61.95
C PRO A 94 16.53 -3.11 60.79
N GLY A 95 15.45 -3.23 60.03
CA GLY A 95 15.21 -2.33 58.90
C GLY A 95 16.25 -2.43 57.80
N GLN A 96 16.68 -3.64 57.47
CA GLN A 96 17.63 -3.87 56.40
C GLN A 96 17.03 -4.79 55.35
N THR A 97 17.55 -4.67 54.13
CA THR A 97 17.14 -5.50 53.01
C THR A 97 18.37 -6.00 52.28
N GLY A 98 18.22 -7.13 51.62
CA GLY A 98 19.33 -7.74 50.92
C GLY A 98 19.06 -9.23 50.76
N LYS A 99 20.06 -9.93 50.24
CA LYS A 99 19.88 -11.36 50.01
C LYS A 99 19.67 -12.10 51.32
N ILE A 100 20.48 -11.79 52.33
CA ILE A 100 20.35 -12.49 53.60
C ILE A 100 19.12 -12.00 54.37
N ALA A 101 18.91 -10.68 54.43
CA ALA A 101 17.81 -10.13 55.22
C ALA A 101 16.45 -10.49 54.65
N ASP A 102 16.32 -10.58 53.33
CA ASP A 102 15.03 -10.87 52.72
C ASP A 102 14.73 -12.36 52.64
N TYR A 103 15.76 -13.20 52.48
CA TYR A 103 15.54 -14.61 52.17
C TYR A 103 16.18 -15.58 53.16
N ASN A 104 17.04 -15.13 54.07
CA ASN A 104 17.73 -16.05 54.96
C ASN A 104 17.52 -15.75 56.45
N TYR A 105 17.70 -14.51 56.88
CA TYR A 105 17.61 -14.18 58.31
C TYR A 105 17.22 -12.72 58.46
N LYS A 106 16.01 -12.47 58.96
CA LYS A 106 15.45 -11.12 59.08
C LYS A 106 15.27 -10.77 60.55
N LEU A 107 15.75 -9.59 60.94
CA LEU A 107 15.50 -9.13 62.30
C LEU A 107 14.29 -8.20 62.33
N PRO A 108 13.48 -8.28 63.39
CA PRO A 108 12.32 -7.39 63.50
C PRO A 108 12.73 -5.95 63.70
N ASP A 109 11.85 -5.03 63.28
CA ASP A 109 12.13 -3.60 63.41
C ASP A 109 12.23 -3.16 64.87
N ASP A 110 11.67 -3.93 65.80
CA ASP A 110 11.77 -3.65 67.23
C ASP A 110 12.75 -4.58 67.93
N PHE A 111 13.86 -4.91 67.26
CA PHE A 111 14.79 -5.89 67.80
C PHE A 111 15.46 -5.34 69.06
N THR A 112 15.46 -6.15 70.11
CA THR A 112 16.11 -5.82 71.38
C THR A 112 17.18 -6.87 71.63
N GLY A 113 18.41 -6.56 71.25
CA GLY A 113 19.50 -7.50 71.41
C GLY A 113 20.77 -6.97 70.78
N CYS A 114 21.76 -7.86 70.69
CA CYS A 114 23.08 -7.53 70.17
C CYS A 114 23.42 -8.45 69.01
N VAL A 115 24.16 -7.91 68.05
CA VAL A 115 24.63 -8.65 66.88
C VAL A 115 26.15 -8.73 66.98
N ILE A 116 26.68 -9.94 67.02
CA ILE A 116 28.11 -10.18 67.17
C ILE A 116 28.59 -10.96 65.94
N ALA A 117 29.71 -10.53 65.37
CA ALA A 117 30.29 -11.20 64.22
C ALA A 117 31.81 -11.12 64.31
N TRP A 118 32.48 -12.08 63.69
CA TRP A 118 33.93 -12.10 63.68
C TRP A 118 34.41 -12.88 62.47
N ASN A 119 35.59 -12.50 61.96
CA ASN A 119 36.16 -13.16 60.80
C ASN A 119 36.59 -14.58 61.14
N SER A 120 36.20 -15.53 60.30
CA SER A 120 36.49 -16.94 60.51
C SER A 120 37.08 -17.57 59.27
N ASN A 121 37.96 -16.84 58.57
CA ASN A 121 38.56 -17.35 57.35
C ASN A 121 39.50 -18.52 57.65
N ASN A 122 40.09 -18.55 58.84
CA ASN A 122 40.99 -19.64 59.22
C ASN A 122 40.25 -20.91 59.62
N LEU A 123 38.94 -20.88 59.76
CA LEU A 123 38.18 -22.05 60.14
C LEU A 123 37.20 -22.53 59.08
N ASP A 124 36.52 -21.61 58.41
CA ASP A 124 35.45 -21.94 57.49
C ASP A 124 35.85 -21.81 56.03
N SER A 125 37.13 -21.60 55.75
CA SER A 125 37.63 -21.55 54.39
C SER A 125 38.59 -22.70 54.19
N LYS A 126 38.39 -23.44 53.09
CA LYS A 126 39.22 -24.60 52.81
C LYS A 126 39.96 -24.39 51.49
N VAL A 127 41.07 -25.10 51.35
CA VAL A 127 41.86 -25.01 50.13
C VAL A 127 41.04 -25.56 48.97
N GLY A 128 40.95 -24.78 47.90
CA GLY A 128 40.11 -25.15 46.78
C GLY A 128 38.67 -24.75 46.92
N GLY A 129 38.28 -24.16 48.05
CA GLY A 129 36.91 -23.74 48.27
C GLY A 129 36.12 -24.62 49.22
N ASN A 130 35.55 -24.02 50.26
CA ASN A 130 34.67 -24.74 51.18
C ASN A 130 33.23 -24.58 50.71
N TYR A 131 32.66 -25.66 50.20
CA TYR A 131 31.31 -25.65 49.64
C TYR A 131 30.28 -26.26 50.58
N ASN A 132 30.54 -26.21 51.88
CA ASN A 132 29.60 -26.72 52.87
C ASN A 132 28.63 -25.67 53.38
N TYR A 133 28.94 -24.38 53.23
CA TYR A 133 28.05 -23.32 53.66
C TYR A 133 27.17 -22.87 52.51
N LEU A 134 25.87 -22.71 52.80
CA LEU A 134 24.89 -22.42 51.76
C LEU A 134 24.08 -21.18 52.16
N TYR A 135 23.41 -20.61 51.16
CA TYR A 135 22.48 -19.52 51.41
C TYR A 135 21.34 -19.64 50.40
N ARG A 136 20.19 -19.10 50.76
CA ARG A 136 19.02 -19.16 49.90
C ARG A 136 19.08 -18.06 48.84
N LEU A 137 18.94 -18.45 47.58
CA LEU A 137 19.08 -17.47 46.50
C LEU A 137 17.88 -16.55 46.42
N PHE A 138 16.68 -17.11 46.47
CA PHE A 138 15.46 -16.33 46.29
C PHE A 138 14.32 -17.02 47.01
N ARG A 139 13.28 -16.24 47.31
CA ARG A 139 12.08 -16.76 47.95
C ARG A 139 10.87 -16.02 47.41
N LYS A 140 9.75 -16.73 47.31
CA LYS A 140 8.53 -16.13 46.77
C LYS A 140 8.13 -14.91 47.58
N SER A 141 8.16 -15.02 48.89
CA SER A 141 7.87 -13.92 49.80
C SER A 141 9.05 -13.76 50.75
N ASN A 142 9.29 -12.52 51.19
CA ASN A 142 10.38 -12.28 52.13
C ASN A 142 10.10 -12.95 53.47
N LEU A 143 11.18 -13.31 54.16
CA LEU A 143 11.06 -13.97 55.45
C LEU A 143 10.50 -13.03 56.50
N LYS A 144 9.58 -13.56 57.31
CA LYS A 144 9.14 -12.86 58.50
C LYS A 144 10.28 -12.84 59.52
N PRO A 145 10.25 -11.90 60.47
CA PRO A 145 11.32 -11.86 61.48
C PRO A 145 11.43 -13.19 62.21
N PHE A 146 12.68 -13.65 62.40
CA PHE A 146 12.97 -14.90 63.09
C PHE A 146 12.24 -16.09 62.46
N GLU A 147 12.27 -16.16 61.13
CA GLU A 147 11.67 -17.26 60.38
C GLU A 147 12.77 -18.06 59.70
N ARG A 148 12.70 -19.38 59.83
CA ARG A 148 13.68 -20.29 59.26
C ARG A 148 13.04 -21.03 58.09
N ASP A 149 13.75 -21.10 56.97
CA ASP A 149 13.27 -21.79 55.77
C ASP A 149 14.35 -22.76 55.33
N ILE A 150 14.13 -24.04 55.60
CA ILE A 150 15.07 -25.09 55.23
C ILE A 150 14.54 -25.92 54.07
N SER A 151 13.52 -25.43 53.38
CA SER A 151 12.95 -26.16 52.26
C SER A 151 13.91 -26.15 51.07
N THR A 152 14.05 -27.30 50.42
CA THR A 152 14.88 -27.43 49.23
C THR A 152 14.05 -27.76 47.99
N GLU A 153 12.78 -27.38 47.98
CA GLU A 153 11.94 -27.58 46.81
C GLU A 153 12.43 -26.70 45.66
N ILE A 154 12.31 -27.22 44.44
CA ILE A 154 12.78 -26.48 43.27
C ILE A 154 11.82 -25.32 43.01
N TYR A 155 12.37 -24.11 42.91
CA TYR A 155 11.56 -22.93 42.66
C TYR A 155 10.98 -22.98 41.25
N GLN A 156 9.69 -22.69 41.16
CA GLN A 156 9.00 -22.67 39.88
C GLN A 156 8.89 -21.22 39.42
N ALA A 157 9.81 -20.82 38.53
CA ALA A 157 9.78 -19.46 37.99
C ALA A 157 8.68 -19.29 36.96
N GLY A 158 8.41 -20.32 36.16
CA GLY A 158 7.44 -20.25 35.10
C GLY A 158 6.12 -20.91 35.44
N SER A 159 5.24 -20.93 34.44
CA SER A 159 3.95 -21.60 34.59
C SER A 159 4.08 -23.12 34.51
N THR A 160 5.02 -23.61 33.70
CA THR A 160 5.19 -25.05 33.55
C THR A 160 5.68 -25.65 34.86
N PRO A 161 5.04 -26.71 35.35
CA PRO A 161 5.46 -27.30 36.63
C PRO A 161 6.83 -27.94 36.54
N CYS A 162 7.46 -28.07 37.70
CA CYS A 162 8.82 -28.58 37.77
C CYS A 162 8.90 -30.06 38.11
N ASN A 163 7.96 -30.57 38.91
CA ASN A 163 7.96 -31.97 39.33
C ASN A 163 9.30 -32.34 39.97
N GLY A 164 9.85 -31.43 40.77
CA GLY A 164 11.05 -31.68 41.55
C GLY A 164 12.28 -32.01 40.75
N VAL A 165 12.41 -31.48 39.53
CA VAL A 165 13.56 -31.73 38.67
C VAL A 165 14.11 -30.40 38.18
N GLU A 166 15.43 -30.20 38.35
CA GLU A 166 16.06 -29.01 37.84
C GLU A 166 16.07 -29.02 36.31
N GLY A 167 15.84 -27.86 35.72
CA GLY A 167 15.77 -27.75 34.27
C GLY A 167 15.28 -26.38 33.87
N PHE A 168 14.58 -26.35 32.74
CA PHE A 168 14.06 -25.08 32.24
C PHE A 168 13.04 -24.50 33.20
N ASN A 169 13.27 -23.25 33.62
CA ASN A 169 12.40 -22.55 34.56
C ASN A 169 12.23 -23.30 35.87
N CYS A 170 13.20 -24.14 36.21
CA CYS A 170 13.13 -24.96 37.44
C CYS A 170 14.54 -24.99 38.03
N TYR A 171 14.75 -24.18 39.07
CA TYR A 171 16.07 -23.93 39.61
C TYR A 171 16.14 -24.36 41.07
N PHE A 172 17.29 -24.90 41.47
CA PHE A 172 17.52 -25.24 42.87
C PHE A 172 17.62 -23.95 43.70
N PRO A 173 16.93 -23.87 44.85
CA PRO A 173 16.88 -22.60 45.58
C PRO A 173 18.12 -22.26 46.38
N LEU A 174 19.05 -23.19 46.58
CA LEU A 174 20.20 -22.95 47.44
C LEU A 174 21.48 -22.93 46.62
N GLN A 175 22.40 -22.04 47.02
CA GLN A 175 23.71 -21.91 46.40
C GLN A 175 24.76 -21.96 47.50
N SER A 176 25.95 -22.42 47.12
CA SER A 176 27.05 -22.59 48.05
C SER A 176 27.99 -21.39 47.97
N TYR A 177 28.64 -21.08 49.10
CA TYR A 177 29.66 -20.04 49.14
C TYR A 177 30.98 -20.58 48.59
N GLY A 178 31.66 -19.77 47.80
CA GLY A 178 32.97 -20.14 47.30
C GLY A 178 34.07 -19.65 48.23
N PHE A 179 34.04 -20.09 49.48
CA PHE A 179 34.96 -19.59 50.50
C PHE A 179 36.36 -20.11 50.21
N GLN A 180 37.18 -19.25 49.62
CA GLN A 180 38.57 -19.57 49.37
C GLN A 180 39.47 -18.66 50.21
N PRO A 181 40.60 -19.18 50.68
CA PRO A 181 41.48 -18.36 51.53
C PRO A 181 42.02 -17.13 50.84
N THR A 182 42.02 -17.09 49.51
CA THR A 182 42.55 -15.97 48.76
C THR A 182 41.51 -14.89 48.47
N ASN A 183 40.26 -15.07 48.91
CA ASN A 183 39.24 -14.07 48.65
C ASN A 183 39.51 -12.79 49.43
N GLY A 184 38.92 -11.70 48.96
CA GLY A 184 38.98 -10.45 49.69
C GLY A 184 38.18 -10.52 50.97
N VAL A 185 38.43 -9.54 51.84
CA VAL A 185 37.82 -9.56 53.17
C VAL A 185 36.30 -9.56 53.08
N GLY A 186 35.75 -8.86 52.09
CA GLY A 186 34.30 -8.82 51.96
C GLY A 186 33.69 -10.13 51.54
N TYR A 187 34.50 -11.06 51.02
CA TYR A 187 34.01 -12.36 50.58
C TYR A 187 34.49 -13.50 51.48
N GLN A 188 35.08 -13.17 52.61
CA GLN A 188 35.57 -14.19 53.52
C GLN A 188 34.45 -14.62 54.47
N PRO A 189 34.51 -15.84 55.00
CA PRO A 189 33.46 -16.28 55.92
C PRO A 189 33.52 -15.53 57.23
N TYR A 190 32.35 -15.16 57.74
CA TYR A 190 32.22 -14.47 59.01
C TYR A 190 31.18 -15.18 59.85
N ARG A 191 31.57 -15.59 61.06
CA ARG A 191 30.65 -16.23 61.98
C ARG A 191 29.87 -15.16 62.73
N VAL A 192 28.55 -15.33 62.79
CA VAL A 192 27.64 -14.35 63.37
C VAL A 192 26.87 -15.01 64.51
N VAL A 193 26.73 -14.29 65.62
CA VAL A 193 25.90 -14.71 66.74
C VAL A 193 24.95 -13.58 67.08
N VAL A 194 23.65 -13.85 67.06
CA VAL A 194 22.62 -12.87 67.36
C VAL A 194 22.01 -13.23 68.70
N LEU A 195 22.24 -12.39 69.70
CA LEU A 195 21.65 -12.58 71.01
C LEU A 195 20.34 -11.81 71.09
N SER A 196 19.24 -12.52 71.25
CA SER A 196 17.93 -11.92 71.44
C SER A 196 17.52 -12.09 72.89
N PHE A 197 17.06 -11.01 73.51
CA PHE A 197 16.68 -11.00 74.91
C PHE A 197 15.15 -10.92 75.01
N GLU A 198 14.56 -11.91 75.68
CA GLU A 198 13.11 -12.06 75.70
C GLU A 198 12.54 -11.47 76.99
N LEU A 199 11.60 -10.55 76.83
CA LEU A 199 10.94 -9.88 77.96
C LEU A 199 9.62 -10.56 78.30
N LEU A 200 9.64 -11.88 78.42
CA LEU A 200 8.42 -12.64 78.64
C LEU A 200 7.93 -12.49 80.08
N HIS A 201 6.61 -12.65 80.26
CA HIS A 201 5.96 -12.54 81.56
C HIS A 201 6.15 -13.82 82.38
N ALA A 202 7.40 -14.09 82.72
CA ALA A 202 7.78 -15.28 83.46
C ALA A 202 8.96 -14.93 84.35
N PRO A 203 9.20 -15.72 85.41
CA PRO A 203 10.36 -15.46 86.25
C PRO A 203 11.66 -15.50 85.45
N ALA A 204 12.55 -14.57 85.76
CA ALA A 204 13.80 -14.44 85.01
C ALA A 204 14.75 -15.58 85.36
N THR A 205 15.10 -16.39 84.35
CA THR A 205 16.02 -17.51 84.52
C THR A 205 17.46 -17.17 84.22
N VAL A 206 17.73 -16.02 83.60
CA VAL A 206 19.08 -15.57 83.32
C VAL A 206 19.19 -14.10 83.70
N CYS A 207 20.20 -13.77 84.50
CA CYS A 207 20.44 -12.41 84.95
C CYS A 207 21.95 -12.14 84.86
N GLY A 208 22.33 -10.90 85.16
CA GLY A 208 23.72 -10.55 85.24
C GLY A 208 24.21 -10.60 86.68
N PRO A 209 25.49 -10.27 86.90
CA PRO A 209 26.03 -10.29 88.27
C PRO A 209 25.64 -9.05 89.08
N LYS A 210 24.34 -8.82 89.18
CA LYS A 210 23.82 -7.65 89.89
C LYS A 210 23.55 -7.96 91.35
N GLN B 1 12.16 4.11 26.78
CA GLN B 1 12.25 3.81 28.21
C GLN B 1 13.53 3.02 28.49
N VAL B 2 13.38 1.76 28.90
CA VAL B 2 14.53 0.88 29.14
C VAL B 2 14.98 0.30 27.81
N GLN B 3 16.28 0.14 27.64
CA GLN B 3 16.80 -0.39 26.40
C GLN B 3 17.96 -1.33 26.69
N LEU B 4 18.16 -2.29 25.80
CA LEU B 4 19.19 -3.31 25.93
C LEU B 4 20.31 -2.98 24.96
N VAL B 5 21.51 -2.76 25.48
CA VAL B 5 22.65 -2.37 24.67
C VAL B 5 23.59 -3.57 24.58
N GLN B 6 23.91 -3.95 23.35
CA GLN B 6 24.74 -5.11 23.08
C GLN B 6 26.12 -4.69 22.62
N SER B 7 27.06 -5.63 22.67
CA SER B 7 28.42 -5.35 22.25
C SER B 7 28.46 -5.08 20.74
N GLY B 8 29.58 -4.53 20.30
CA GLY B 8 29.73 -4.23 18.89
C GLY B 8 29.88 -5.48 18.05
N ALA B 9 29.71 -5.30 16.76
CA ALA B 9 29.86 -6.40 15.81
C ALA B 9 31.31 -6.87 15.80
N GLU B 10 31.49 -8.17 15.55
CA GLU B 10 32.82 -8.76 15.55
C GLU B 10 33.00 -9.65 14.33
N VAL B 11 34.26 -9.84 13.94
CA VAL B 11 34.65 -10.76 12.89
C VAL B 11 35.58 -11.79 13.50
N LYS B 12 35.28 -13.07 13.27
CA LYS B 12 36.05 -14.15 13.87
C LYS B 12 36.42 -15.18 12.80
N LYS B 13 37.66 -15.67 12.87
CA LYS B 13 38.11 -16.73 12.00
C LYS B 13 37.44 -18.05 12.37
N PRO B 14 37.12 -18.90 11.39
CA PRO B 14 36.41 -20.15 11.70
C PRO B 14 37.20 -21.02 12.66
N GLY B 15 36.50 -21.65 13.58
CA GLY B 15 37.12 -22.45 14.61
C GLY B 15 37.46 -21.71 15.88
N SER B 16 37.28 -20.39 15.92
CA SER B 16 37.60 -19.59 17.10
C SER B 16 36.36 -19.44 17.99
N SER B 17 36.44 -18.53 18.96
CA SER B 17 35.35 -18.30 19.92
C SER B 17 35.01 -16.82 19.97
N VAL B 18 33.74 -16.53 20.22
CA VAL B 18 33.24 -15.17 20.32
C VAL B 18 32.40 -15.05 21.59
N LYS B 19 32.50 -13.90 22.26
CA LYS B 19 31.71 -13.60 23.44
C LYS B 19 31.01 -12.27 23.21
N VAL B 20 29.68 -12.27 23.35
CA VAL B 20 28.85 -11.10 23.09
C VAL B 20 28.22 -10.65 24.39
N SER B 21 28.21 -9.35 24.63
CA SER B 21 27.63 -8.81 25.85
C SER B 21 26.27 -8.21 25.58
N CYS B 22 25.51 -8.03 26.66
CA CYS B 22 24.19 -7.40 26.60
C CYS B 22 23.96 -6.77 27.96
N LYS B 23 24.08 -5.45 28.01
CA LYS B 23 23.91 -4.71 29.26
C LYS B 23 22.51 -4.13 29.28
N ALA B 24 21.81 -4.32 30.38
CA ALA B 24 20.49 -3.76 30.55
C ALA B 24 20.63 -2.44 31.27
N SER B 25 20.24 -1.36 30.61
CA SER B 25 20.37 -0.03 31.18
C SER B 25 18.95 0.37 31.55
N GLY B 26 18.65 0.31 32.84
CA GLY B 26 17.35 0.65 33.36
C GLY B 26 16.71 -0.56 34.01
N GLY B 27 16.18 -0.34 35.20
CA GLY B 27 15.41 -1.34 35.92
C GLY B 27 16.22 -2.46 36.54
N THR B 28 15.49 -3.34 37.22
CA THR B 28 16.06 -4.53 37.81
C THR B 28 16.55 -5.48 36.72
N PHE B 29 17.51 -6.31 37.08
CA PHE B 29 18.13 -7.20 36.11
C PHE B 29 18.11 -8.66 36.53
N ASN B 30 18.33 -8.96 37.80
CA ASN B 30 18.49 -10.34 38.25
C ASN B 30 17.19 -11.12 38.14
N ARG B 31 16.06 -10.48 38.37
CA ARG B 31 14.78 -11.18 38.45
C ARG B 31 14.16 -11.44 37.07
N TYR B 32 14.75 -10.91 36.01
CA TYR B 32 14.24 -11.17 34.67
C TYR B 32 14.88 -12.41 34.07
N ALA B 33 14.36 -12.82 32.91
CA ALA B 33 14.93 -13.91 32.13
C ALA B 33 15.48 -13.32 30.85
N PHE B 34 16.77 -13.50 30.62
CA PHE B 34 17.45 -12.97 29.43
C PHE B 34 17.79 -14.13 28.52
N SER B 35 17.36 -14.04 27.26
CA SER B 35 17.61 -15.07 26.26
C SER B 35 18.47 -14.52 25.14
N TRP B 36 19.07 -15.43 24.39
CA TRP B 36 19.84 -15.10 23.20
C TRP B 36 19.19 -15.74 21.98
N VAL B 37 18.71 -14.91 21.07
CA VAL B 37 18.03 -15.37 19.86
C VAL B 37 18.90 -15.01 18.67
N ARG B 38 19.18 -16.00 17.83
CA ARG B 38 20.03 -15.87 16.67
C ARG B 38 19.20 -15.78 15.40
N GLN B 39 19.66 -14.99 14.43
CA GLN B 39 18.99 -14.89 13.14
C GLN B 39 20.03 -14.84 12.04
N ALA B 40 20.18 -15.95 11.30
CA ALA B 40 21.07 -15.97 10.16
C ALA B 40 20.54 -15.04 9.07
N PRO B 41 21.41 -14.49 8.24
CA PRO B 41 20.95 -13.53 7.23
C PRO B 41 19.90 -14.15 6.31
N GLY B 42 18.74 -13.51 6.26
CA GLY B 42 17.63 -13.97 5.46
C GLY B 42 16.83 -15.12 6.04
N GLN B 43 17.16 -15.57 7.24
CA GLN B 43 16.51 -16.71 7.86
C GLN B 43 15.66 -16.26 9.04
N GLY B 44 15.02 -17.23 9.70
CA GLY B 44 14.15 -16.95 10.83
C GLY B 44 14.90 -16.89 12.14
N LEU B 45 14.13 -16.74 13.22
CA LEU B 45 14.66 -16.61 14.57
C LEU B 45 14.92 -17.98 15.19
N GLU B 46 15.99 -18.07 15.97
CA GLU B 46 16.45 -19.33 16.54
C GLU B 46 16.86 -19.08 17.99
N TRP B 47 16.19 -19.75 18.92
CA TRP B 47 16.49 -19.59 20.33
C TRP B 47 17.70 -20.43 20.70
N MET B 48 18.70 -19.81 21.31
CA MET B 48 19.91 -20.50 21.71
C MET B 48 19.93 -20.89 23.17
N GLY B 49 19.38 -20.04 24.02
CA GLY B 49 19.39 -20.30 25.45
C GLY B 49 19.09 -19.03 26.20
N GLY B 50 18.98 -19.19 27.52
CA GLY B 50 18.68 -18.06 28.38
C GLY B 50 19.12 -18.35 29.79
N ILE B 51 18.96 -17.34 30.64
CA ILE B 51 19.35 -17.47 32.04
C ILE B 51 18.54 -16.47 32.85
N ILE B 52 18.15 -16.88 34.05
CA ILE B 52 17.63 -15.96 35.07
C ILE B 52 18.78 -15.69 36.03
N PRO B 53 19.36 -14.49 36.02
CA PRO B 53 20.68 -14.30 36.66
C PRO B 53 20.71 -14.62 38.13
N ILE B 54 19.62 -14.41 38.87
CA ILE B 54 19.65 -14.59 40.31
C ILE B 54 19.88 -16.05 40.67
N PHE B 55 19.44 -16.97 39.81
CA PHE B 55 19.66 -18.39 40.05
C PHE B 55 20.94 -18.91 39.44
N GLY B 56 21.58 -18.17 38.54
CA GLY B 56 22.88 -18.54 38.02
C GLY B 56 22.88 -19.68 37.03
N THR B 57 21.84 -20.50 37.02
CA THR B 57 21.76 -21.65 36.12
C THR B 57 21.11 -21.23 34.80
N ALA B 58 21.79 -21.53 33.70
CA ALA B 58 21.31 -21.20 32.36
C ALA B 58 20.68 -22.42 31.72
N ASN B 59 19.78 -22.17 30.77
CA ASN B 59 19.14 -23.24 30.02
C ASN B 59 19.43 -23.03 28.54
N TYR B 60 20.03 -24.04 27.90
CA TYR B 60 20.42 -23.95 26.51
C TYR B 60 19.53 -24.84 25.66
N ALA B 61 19.54 -24.56 24.36
CA ALA B 61 18.99 -25.51 23.40
C ALA B 61 19.97 -26.66 23.20
N GLN B 62 19.42 -27.86 22.99
CA GLN B 62 20.27 -29.04 22.88
C GLN B 62 21.18 -28.97 21.66
N LYS B 63 20.77 -28.24 20.62
CA LYS B 63 21.57 -28.20 19.40
C LYS B 63 22.92 -27.56 19.64
N PHE B 64 22.96 -26.46 20.38
CA PHE B 64 24.21 -25.74 20.61
C PHE B 64 24.93 -26.19 21.87
N GLN B 65 24.38 -27.16 22.61
CA GLN B 65 24.98 -27.54 23.87
C GLN B 65 26.40 -28.06 23.62
N GLY B 66 27.34 -27.59 24.43
CA GLY B 66 28.74 -27.88 24.24
C GLY B 66 29.51 -26.82 23.48
N ARG B 67 28.80 -25.97 22.74
CA ARG B 67 29.41 -24.88 22.00
C ARG B 67 29.08 -23.50 22.55
N VAL B 68 27.93 -23.34 23.21
CA VAL B 68 27.47 -22.05 23.71
C VAL B 68 27.51 -22.06 25.23
N THR B 69 27.89 -20.92 25.82
CA THR B 69 27.93 -20.74 27.27
C THR B 69 27.31 -19.39 27.59
N ILE B 70 26.20 -19.42 28.33
CA ILE B 70 25.46 -18.22 28.69
C ILE B 70 25.64 -17.96 30.18
N THR B 71 26.14 -16.79 30.53
CA THR B 71 26.37 -16.39 31.90
C THR B 71 25.84 -14.98 32.11
N ALA B 72 25.83 -14.55 33.38
CA ALA B 72 25.38 -13.20 33.72
C ALA B 72 26.15 -12.72 34.93
N ASP B 73 26.39 -11.40 34.96
CA ASP B 73 27.09 -10.73 36.06
C ASP B 73 26.07 -9.90 36.82
N GLU B 74 25.63 -10.42 37.97
CA GLU B 74 24.53 -9.79 38.70
C GLU B 74 24.93 -8.39 39.20
N SER B 75 26.22 -8.16 39.41
CA SER B 75 26.69 -6.88 39.93
C SER B 75 26.75 -5.77 38.87
N THR B 76 26.76 -6.12 37.57
CA THR B 76 26.84 -5.12 36.52
C THR B 76 25.64 -5.12 35.58
N SER B 77 24.62 -5.93 35.84
CA SER B 77 23.42 -6.01 34.99
C SER B 77 23.78 -6.30 33.54
N THR B 78 24.70 -7.25 33.34
CA THR B 78 25.16 -7.62 32.01
C THR B 78 25.01 -9.13 31.84
N ALA B 79 24.46 -9.53 30.69
CA ALA B 79 24.32 -10.93 30.32
C ALA B 79 25.26 -11.24 29.16
N TYR B 80 25.95 -12.38 29.25
CA TYR B 80 26.96 -12.75 28.27
C TYR B 80 26.56 -14.03 27.53
N MET B 81 26.99 -14.12 26.27
CA MET B 81 26.84 -15.33 25.48
C MET B 81 28.17 -15.59 24.79
N GLU B 82 28.75 -16.76 25.02
CA GLU B 82 30.02 -17.15 24.43
C GLU B 82 29.78 -18.39 23.60
N LEU B 83 30.04 -18.29 22.30
CA LEU B 83 29.85 -19.39 21.36
C LEU B 83 31.23 -19.79 20.85
N SER B 84 31.67 -20.99 21.22
CA SER B 84 32.97 -21.49 20.85
C SER B 84 32.87 -22.43 19.65
N SER B 85 34.04 -22.74 19.08
CA SER B 85 34.15 -23.62 17.91
C SER B 85 33.28 -23.10 16.76
N LEU B 86 33.51 -21.84 16.42
CA LEU B 86 32.69 -21.12 15.45
C LEU B 86 32.83 -21.71 14.05
N ARG B 87 31.71 -21.73 13.33
CA ARG B 87 31.64 -22.28 11.98
C ARG B 87 31.10 -21.20 11.05
N SER B 88 31.12 -21.51 9.74
CA SER B 88 30.63 -20.55 8.77
C SER B 88 29.14 -20.29 8.95
N GLU B 89 28.37 -21.35 9.23
CA GLU B 89 26.92 -21.22 9.40
C GLU B 89 26.55 -20.36 10.60
N ASP B 90 27.46 -20.19 11.55
CA ASP B 90 27.16 -19.40 12.73
C ASP B 90 27.10 -17.90 12.43
N THR B 91 27.45 -17.49 11.21
CA THR B 91 27.37 -16.09 10.83
C THR B 91 25.93 -15.62 10.87
N ALA B 92 25.61 -14.73 11.80
CA ALA B 92 24.23 -14.29 12.01
C ALA B 92 24.23 -13.05 12.86
N VAL B 93 23.03 -12.55 13.13
CA VAL B 93 22.80 -11.48 14.09
C VAL B 93 22.33 -12.12 15.38
N TYR B 94 22.94 -11.73 16.49
CA TYR B 94 22.65 -12.29 17.80
C TYR B 94 21.88 -11.26 18.60
N TYR B 95 20.62 -11.54 18.88
CA TYR B 95 19.77 -10.65 19.64
C TYR B 95 19.74 -11.06 21.11
N CYS B 96 19.53 -10.06 21.96
CA CYS B 96 19.36 -10.23 23.38
C CYS B 96 17.95 -9.81 23.76
N ALA B 97 17.22 -10.69 24.45
CA ALA B 97 15.81 -10.44 24.74
C ALA B 97 15.53 -10.64 26.22
N ARG B 98 14.61 -9.82 26.74
CA ARG B 98 14.23 -9.85 28.15
C ARG B 98 12.77 -10.26 28.29
N SER B 99 12.48 -11.07 29.30
CA SER B 99 11.12 -11.52 29.55
C SER B 99 10.25 -10.37 30.03
N THR B 100 8.94 -10.53 29.87
CA THR B 100 8.03 -9.46 30.24
C THR B 100 7.83 -9.36 31.75
N ARG B 101 8.04 -10.46 32.47
CA ARG B 101 7.79 -10.50 33.90
C ARG B 101 9.09 -10.70 34.68
N GLU B 102 9.04 -10.30 35.95
CA GLU B 102 10.15 -10.48 36.88
C GLU B 102 9.92 -11.72 37.73
N LEU B 103 10.97 -12.12 38.44
CA LEU B 103 10.95 -13.39 39.16
C LEU B 103 9.85 -13.53 40.20
N PRO B 104 9.52 -12.53 41.03
CA PRO B 104 8.41 -12.74 41.98
C PRO B 104 7.11 -13.12 41.29
N GLU B 105 6.85 -12.58 40.10
CA GLU B 105 5.71 -12.97 39.29
C GLU B 105 6.08 -14.24 38.52
N VAL B 106 5.25 -14.65 37.57
CA VAL B 106 5.50 -15.86 36.79
C VAL B 106 6.29 -15.46 35.55
N VAL B 107 7.50 -16.00 35.40
CA VAL B 107 8.37 -15.64 34.30
C VAL B 107 8.14 -16.66 33.18
N ASP B 108 7.31 -16.28 32.22
CA ASP B 108 7.15 -17.04 30.99
C ASP B 108 7.99 -16.38 29.90
N TRP B 109 8.67 -17.21 29.11
CA TRP B 109 9.74 -16.72 28.25
C TRP B 109 9.22 -16.26 26.88
N TYR B 110 8.37 -15.24 26.93
CA TYR B 110 8.05 -14.43 25.76
C TYR B 110 8.56 -13.02 26.02
N PHE B 111 9.16 -12.42 24.99
CA PHE B 111 10.06 -11.28 25.17
C PHE B 111 9.48 -10.01 24.56
N ASP B 112 9.41 -8.95 25.37
CA ASP B 112 8.88 -7.66 24.94
C ASP B 112 9.97 -6.65 24.64
N LEU B 113 11.15 -6.81 25.23
CA LEU B 113 12.26 -5.89 25.04
C LEU B 113 13.39 -6.61 24.34
N TRP B 114 13.96 -5.97 23.32
CA TRP B 114 14.99 -6.57 22.49
C TRP B 114 16.15 -5.60 22.35
N GLY B 115 17.32 -6.17 22.08
CA GLY B 115 18.47 -5.36 21.75
C GLY B 115 18.59 -5.18 20.25
N ARG B 116 19.32 -4.14 19.84
CA ARG B 116 19.42 -3.85 18.41
C ARG B 116 20.21 -4.91 17.65
N GLY B 117 20.92 -5.78 18.35
CA GLY B 117 21.56 -6.88 17.67
C GLY B 117 23.07 -6.73 17.63
N THR B 118 23.76 -7.87 17.62
CA THR B 118 25.21 -7.92 17.45
C THR B 118 25.50 -8.86 16.30
N LEU B 119 26.19 -8.36 15.28
CA LEU B 119 26.51 -9.15 14.10
C LEU B 119 27.83 -9.86 14.29
N VAL B 120 27.82 -11.19 14.18
CA VAL B 120 29.03 -11.99 14.24
C VAL B 120 29.22 -12.62 12.86
N THR B 121 30.31 -12.27 12.18
CA THR B 121 30.62 -12.78 10.86
C THR B 121 31.80 -13.74 10.95
N VAL B 122 31.61 -14.96 10.46
CA VAL B 122 32.63 -16.01 10.53
C VAL B 122 33.06 -16.34 9.10
N SER B 123 34.28 -15.93 8.75
CA SER B 123 34.77 -16.18 7.40
C SER B 123 36.29 -16.20 7.43
N SER B 124 36.86 -16.87 6.43
CA SER B 124 38.31 -16.92 6.29
C SER B 124 38.88 -15.62 5.75
N ALA B 125 38.03 -14.74 5.22
CA ALA B 125 38.51 -13.49 4.70
C ALA B 125 38.89 -12.56 5.85
N SER B 126 39.78 -11.62 5.56
CA SER B 126 40.15 -10.55 6.47
C SER B 126 39.49 -9.27 5.96
N THR B 127 39.35 -8.28 6.85
CA THR B 127 38.58 -7.10 6.50
C THR B 127 39.18 -6.40 5.29
N LYS B 128 38.33 -5.99 4.35
CA LYS B 128 38.77 -5.33 3.14
C LYS B 128 37.85 -4.17 2.77
N GLY B 129 38.45 -3.04 2.42
CA GLY B 129 37.72 -1.89 1.96
C GLY B 129 37.13 -2.12 0.58
N PRO B 130 35.98 -1.52 0.32
CA PRO B 130 35.32 -1.70 -0.98
C PRO B 130 35.99 -0.92 -2.10
N SER B 131 35.74 -1.39 -3.32
CA SER B 131 36.06 -0.67 -4.54
C SER B 131 34.76 -0.12 -5.11
N VAL B 132 34.75 1.18 -5.41
CA VAL B 132 33.57 1.84 -5.93
C VAL B 132 33.82 2.20 -7.38
N PHE B 133 33.05 1.57 -8.28
CA PHE B 133 33.12 1.81 -9.71
C PHE B 133 31.81 2.45 -10.17
N PRO B 134 31.85 3.36 -11.14
CA PRO B 134 30.63 4.03 -11.57
C PRO B 134 29.84 3.22 -12.59
N LEU B 135 28.52 3.23 -12.42
CA LEU B 135 27.60 2.67 -13.42
C LEU B 135 27.05 3.85 -14.21
N ALA B 136 27.77 4.23 -15.25
CA ALA B 136 27.47 5.47 -15.96
C ALA B 136 26.16 5.35 -16.73
N PRO B 137 25.27 6.34 -16.66
CA PRO B 137 24.06 6.32 -17.47
C PRO B 137 24.40 6.59 -18.93
N SER B 138 23.60 6.00 -19.81
CA SER B 138 23.80 6.15 -21.25
C SER B 138 22.43 6.13 -21.92
N SER B 139 22.43 6.04 -23.25
CA SER B 139 21.18 5.86 -23.97
C SER B 139 20.55 4.52 -23.70
N LYS B 140 21.31 3.57 -23.16
CA LYS B 140 20.79 2.27 -22.76
C LYS B 140 20.24 2.27 -21.34
N SER B 141 20.36 3.39 -20.61
CA SER B 141 19.76 3.54 -19.29
C SER B 141 18.72 4.66 -19.25
N THR B 142 18.09 4.98 -20.40
CA THR B 142 17.14 6.10 -20.49
C THR B 142 15.84 5.64 -21.15
N SER B 143 14.98 4.96 -20.38
CA SER B 143 13.64 4.61 -20.83
C SER B 143 12.74 5.84 -20.77
N GLY B 144 12.42 6.41 -21.93
CA GLY B 144 11.37 7.42 -21.99
C GLY B 144 11.62 8.69 -21.19
N GLY B 145 12.85 9.22 -21.24
CA GLY B 145 13.18 10.49 -20.65
C GLY B 145 13.71 10.44 -19.23
N THR B 146 13.63 9.31 -18.55
CA THR B 146 14.24 9.13 -17.24
C THR B 146 15.49 8.28 -17.38
N ALA B 147 16.58 8.74 -16.77
CA ALA B 147 17.85 8.02 -16.83
C ALA B 147 18.11 7.28 -15.53
N ALA B 148 18.75 6.13 -15.63
CA ALA B 148 19.14 5.35 -14.47
C ALA B 148 20.66 5.34 -14.36
N LEU B 149 21.15 5.47 -13.14
CA LEU B 149 22.58 5.48 -12.90
C LEU B 149 22.84 5.04 -11.48
N GLY B 150 24.06 4.61 -11.21
CA GLY B 150 24.40 4.20 -9.87
C GLY B 150 25.89 3.95 -9.77
N CYS B 151 26.29 3.37 -8.65
CA CYS B 151 27.67 2.91 -8.50
C CYS B 151 27.66 1.51 -7.89
N LEU B 152 28.68 0.75 -8.25
CA LEU B 152 28.85 -0.63 -7.82
C LEU B 152 29.89 -0.68 -6.72
N VAL B 153 29.48 -1.18 -5.55
CA VAL B 153 30.36 -1.35 -4.40
C VAL B 153 30.79 -2.80 -4.36
N LYS B 154 32.04 -3.08 -4.70
CA LYS B 154 32.48 -4.44 -4.93
C LYS B 154 33.61 -4.83 -3.99
N ASP B 155 33.63 -6.11 -3.62
CA ASP B 155 34.76 -6.76 -2.93
C ASP B 155 35.07 -6.06 -1.61
N TYR B 156 34.12 -6.15 -0.68
CA TYR B 156 34.35 -5.63 0.66
C TYR B 156 33.95 -6.68 1.68
N PHE B 157 34.55 -6.58 2.86
CA PHE B 157 34.29 -7.50 3.96
C PHE B 157 34.69 -6.83 5.26
N PRO B 158 33.88 -6.93 6.33
CA PRO B 158 32.57 -7.58 6.34
C PRO B 158 31.45 -6.60 6.06
N GLU B 159 30.22 -7.03 6.34
CA GLU B 159 29.10 -6.11 6.32
C GLU B 159 29.20 -5.16 7.52
N PRO B 160 28.53 -4.00 7.46
CA PRO B 160 27.81 -3.46 6.31
C PRO B 160 28.48 -2.24 5.69
N VAL B 161 27.89 -1.72 4.63
CA VAL B 161 28.31 -0.47 4.01
C VAL B 161 27.11 0.44 3.87
N THR B 162 27.29 1.72 4.19
CA THR B 162 26.27 2.74 4.03
C THR B 162 26.55 3.54 2.77
N VAL B 163 25.54 3.66 1.91
CA VAL B 163 25.67 4.39 0.66
C VAL B 163 24.61 5.47 0.64
N SER B 164 25.03 6.73 0.57
CA SER B 164 24.14 7.85 0.34
C SER B 164 24.56 8.55 -0.95
N TRP B 165 23.70 9.45 -1.43
CA TRP B 165 23.96 10.19 -2.66
C TRP B 165 24.03 11.69 -2.38
N ASN B 166 25.06 12.34 -2.92
CA ASN B 166 25.26 13.78 -2.78
C ASN B 166 25.25 14.21 -1.31
N SER B 167 25.91 13.42 -0.47
CA SER B 167 26.01 13.69 0.97
C SER B 167 24.63 13.80 1.61
N GLY B 168 23.68 13.01 1.13
CA GLY B 168 22.33 13.00 1.67
C GLY B 168 21.37 13.99 1.05
N ALA B 169 21.82 14.80 0.09
CA ALA B 169 20.93 15.78 -0.53
C ALA B 169 19.95 15.11 -1.48
N LEU B 170 20.34 13.98 -2.08
CA LEU B 170 19.52 13.27 -3.05
C LEU B 170 19.02 11.98 -2.43
N THR B 171 17.70 11.91 -2.20
CA THR B 171 17.08 10.70 -1.66
C THR B 171 15.92 10.18 -2.50
N SER B 172 15.37 11.00 -3.41
CA SER B 172 14.23 10.58 -4.21
C SER B 172 14.68 9.68 -5.35
N GLY B 173 13.99 8.56 -5.53
CA GLY B 173 14.35 7.65 -6.60
C GLY B 173 15.61 6.85 -6.36
N VAL B 174 16.07 6.76 -5.12
CA VAL B 174 17.30 6.05 -4.80
C VAL B 174 16.95 4.62 -4.39
N HIS B 175 17.69 3.66 -4.94
CA HIS B 175 17.54 2.24 -4.62
C HIS B 175 18.91 1.67 -4.31
N THR B 176 19.14 1.32 -3.04
CA THR B 176 20.36 0.63 -2.64
C THR B 176 20.04 -0.84 -2.38
N PHE B 177 20.60 -1.73 -3.19
CA PHE B 177 20.28 -3.15 -3.10
C PHE B 177 21.00 -3.79 -1.92
N PRO B 178 20.40 -4.83 -1.34
CA PRO B 178 21.10 -5.59 -0.30
C PRO B 178 22.34 -6.26 -0.88
N ALA B 179 23.36 -6.38 -0.04
CA ALA B 179 24.61 -7.01 -0.44
C ALA B 179 24.40 -8.48 -0.77
N VAL B 180 25.27 -9.01 -1.61
CA VAL B 180 25.28 -10.43 -1.95
C VAL B 180 26.66 -10.98 -1.61
N LEU B 181 26.67 -12.13 -0.92
CA LEU B 181 27.92 -12.78 -0.54
C LEU B 181 28.48 -13.56 -1.72
N GLN B 182 29.71 -13.25 -2.12
CA GLN B 182 30.32 -13.85 -3.29
C GLN B 182 31.00 -15.17 -2.94
N SER B 183 31.53 -15.85 -3.97
CA SER B 183 32.23 -17.11 -3.74
C SER B 183 33.52 -16.90 -2.96
N SER B 184 34.24 -15.82 -3.26
CA SER B 184 35.49 -15.36 -2.64
C SER B 184 35.33 -14.88 -1.20
N GLY B 185 34.16 -15.01 -0.60
CA GLY B 185 33.94 -14.59 0.76
C GLY B 185 33.73 -13.11 0.94
N LEU B 186 33.75 -12.33 -0.14
CA LEU B 186 33.58 -10.89 -0.07
C LEU B 186 32.15 -10.50 -0.45
N TYR B 187 31.69 -9.40 0.12
CA TYR B 187 30.35 -8.90 -0.17
C TYR B 187 30.41 -7.87 -1.29
N SER B 188 29.28 -7.67 -1.95
CA SER B 188 29.15 -6.64 -2.97
C SER B 188 27.70 -6.19 -3.06
N LEU B 189 27.51 -4.92 -3.43
CA LEU B 189 26.17 -4.38 -3.60
C LEU B 189 26.23 -3.17 -4.52
N SER B 190 25.08 -2.82 -5.07
CA SER B 190 24.94 -1.70 -5.98
CA SER B 190 24.95 -1.69 -5.97
C SER B 190 23.87 -0.75 -5.47
N SER B 191 24.11 0.54 -5.61
CA SER B 191 23.13 1.56 -5.26
C SER B 191 22.85 2.34 -6.53
N VAL B 192 21.59 2.36 -6.95
CA VAL B 192 21.17 2.98 -8.20
C VAL B 192 20.14 4.06 -7.89
N VAL B 193 20.05 5.04 -8.77
CA VAL B 193 19.08 6.13 -8.64
C VAL B 193 18.60 6.50 -10.04
N THR B 194 17.32 6.80 -10.15
CA THR B 194 16.72 7.25 -11.41
C THR B 194 16.58 8.77 -11.37
N VAL B 195 17.02 9.42 -12.44
CA VAL B 195 17.03 10.88 -12.54
C VAL B 195 16.48 11.27 -13.91
N PRO B 196 16.03 12.52 -14.06
CA PRO B 196 15.64 12.99 -15.39
C PRO B 196 16.82 12.95 -16.34
N SER B 197 16.55 12.55 -17.58
CA SER B 197 17.63 12.47 -18.56
C SER B 197 18.13 13.84 -18.96
N SER B 198 17.27 14.86 -18.86
CA SER B 198 17.67 16.21 -19.25
C SER B 198 18.74 16.76 -18.31
N SER B 199 18.72 16.36 -17.04
CA SER B 199 19.61 16.92 -16.04
C SER B 199 20.96 16.21 -15.97
N LEU B 200 21.22 15.28 -16.89
CA LEU B 200 22.49 14.56 -16.89
C LEU B 200 23.66 15.50 -17.11
N GLY B 201 23.51 16.45 -18.03
CA GLY B 201 24.61 17.35 -18.32
C GLY B 201 24.76 18.52 -17.38
N THR B 202 23.84 18.70 -16.43
CA THR B 202 23.90 19.84 -15.53
C THR B 202 24.00 19.46 -14.05
N GLN B 203 23.80 18.20 -13.69
CA GLN B 203 23.83 17.79 -12.30
C GLN B 203 24.94 16.78 -12.07
N THR B 204 25.52 16.86 -10.87
CA THR B 204 26.57 15.94 -10.45
C THR B 204 25.95 14.93 -9.50
N TYR B 205 26.42 13.69 -9.59
CA TYR B 205 25.91 12.61 -8.75
C TYR B 205 27.10 11.91 -8.11
N ILE B 206 27.18 11.99 -6.78
CA ILE B 206 28.30 11.49 -6.01
C ILE B 206 27.83 10.31 -5.17
N CYS B 207 28.59 9.22 -5.19
CA CYS B 207 28.36 8.08 -4.32
C CYS B 207 29.11 8.28 -3.01
N ASN B 208 28.41 8.10 -1.89
CA ASN B 208 29.01 8.26 -0.57
C ASN B 208 29.00 6.90 0.12
N VAL B 209 30.07 6.14 -0.09
CA VAL B 209 30.22 4.80 0.44
C VAL B 209 31.04 4.88 1.72
N ASN B 210 30.50 4.39 2.82
CA ASN B 210 31.21 4.32 4.08
C ASN B 210 31.26 2.86 4.55
N HIS B 211 32.46 2.37 4.81
CA HIS B 211 32.68 1.03 5.33
C HIS B 211 33.44 1.16 6.65
N LYS B 212 32.71 1.13 7.76
CA LYS B 212 33.33 1.32 9.07
C LYS B 212 34.40 0.28 9.40
N PRO B 213 34.23 -1.02 9.15
CA PRO B 213 35.25 -1.99 9.60
C PRO B 213 36.62 -1.75 8.99
N SER B 214 36.72 -1.02 7.89
CA SER B 214 38.00 -0.75 7.25
C SER B 214 38.39 0.72 7.26
N ASN B 215 37.59 1.58 7.90
CA ASN B 215 37.81 3.03 7.93
C ASN B 215 37.93 3.58 6.51
N THR B 216 37.17 3.00 5.60
CA THR B 216 37.20 3.35 4.19
C THR B 216 35.97 4.19 3.86
N LYS B 217 36.18 5.48 3.60
CA LYS B 217 35.13 6.36 3.13
C LYS B 217 35.50 6.81 1.73
N VAL B 218 34.66 6.45 0.75
CA VAL B 218 34.94 6.70 -0.65
C VAL B 218 33.82 7.56 -1.22
N ASP B 219 34.19 8.60 -1.96
CA ASP B 219 33.26 9.43 -2.72
C ASP B 219 33.60 9.27 -4.19
N LYS B 220 32.62 8.85 -5.00
CA LYS B 220 32.83 8.64 -6.43
C LYS B 220 31.80 9.44 -7.22
N LYS B 221 32.27 10.14 -8.24
CA LYS B 221 31.39 10.89 -9.13
C LYS B 221 31.02 10.02 -10.33
N VAL B 222 29.74 9.79 -10.52
CA VAL B 222 29.21 9.06 -11.66
C VAL B 222 29.00 10.06 -12.79
N GLU B 223 29.83 9.96 -13.86
CA GLU B 223 29.65 10.99 -14.87
C GLU B 223 28.90 10.43 -16.06
N PRO B 224 27.89 11.16 -16.55
CA PRO B 224 27.05 10.64 -17.64
C PRO B 224 27.81 10.45 -18.93
N LYS B 225 27.34 9.50 -19.74
CA LYS B 225 27.95 9.22 -21.03
C LYS B 225 27.29 9.96 -22.18
N SER B 226 25.98 10.24 -22.08
CA SER B 226 25.21 10.86 -23.17
C SER B 226 25.39 10.08 -24.47
N CYS B 227 25.39 8.76 -24.35
CA CYS B 227 25.71 7.86 -25.46
C CYS B 227 24.46 7.37 -26.17
N ASP C 1 11.19 -31.97 20.20
CA ASP C 1 10.92 -30.54 20.31
C ASP C 1 9.62 -30.20 19.60
N ILE C 2 9.00 -29.08 19.97
CA ILE C 2 7.74 -28.65 19.39
C ILE C 2 8.05 -27.82 18.15
N VAL C 3 7.82 -28.39 16.98
CA VAL C 3 8.12 -27.69 15.74
C VAL C 3 6.96 -26.74 15.40
N MET C 4 7.31 -25.51 15.01
CA MET C 4 6.35 -24.48 14.66
C MET C 4 6.40 -24.25 13.15
N THR C 5 5.28 -24.46 12.48
CA THR C 5 5.16 -24.30 11.03
C THR C 5 4.17 -23.20 10.72
N GLN C 6 4.57 -22.25 9.89
CA GLN C 6 3.69 -21.17 9.50
C GLN C 6 3.33 -21.30 8.03
N SER C 7 2.14 -20.77 7.68
CA SER C 7 1.66 -20.81 6.32
C SER C 7 0.89 -19.52 6.08
N PRO C 8 1.11 -18.86 4.94
CA PRO C 8 2.09 -19.29 3.94
C PRO C 8 3.44 -18.67 4.22
N ASP C 9 4.43 -18.91 3.35
CA ASP C 9 5.70 -18.24 3.51
C ASP C 9 5.56 -16.75 3.24
N SER C 10 4.65 -16.37 2.33
CA SER C 10 4.44 -14.98 1.96
C SER C 10 3.02 -14.84 1.44
N LEU C 11 2.44 -13.65 1.66
CA LEU C 11 1.13 -13.33 1.12
C LEU C 11 1.03 -11.83 0.86
N ALA C 12 0.26 -11.47 -0.16
CA ALA C 12 0.05 -10.09 -0.55
C ALA C 12 -1.39 -9.70 -0.25
N VAL C 13 -1.56 -8.56 0.43
CA VAL C 13 -2.87 -8.08 0.86
C VAL C 13 -2.95 -6.60 0.49
N SER C 14 -4.09 -6.19 -0.08
CA SER C 14 -4.26 -4.79 -0.43
C SER C 14 -4.45 -3.94 0.83
N LEU C 15 -4.23 -2.64 0.66
CA LEU C 15 -4.40 -1.71 1.78
C LEU C 15 -5.85 -1.67 2.25
N GLY C 16 -6.04 -1.81 3.56
CA GLY C 16 -7.36 -1.78 4.15
C GLY C 16 -8.10 -3.09 4.14
N GLU C 17 -7.52 -4.15 3.58
CA GLU C 17 -8.12 -5.48 3.55
C GLU C 17 -7.54 -6.37 4.64
N ARG C 18 -8.15 -7.53 4.82
CA ARG C 18 -7.81 -8.45 5.91
C ARG C 18 -6.66 -9.37 5.53
N ALA C 19 -5.73 -9.55 6.46
CA ALA C 19 -4.60 -10.46 6.30
C ALA C 19 -4.60 -11.46 7.45
N THR C 20 -4.52 -12.75 7.10
CA THR C 20 -4.59 -13.84 8.07
C THR C 20 -3.35 -14.71 7.94
N ILE C 21 -2.69 -14.99 9.07
CA ILE C 21 -1.48 -15.79 9.12
C ILE C 21 -1.73 -16.99 10.03
N ASN C 22 -1.29 -18.17 9.58
CA ASN C 22 -1.51 -19.40 10.33
C ASN C 22 -0.21 -19.89 10.97
N CYS C 23 -0.37 -20.58 12.10
CA CYS C 23 0.73 -21.17 12.84
C CYS C 23 0.28 -22.53 13.37
N LYS C 24 1.07 -23.56 13.07
CA LYS C 24 0.77 -24.94 13.45
C LYS C 24 1.90 -25.45 14.34
N SER C 25 1.54 -26.04 15.48
CA SER C 25 2.52 -26.60 16.41
C SER C 25 2.38 -28.12 16.42
N SER C 26 3.53 -28.82 16.45
CA SER C 26 3.51 -30.28 16.42
C SER C 26 2.93 -30.87 17.69
N GLN C 27 2.93 -30.13 18.79
CA GLN C 27 2.32 -30.57 20.04
C GLN C 27 1.41 -29.47 20.55
N SER C 28 0.36 -29.87 21.28
CA SER C 28 -0.56 -28.89 21.84
C SER C 28 0.13 -28.03 22.88
N VAL C 29 -0.01 -26.71 22.74
CA VAL C 29 0.54 -25.76 23.70
C VAL C 29 -0.51 -25.24 24.68
N LEU C 30 -1.68 -25.87 24.73
CA LEU C 30 -2.73 -25.50 25.67
C LEU C 30 -2.52 -26.24 26.98
N TYR C 31 -2.08 -25.52 28.01
CA TYR C 31 -1.94 -26.13 29.33
C TYR C 31 -3.32 -26.38 29.94
N SER C 32 -3.55 -27.61 30.40
CA SER C 32 -4.86 -27.98 30.95
C SER C 32 -5.15 -27.25 32.25
N SER C 33 -4.11 -26.90 33.02
CA SER C 33 -4.29 -26.30 34.34
C SER C 33 -4.68 -24.83 34.25
N ASN C 34 -4.09 -24.09 33.31
CA ASN C 34 -4.36 -22.66 33.17
C ASN C 34 -5.36 -22.36 32.08
N ASN C 35 -5.70 -23.34 31.25
CA ASN C 35 -6.64 -23.18 30.14
C ASN C 35 -6.23 -22.03 29.22
N LYS C 36 -4.92 -21.80 29.07
CA LYS C 36 -4.40 -20.76 28.19
C LYS C 36 -3.29 -21.32 27.32
N ASN C 37 -3.18 -20.77 26.10
CA ASN C 37 -2.22 -21.24 25.11
C ASN C 37 -0.93 -20.44 25.18
N TYR C 38 0.20 -21.16 25.23
CA TYR C 38 1.52 -20.55 25.41
C TYR C 38 2.15 -20.21 24.06
N LEU C 39 1.48 -19.32 23.34
CA LEU C 39 1.90 -18.90 22.01
C LEU C 39 1.92 -17.38 21.93
N ALA C 40 2.95 -16.85 21.28
CA ALA C 40 3.12 -15.41 21.12
C ALA C 40 3.41 -15.08 19.67
N TRP C 41 3.00 -13.89 19.26
CA TRP C 41 3.22 -13.41 17.90
C TRP C 41 4.16 -12.21 17.93
N TYR C 42 5.10 -12.19 16.99
CA TYR C 42 6.09 -11.13 16.87
C TYR C 42 6.03 -10.52 15.48
N GLN C 43 6.46 -9.26 15.38
CA GLN C 43 6.59 -8.57 14.10
C GLN C 43 8.01 -8.04 13.95
N GLN C 44 8.64 -8.31 12.81
CA GLN C 44 10.00 -7.87 12.58
C GLN C 44 10.07 -7.18 11.23
N LYS C 45 10.09 -5.86 11.24
CA LYS C 45 10.37 -5.10 10.05
C LYS C 45 11.85 -5.25 9.69
N PRO C 46 12.20 -5.06 8.41
CA PRO C 46 13.60 -5.23 8.01
C PRO C 46 14.53 -4.32 8.81
N GLY C 47 15.67 -4.88 9.20
CA GLY C 47 16.70 -4.14 9.91
C GLY C 47 16.42 -3.86 11.36
N GLN C 48 15.37 -4.44 11.93
CA GLN C 48 14.96 -4.14 13.29
C GLN C 48 14.83 -5.43 14.09
N PRO C 49 14.89 -5.35 15.40
CA PRO C 49 14.63 -6.51 16.24
C PRO C 49 13.16 -6.86 16.20
N PRO C 50 12.80 -8.10 16.55
CA PRO C 50 11.37 -8.45 16.60
C PRO C 50 10.65 -7.63 17.67
N LYS C 51 9.36 -7.41 17.43
CA LYS C 51 8.49 -6.63 18.30
C LYS C 51 7.35 -7.51 18.78
N LEU C 52 7.11 -7.54 20.09
CA LEU C 52 6.05 -8.38 20.62
C LEU C 52 4.69 -7.77 20.33
N LEU C 53 3.84 -8.53 19.65
CA LEU C 53 2.49 -8.09 19.32
C LEU C 53 1.44 -8.74 20.22
N ILE C 54 1.44 -10.07 20.27
CA ILE C 54 0.45 -10.84 21.00
C ILE C 54 1.13 -11.89 21.85
N TYR C 55 0.60 -12.12 23.05
CA TYR C 55 0.97 -13.23 23.91
C TYR C 55 -0.32 -13.89 24.41
N TRP C 56 -0.19 -15.12 24.91
CA TRP C 56 -1.32 -15.98 25.24
C TRP C 56 -2.25 -16.20 24.05
N ALA C 57 -1.73 -15.99 22.84
CA ALA C 57 -2.41 -16.26 21.58
C ALA C 57 -3.61 -15.36 21.33
N SER C 58 -4.01 -14.56 22.32
CA SER C 58 -5.14 -13.64 22.15
C SER C 58 -4.95 -12.29 22.81
N THR C 59 -3.95 -12.10 23.66
CA THR C 59 -3.76 -10.89 24.44
C THR C 59 -2.75 -9.98 23.75
N ARG C 60 -3.14 -8.72 23.53
CA ARG C 60 -2.26 -7.76 22.87
C ARG C 60 -1.31 -7.10 23.87
N GLU C 61 -0.08 -6.86 23.44
CA GLU C 61 0.86 -6.10 24.25
C GLU C 61 0.47 -4.63 24.23
N SER C 62 0.74 -3.95 25.35
CA SER C 62 0.41 -2.53 25.45
C SER C 62 1.10 -1.74 24.35
N GLY C 63 0.32 -0.91 23.65
CA GLY C 63 0.81 -0.13 22.55
C GLY C 63 0.49 -0.68 21.18
N VAL C 64 0.27 -2.00 21.09
CA VAL C 64 -0.11 -2.61 19.81
C VAL C 64 -1.51 -2.14 19.42
N PRO C 65 -1.71 -1.66 18.19
CA PRO C 65 -3.02 -1.16 17.80
C PRO C 65 -4.06 -2.27 17.75
N ASP C 66 -5.33 -1.86 17.84
CA ASP C 66 -6.45 -2.78 17.89
C ASP C 66 -6.67 -3.55 16.60
N ARG C 67 -6.01 -3.16 15.50
CA ARG C 67 -6.18 -3.85 14.24
C ARG C 67 -5.59 -5.26 14.26
N PHE C 68 -4.66 -5.53 15.18
CA PHE C 68 -4.06 -6.85 15.33
C PHE C 68 -4.91 -7.70 16.27
N SER C 69 -5.19 -8.94 15.86
CA SER C 69 -5.98 -9.85 16.67
C SER C 69 -5.37 -11.24 16.62
N GLY C 70 -5.50 -11.96 17.73
CA GLY C 70 -5.03 -13.33 17.84
C GLY C 70 -6.12 -14.28 18.27
N SER C 71 -6.25 -15.40 17.56
CA SER C 71 -7.27 -16.40 17.85
C SER C 71 -6.67 -17.78 17.65
N GLY C 72 -7.34 -18.78 18.21
CA GLY C 72 -6.91 -20.15 18.10
C GLY C 72 -6.60 -20.76 19.47
N SER C 73 -6.48 -22.08 19.45
CA SER C 73 -6.23 -22.85 20.66
C SER C 73 -5.64 -24.20 20.28
N GLY C 74 -4.82 -24.75 21.18
CA GLY C 74 -4.27 -26.07 20.96
C GLY C 74 -3.05 -26.07 20.05
N THR C 75 -3.26 -26.48 18.80
CA THR C 75 -2.21 -26.51 17.80
C THR C 75 -2.43 -25.58 16.63
N ASP C 76 -3.64 -25.07 16.43
CA ASP C 76 -3.95 -24.20 15.31
C ASP C 76 -4.17 -22.78 15.82
N PHE C 77 -3.39 -21.83 15.31
CA PHE C 77 -3.43 -20.43 15.73
C PHE C 77 -3.42 -19.52 14.52
N THR C 78 -3.92 -18.30 14.72
CA THR C 78 -4.11 -17.36 13.62
C THR C 78 -3.86 -15.94 14.07
N LEU C 79 -3.05 -15.21 13.30
CA LEU C 79 -2.86 -13.77 13.48
C LEU C 79 -3.59 -13.03 12.38
N THR C 80 -4.44 -12.07 12.77
CA THR C 80 -5.29 -11.36 11.83
C THR C 80 -5.06 -9.86 11.95
N ILE C 81 -4.89 -9.19 10.82
CA ILE C 81 -4.83 -7.73 10.76
C ILE C 81 -6.07 -7.26 10.01
N SER C 82 -6.97 -6.58 10.71
CA SER C 82 -8.26 -6.24 10.13
C SER C 82 -8.14 -5.29 8.95
N SER C 83 -7.28 -4.27 9.04
CA SER C 83 -7.04 -3.33 7.95
C SER C 83 -5.54 -3.09 7.82
N LEU C 84 -4.96 -3.59 6.73
CA LEU C 84 -3.52 -3.52 6.54
C LEU C 84 -3.08 -2.09 6.24
N GLN C 85 -2.04 -1.65 6.93
CA GLN C 85 -1.45 -0.32 6.76
C GLN C 85 -0.08 -0.45 6.11
N ALA C 86 0.45 0.69 5.64
CA ALA C 86 1.78 0.68 5.03
C ALA C 86 2.83 0.28 6.03
N GLU C 87 2.67 0.69 7.29
CA GLU C 87 3.61 0.37 8.36
C GLU C 87 3.39 -1.02 8.94
N ASP C 88 2.70 -1.89 8.22
CA ASP C 88 2.51 -3.27 8.65
C ASP C 88 3.24 -4.28 7.77
N VAL C 89 3.94 -3.81 6.74
CA VAL C 89 4.72 -4.70 5.89
C VAL C 89 5.91 -5.17 6.70
N ALA C 90 5.92 -6.45 7.07
CA ALA C 90 7.00 -7.01 7.86
C ALA C 90 6.92 -8.53 7.78
N VAL C 91 7.77 -9.20 8.54
CA VAL C 91 7.73 -10.65 8.70
C VAL C 91 7.21 -10.95 10.09
N TYR C 92 6.24 -11.85 10.16
CA TYR C 92 5.58 -12.19 11.41
C TYR C 92 5.97 -13.61 11.82
N TYR C 93 6.40 -13.76 13.07
CA TYR C 93 6.79 -15.05 13.63
C TYR C 93 5.83 -15.44 14.75
N CYS C 94 5.66 -16.75 14.93
CA CYS C 94 4.96 -17.29 16.09
C CYS C 94 5.96 -18.07 16.93
N GLN C 95 5.84 -17.93 18.25
CA GLN C 95 6.73 -18.62 19.19
C GLN C 95 5.89 -19.36 20.22
N GLN C 96 6.37 -20.54 20.62
CA GLN C 96 5.79 -21.27 21.74
C GLN C 96 6.73 -21.18 22.93
N TYR C 97 6.15 -20.96 24.11
CA TYR C 97 6.90 -20.95 25.36
C TYR C 97 6.30 -21.94 26.34
N TYR C 98 5.81 -23.08 25.83
CA TYR C 98 5.27 -24.12 26.69
C TYR C 98 6.38 -24.97 27.28
N SER C 99 7.39 -25.31 26.49
CA SER C 99 8.50 -26.12 26.96
C SER C 99 9.75 -25.76 26.17
N ALA C 100 10.89 -26.12 26.73
CA ALA C 100 12.16 -25.95 26.05
C ALA C 100 12.42 -27.13 25.12
N PRO C 101 13.08 -26.92 23.97
CA PRO C 101 13.59 -25.63 23.51
C PRO C 101 12.50 -24.69 23.01
N LEU C 102 12.68 -23.40 23.26
CA LEU C 102 11.79 -22.40 22.70
C LEU C 102 11.96 -22.41 21.19
N THR C 103 10.85 -22.53 20.46
CA THR C 103 10.90 -22.65 19.01
C THR C 103 10.04 -21.59 18.36
N PHE C 104 10.58 -20.98 17.30
CA PHE C 104 9.86 -20.01 16.51
C PHE C 104 9.33 -20.66 15.23
N GLY C 105 8.42 -19.97 14.57
CA GLY C 105 7.96 -20.40 13.28
C GLY C 105 8.93 -20.01 12.18
N GLY C 106 8.62 -20.46 10.97
CA GLY C 106 9.47 -20.13 9.84
C GLY C 106 9.40 -18.68 9.42
N GLY C 107 8.40 -17.94 9.89
CA GLY C 107 8.16 -16.57 9.51
C GLY C 107 7.23 -16.46 8.32
N THR C 108 6.48 -15.37 8.28
CA THR C 108 5.51 -15.12 7.21
C THR C 108 5.66 -13.69 6.73
N LYS C 109 5.99 -13.53 5.46
CA LYS C 109 6.21 -12.23 4.85
C LYS C 109 4.89 -11.66 4.36
N VAL C 110 4.53 -10.48 4.84
CA VAL C 110 3.33 -9.78 4.38
C VAL C 110 3.78 -8.63 3.48
N GLU C 111 3.21 -8.57 2.28
CA GLU C 111 3.55 -7.55 1.30
C GLU C 111 2.25 -6.91 0.78
N ILE C 112 2.39 -5.70 0.29
CA ILE C 112 1.23 -4.96 -0.23
C ILE C 112 0.87 -5.54 -1.61
N LYS C 113 -0.41 -5.79 -1.81
CA LYS C 113 -0.91 -6.30 -3.09
C LYS C 113 -1.22 -5.13 -4.02
N ARG C 114 -0.60 -5.14 -5.20
CA ARG C 114 -0.61 -4.06 -6.15
C ARG C 114 -1.01 -4.59 -7.51
N THR C 115 -1.35 -3.70 -8.43
CA THR C 115 -1.59 -4.13 -9.81
C THR C 115 -0.26 -4.50 -10.46
N VAL C 116 -0.35 -5.26 -11.55
CA VAL C 116 0.85 -5.70 -12.25
C VAL C 116 1.55 -4.49 -12.83
N ALA C 117 2.87 -4.42 -12.63
CA ALA C 117 3.69 -3.34 -13.18
C ALA C 117 4.87 -3.94 -13.91
N ALA C 118 5.04 -3.57 -15.16
CA ALA C 118 6.15 -4.12 -15.93
C ALA C 118 7.45 -3.42 -15.55
N PRO C 119 8.56 -4.14 -15.52
CA PRO C 119 9.84 -3.50 -15.16
C PRO C 119 10.43 -2.74 -16.33
N SER C 120 11.06 -1.61 -16.02
CA SER C 120 11.88 -0.91 -17.00
C SER C 120 13.29 -1.45 -16.86
N VAL C 121 13.86 -1.90 -17.98
CA VAL C 121 15.14 -2.60 -17.98
C VAL C 121 16.23 -1.64 -18.39
N PHE C 122 17.32 -1.63 -17.63
CA PHE C 122 18.50 -0.85 -17.94
C PHE C 122 19.72 -1.76 -17.85
N ILE C 123 20.73 -1.46 -18.66
CA ILE C 123 21.96 -2.25 -18.66
C ILE C 123 23.14 -1.29 -18.60
N PHE C 124 24.15 -1.65 -17.80
CA PHE C 124 25.34 -0.83 -17.60
C PHE C 124 26.57 -1.63 -17.99
N PRO C 125 27.37 -1.16 -18.96
CA PRO C 125 28.63 -1.84 -19.27
C PRO C 125 29.65 -1.63 -18.16
N PRO C 126 30.73 -2.40 -18.14
CA PRO C 126 31.76 -2.21 -17.10
C PRO C 126 32.43 -0.85 -17.22
N SER C 127 32.89 -0.34 -16.08
CA SER C 127 33.59 0.93 -16.03
C SER C 127 35.04 0.75 -16.47
N ASP C 128 35.64 1.84 -16.93
CA ASP C 128 37.05 1.78 -17.30
C ASP C 128 37.94 1.56 -16.09
N GLU C 129 37.53 2.06 -14.92
CA GLU C 129 38.33 1.84 -13.72
C GLU C 129 38.40 0.36 -13.36
N GLN C 130 37.27 -0.35 -13.48
CA GLN C 130 37.25 -1.77 -13.13
C GLN C 130 38.00 -2.61 -14.16
N LEU C 131 37.96 -2.23 -15.43
CA LEU C 131 38.68 -2.99 -16.44
C LEU C 131 40.19 -2.94 -16.20
N LYS C 132 40.70 -1.79 -15.74
CA LYS C 132 42.12 -1.71 -15.41
C LYS C 132 42.49 -2.58 -14.22
N SER C 133 41.52 -2.94 -13.38
CA SER C 133 41.76 -3.81 -12.23
C SER C 133 41.75 -5.28 -12.59
N GLY C 134 41.33 -5.64 -13.82
CA GLY C 134 41.37 -7.01 -14.27
C GLY C 134 40.05 -7.76 -14.26
N THR C 135 38.97 -7.12 -13.83
CA THR C 135 37.66 -7.76 -13.81
C THR C 135 36.65 -6.84 -14.50
N ALA C 136 35.54 -7.44 -14.91
CA ALA C 136 34.47 -6.72 -15.59
C ALA C 136 33.13 -7.15 -15.00
N SER C 137 32.32 -6.18 -14.61
CA SER C 137 30.98 -6.43 -14.10
C SER C 137 29.97 -5.77 -15.01
N VAL C 138 28.96 -6.53 -15.44
CA VAL C 138 27.86 -6.01 -16.23
C VAL C 138 26.60 -6.10 -15.38
N VAL C 139 25.92 -4.97 -15.22
CA VAL C 139 24.76 -4.87 -14.34
C VAL C 139 23.52 -4.68 -15.17
N CYS C 140 22.51 -5.51 -14.92
CA CYS C 140 21.19 -5.36 -15.52
C CYS C 140 20.20 -4.99 -14.43
N LEU C 141 19.43 -3.93 -14.68
CA LEU C 141 18.56 -3.34 -13.68
C LEU C 141 17.10 -3.48 -14.12
N LEU C 142 16.29 -4.07 -13.26
CA LEU C 142 14.85 -4.11 -13.40
C LEU C 142 14.29 -3.16 -12.36
N ASN C 143 13.56 -2.15 -12.80
CA ASN C 143 13.15 -1.06 -11.92
C ASN C 143 11.63 -1.02 -11.81
N ASN C 144 11.13 -0.99 -10.57
CA ASN C 144 9.74 -0.66 -10.25
C ASN C 144 8.76 -1.59 -10.95
N PHE C 145 8.79 -2.86 -10.51
CA PHE C 145 7.90 -3.88 -11.05
C PHE C 145 7.19 -4.60 -9.92
N TYR C 146 6.13 -5.33 -10.28
CA TYR C 146 5.33 -6.16 -9.37
C TYR C 146 4.64 -7.21 -10.20
N PRO C 147 4.60 -8.48 -9.77
CA PRO C 147 5.16 -9.03 -8.52
C PRO C 147 6.68 -9.21 -8.55
N ARG C 148 7.24 -9.72 -7.45
CA ARG C 148 8.68 -9.87 -7.34
C ARG C 148 9.21 -10.94 -8.28
N GLU C 149 8.38 -11.94 -8.62
CA GLU C 149 8.82 -13.04 -9.47
C GLU C 149 9.22 -12.56 -10.85
N ALA C 150 10.51 -12.65 -11.17
CA ALA C 150 11.01 -12.23 -12.47
C ALA C 150 12.18 -13.13 -12.89
N LYS C 151 12.31 -13.33 -14.20
CA LYS C 151 13.37 -14.15 -14.77
C LYS C 151 14.32 -13.26 -15.55
N VAL C 152 15.62 -13.35 -15.24
CA VAL C 152 16.65 -12.60 -15.93
C VAL C 152 17.70 -13.58 -16.45
N GLN C 153 17.87 -13.61 -17.76
CA GLN C 153 18.86 -14.46 -18.40
C GLN C 153 19.92 -13.59 -19.07
N TRP C 154 21.18 -13.99 -18.94
CA TRP C 154 22.28 -13.28 -19.58
C TRP C 154 22.64 -14.00 -20.87
N LYS C 155 22.49 -13.29 -21.99
CA LYS C 155 22.84 -13.81 -23.31
C LYS C 155 24.07 -13.07 -23.81
N VAL C 156 25.12 -13.82 -24.11
CA VAL C 156 26.39 -13.28 -24.58
C VAL C 156 26.66 -13.85 -25.96
N ASP C 157 26.63 -12.99 -26.98
CA ASP C 157 26.70 -13.42 -28.37
C ASP C 157 25.62 -14.46 -28.65
N ASN C 158 24.42 -14.18 -28.13
CA ASN C 158 23.23 -15.03 -28.26
C ASN C 158 23.44 -16.41 -27.64
N ALA C 159 24.24 -16.49 -26.58
CA ALA C 159 24.47 -17.72 -25.84
C ALA C 159 24.14 -17.48 -24.38
N LEU C 160 23.49 -18.45 -23.74
CA LEU C 160 23.08 -18.29 -22.36
C LEU C 160 24.28 -18.43 -21.43
N GLN C 161 24.51 -17.41 -20.60
CA GLN C 161 25.57 -17.44 -19.61
C GLN C 161 25.01 -17.76 -18.23
N SER C 162 25.60 -18.74 -17.58
CA SER C 162 25.15 -19.21 -16.28
C SER C 162 26.33 -19.39 -15.35
N GLY C 163 26.05 -19.31 -14.06
CA GLY C 163 27.04 -19.51 -13.02
C GLY C 163 27.88 -18.31 -12.68
N ASN C 164 27.81 -17.22 -13.43
CA ASN C 164 28.63 -16.05 -13.17
C ASN C 164 27.79 -14.80 -12.98
N SER C 165 26.58 -14.98 -12.45
CA SER C 165 25.67 -13.89 -12.20
C SER C 165 25.10 -14.04 -10.80
N GLN C 166 24.86 -12.90 -10.15
CA GLN C 166 24.20 -12.85 -8.85
C GLN C 166 23.21 -11.70 -8.88
N GLU C 167 22.03 -11.93 -8.30
CA GLU C 167 21.02 -10.89 -8.29
C GLU C 167 20.52 -10.64 -6.88
N SER C 168 20.15 -9.39 -6.61
CA SER C 168 19.59 -8.95 -5.34
C SER C 168 18.34 -8.13 -5.59
N VAL C 169 17.39 -8.23 -4.67
CA VAL C 169 16.07 -7.59 -4.80
C VAL C 169 15.85 -6.67 -3.61
N THR C 170 15.38 -5.46 -3.89
CA THR C 170 15.08 -4.49 -2.85
C THR C 170 13.84 -4.90 -2.07
N GLU C 171 13.65 -4.25 -0.92
CA GLU C 171 12.39 -4.42 -0.22
C GLU C 171 11.28 -3.73 -1.00
N GLN C 172 10.03 -4.00 -0.63
CA GLN C 172 8.92 -3.39 -1.33
C GLN C 172 8.93 -1.89 -1.06
N ASP C 173 8.81 -1.10 -2.12
CA ASP C 173 8.92 0.35 -1.97
C ASP C 173 7.72 0.90 -1.22
N SER C 174 7.97 1.91 -0.39
CA SER C 174 6.93 2.48 0.46
C SER C 174 6.06 3.49 -0.26
N LYS C 175 6.36 3.79 -1.53
CA LYS C 175 5.61 4.79 -2.29
C LYS C 175 4.70 4.16 -3.33
N ASP C 176 5.25 3.32 -4.23
CA ASP C 176 4.47 2.67 -5.26
C ASP C 176 4.30 1.17 -5.05
N SER C 177 4.84 0.62 -3.97
CA SER C 177 4.71 -0.81 -3.63
C SER C 177 5.26 -1.70 -4.73
N THR C 178 6.38 -1.31 -5.31
CA THR C 178 7.03 -2.10 -6.35
C THR C 178 8.38 -2.61 -5.88
N TYR C 179 8.96 -3.48 -6.69
CA TYR C 179 10.26 -4.08 -6.40
C TYR C 179 11.28 -3.63 -7.45
N SER C 180 12.55 -3.82 -7.12
CA SER C 180 13.62 -3.57 -8.06
C SER C 180 14.67 -4.67 -7.90
N LEU C 181 15.22 -5.11 -9.03
CA LEU C 181 16.11 -6.25 -9.08
C LEU C 181 17.38 -5.88 -9.84
N SER C 182 18.50 -6.45 -9.42
CA SER C 182 19.77 -6.18 -10.09
C SER C 182 20.53 -7.48 -10.24
N SER C 183 20.68 -7.94 -11.48
CA SER C 183 21.52 -9.08 -11.80
C SER C 183 22.88 -8.56 -12.28
N THR C 184 23.95 -9.14 -11.72
CA THR C 184 25.30 -8.70 -12.02
C THR C 184 26.09 -9.87 -12.59
N LEU C 185 26.55 -9.73 -13.83
CA LEU C 185 27.41 -10.72 -14.49
C LEU C 185 28.86 -10.28 -14.33
N THR C 186 29.65 -11.08 -13.60
CA THR C 186 31.04 -10.74 -13.30
C THR C 186 31.98 -11.70 -14.01
N LEU C 187 32.88 -11.14 -14.82
CA LEU C 187 33.87 -11.90 -15.57
C LEU C 187 35.23 -11.25 -15.39
N SER C 188 36.28 -12.05 -15.59
CA SER C 188 37.60 -11.47 -15.66
C SER C 188 37.74 -10.64 -16.94
N LYS C 189 38.70 -9.71 -16.94
CA LYS C 189 38.94 -8.88 -18.12
C LYS C 189 39.23 -9.73 -19.33
N ALA C 190 39.88 -10.89 -19.14
CA ALA C 190 40.17 -11.78 -20.25
C ALA C 190 38.89 -12.35 -20.86
N ASP C 191 38.01 -12.89 -20.01
CA ASP C 191 36.76 -13.46 -20.53
C ASP C 191 35.86 -12.39 -21.11
N TYR C 192 35.88 -11.18 -20.56
CA TYR C 192 35.02 -10.12 -21.05
C TYR C 192 35.38 -9.73 -22.47
N GLU C 193 36.66 -9.69 -22.79
CA GLU C 193 37.11 -9.31 -24.12
C GLU C 193 37.01 -10.46 -25.12
N LYS C 194 36.58 -11.65 -24.69
CA LYS C 194 36.38 -12.76 -25.61
C LYS C 194 35.05 -12.69 -26.33
N HIS C 195 34.20 -11.70 -26.02
CA HIS C 195 32.86 -11.64 -26.58
C HIS C 195 32.55 -10.20 -26.98
N LYS C 196 31.47 -10.05 -27.76
CA LYS C 196 31.11 -8.76 -28.32
C LYS C 196 29.79 -8.24 -27.75
N VAL C 197 28.70 -8.98 -27.91
CA VAL C 197 27.37 -8.51 -27.56
C VAL C 197 27.00 -9.04 -26.18
N TYR C 198 26.65 -8.14 -25.27
CA TYR C 198 26.21 -8.49 -23.92
C TYR C 198 24.76 -8.07 -23.80
N ALA C 199 23.88 -9.03 -23.58
CA ALA C 199 22.45 -8.79 -23.57
C ALA C 199 21.85 -9.27 -22.26
N CYS C 200 20.77 -8.61 -21.87
CA CYS C 200 20.00 -9.00 -20.69
C CYS C 200 18.56 -9.20 -21.12
N GLU C 201 18.07 -10.44 -21.02
CA GLU C 201 16.70 -10.77 -21.42
C GLU C 201 15.84 -10.95 -20.17
N VAL C 202 14.70 -10.28 -20.14
CA VAL C 202 13.86 -10.22 -18.95
C VAL C 202 12.48 -10.78 -19.28
N THR C 203 12.01 -11.71 -18.43
CA THR C 203 10.65 -12.24 -18.51
C THR C 203 9.90 -11.84 -17.26
N HIS C 204 8.72 -11.26 -17.43
CA HIS C 204 7.93 -10.79 -16.31
C HIS C 204 6.46 -10.87 -16.68
N GLN C 205 5.61 -10.88 -15.65
CA GLN C 205 4.17 -10.99 -15.86
C GLN C 205 3.61 -9.78 -16.60
N GLY C 206 4.19 -8.60 -16.38
CA GLY C 206 3.76 -7.38 -17.04
C GLY C 206 4.25 -7.19 -18.45
N LEU C 207 5.06 -8.12 -18.97
CA LEU C 207 5.61 -8.05 -20.32
C LEU C 207 4.97 -9.14 -21.17
N SER C 208 4.33 -8.74 -22.27
CA SER C 208 3.76 -9.73 -23.18
C SER C 208 4.85 -10.58 -23.81
N SER C 209 5.96 -9.95 -24.20
CA SER C 209 7.12 -10.64 -24.76
C SER C 209 8.36 -10.26 -23.97
N PRO C 210 9.36 -11.15 -23.92
CA PRO C 210 10.57 -10.83 -23.17
C PRO C 210 11.27 -9.60 -23.73
N VAL C 211 11.67 -8.71 -22.82
CA VAL C 211 12.39 -7.49 -23.17
C VAL C 211 13.87 -7.76 -23.09
N THR C 212 14.60 -7.41 -24.16
CA THR C 212 16.04 -7.63 -24.24
C THR C 212 16.71 -6.27 -24.36
N LYS C 213 17.63 -5.98 -23.45
CA LYS C 213 18.44 -4.78 -23.51
C LYS C 213 19.90 -5.20 -23.58
N SER C 214 20.59 -4.77 -24.63
CA SER C 214 21.94 -5.23 -24.93
C SER C 214 22.83 -4.07 -25.28
N PHE C 215 24.14 -4.36 -25.37
CA PHE C 215 25.10 -3.40 -25.85
C PHE C 215 26.26 -4.16 -26.48
N ASN C 216 27.05 -3.44 -27.29
CA ASN C 216 28.24 -4.02 -27.89
C ASN C 216 29.46 -3.50 -27.15
N ARG C 217 30.33 -4.42 -26.75
CA ARG C 217 31.54 -4.06 -26.04
C ARG C 217 32.41 -3.17 -26.92
N GLY C 218 32.76 -2.00 -26.41
CA GLY C 218 33.58 -1.04 -27.13
C GLY C 218 32.86 0.19 -27.63
N GLU C 219 31.54 0.22 -27.59
CA GLU C 219 30.81 1.41 -28.03
C GLU C 219 30.88 2.50 -26.97
N CYS C 220 30.33 2.22 -25.78
CA CYS C 220 30.33 3.17 -24.68
C CYS C 220 29.94 2.47 -23.39
N ASN D 16 -16.99 54.66 -69.95
CA ASN D 16 -17.85 53.56 -70.39
C ASN D 16 -17.27 52.20 -70.02
N LEU D 17 -17.07 51.96 -68.73
CA LEU D 17 -16.59 50.67 -68.24
C LEU D 17 -16.72 50.65 -66.73
N CYS D 18 -16.93 49.45 -66.18
CA CYS D 18 -17.09 49.40 -64.73
C CYS D 18 -15.76 49.11 -64.03
N PRO D 19 -15.55 49.72 -62.86
CA PRO D 19 -14.31 49.55 -62.09
C PRO D 19 -14.27 48.24 -61.30
N PHE D 20 -14.30 47.12 -62.01
CA PHE D 20 -14.18 45.82 -61.38
C PHE D 20 -12.76 45.56 -60.88
N GLY D 21 -11.76 46.26 -61.41
CA GLY D 21 -10.41 46.07 -60.93
C GLY D 21 -10.21 46.48 -59.48
N GLU D 22 -10.98 47.48 -59.02
CA GLU D 22 -10.86 47.91 -57.64
C GLU D 22 -11.32 46.85 -56.64
N VAL D 23 -12.05 45.84 -57.10
CA VAL D 23 -12.62 44.82 -56.23
C VAL D 23 -11.80 43.54 -56.24
N PHE D 24 -11.56 42.98 -57.42
CA PHE D 24 -10.89 41.68 -57.51
C PHE D 24 -9.41 41.77 -57.18
N ASN D 25 -8.74 42.80 -57.70
CA ASN D 25 -7.30 42.95 -57.51
C ASN D 25 -6.94 43.76 -56.27
N ALA D 26 -7.83 43.80 -55.27
CA ALA D 26 -7.53 44.50 -54.03
C ALA D 26 -6.44 43.77 -53.25
N THR D 27 -5.59 44.54 -52.59
CA THR D 27 -4.48 43.95 -51.85
C THR D 27 -4.96 43.11 -50.68
N ARG D 28 -5.87 43.66 -49.87
CA ARG D 28 -6.39 42.99 -48.68
C ARG D 28 -7.89 42.81 -48.83
N PHE D 29 -8.39 41.65 -48.38
CA PHE D 29 -9.82 41.36 -48.36
C PHE D 29 -10.33 41.30 -46.93
N ALA D 30 -11.61 41.64 -46.76
CA ALA D 30 -12.22 41.65 -45.45
C ALA D 30 -12.64 40.25 -45.04
N SER D 31 -12.77 40.05 -43.72
CA SER D 31 -13.32 38.81 -43.23
C SER D 31 -14.81 38.73 -43.53
N VAL D 32 -15.31 37.51 -43.65
CA VAL D 32 -16.68 37.30 -44.13
C VAL D 32 -17.69 37.97 -43.21
N TYR D 33 -17.43 37.94 -41.90
CA TYR D 33 -18.34 38.60 -40.96
C TYR D 33 -18.37 40.10 -41.15
N ALA D 34 -17.31 40.69 -41.71
CA ALA D 34 -17.26 42.13 -41.93
C ALA D 34 -17.11 42.41 -43.42
N TRP D 35 -17.93 41.76 -44.22
CA TRP D 35 -17.82 41.86 -45.68
C TRP D 35 -17.97 43.30 -46.16
N ASN D 36 -17.15 43.67 -47.13
CA ASN D 36 -17.16 45.02 -47.69
C ASN D 36 -18.06 45.07 -48.90
N ARG D 37 -18.75 46.20 -49.07
CA ARG D 37 -19.62 46.43 -50.22
C ARG D 37 -19.18 47.69 -50.94
N LYS D 38 -18.95 47.58 -52.24
CA LYS D 38 -18.57 48.69 -53.10
C LYS D 38 -19.71 48.93 -54.09
N ARG D 39 -20.11 50.19 -54.22
CA ARG D 39 -21.19 50.54 -55.14
C ARG D 39 -20.65 50.66 -56.55
N ILE D 40 -21.28 49.94 -57.48
CA ILE D 40 -20.94 49.97 -58.90
C ILE D 40 -22.10 50.63 -59.64
N SER D 41 -21.82 51.77 -60.28
CA SER D 41 -22.89 52.52 -60.94
C SER D 41 -22.30 53.40 -62.03
N ASN D 42 -23.18 53.86 -62.93
CA ASN D 42 -22.82 54.79 -64.00
C ASN D 42 -21.72 54.22 -64.89
N CYS D 43 -21.89 52.97 -65.29
CA CYS D 43 -20.91 52.29 -66.12
C CYS D 43 -21.57 51.10 -66.80
N VAL D 44 -20.85 50.50 -67.74
CA VAL D 44 -21.32 49.33 -68.48
C VAL D 44 -20.46 48.15 -68.05
N ALA D 45 -21.10 47.04 -67.69
CA ALA D 45 -20.39 45.87 -67.18
C ALA D 45 -20.31 44.85 -68.30
N ASP D 46 -19.09 44.43 -68.60
CA ASP D 46 -18.79 43.42 -69.63
C ASP D 46 -18.35 42.14 -68.91
N TYR D 47 -19.26 41.17 -68.82
CA TYR D 47 -18.93 39.94 -68.11
C TYR D 47 -17.90 39.11 -68.87
N SER D 48 -17.65 39.44 -70.15
CA SER D 48 -16.58 38.78 -70.88
C SER D 48 -15.22 39.11 -70.26
N VAL D 49 -15.08 40.33 -69.73
CA VAL D 49 -13.84 40.74 -69.11
C VAL D 49 -13.60 39.97 -67.82
N LEU D 50 -14.66 39.70 -67.06
CA LEU D 50 -14.51 38.94 -65.82
C LEU D 50 -13.99 37.54 -66.09
N TYR D 51 -14.57 36.86 -67.08
CA TYR D 51 -14.12 35.52 -67.41
C TYR D 51 -12.72 35.55 -68.01
N ASN D 52 -12.40 36.60 -68.77
CA ASN D 52 -11.08 36.79 -69.34
C ASN D 52 -10.14 37.55 -68.41
N SER D 53 -10.44 37.62 -67.12
CA SER D 53 -9.54 38.28 -66.17
C SER D 53 -8.55 37.30 -65.55
N ALA D 54 -9.05 36.34 -64.78
CA ALA D 54 -8.19 35.39 -64.07
C ALA D 54 -8.79 33.99 -64.21
N SER D 55 -8.24 33.05 -63.43
CA SER D 55 -8.75 31.69 -63.37
C SER D 55 -9.54 31.54 -62.07
N PHE D 56 -10.86 31.49 -62.21
CA PHE D 56 -11.82 31.43 -61.12
C PHE D 56 -12.30 30.01 -60.94
N SER D 57 -12.36 29.56 -59.70
CA SER D 57 -12.86 28.21 -59.44
C SER D 57 -14.38 28.15 -59.40
N THR D 58 -15.03 29.27 -59.09
CA THR D 58 -16.49 29.33 -59.00
C THR D 58 -16.98 30.58 -59.71
N PHE D 59 -17.88 30.39 -60.68
CA PHE D 59 -18.49 31.52 -61.39
C PHE D 59 -19.91 31.07 -61.76
N LYS D 60 -20.87 31.41 -60.89
CA LYS D 60 -22.25 30.99 -61.05
C LYS D 60 -23.16 32.21 -60.95
N CYS D 61 -24.16 32.27 -61.83
CA CYS D 61 -25.11 33.38 -61.84
C CYS D 61 -26.51 32.85 -61.55
N TYR D 62 -27.32 33.69 -60.89
CA TYR D 62 -28.65 33.34 -60.43
C TYR D 62 -29.64 34.42 -60.85
N GLY D 63 -30.86 33.99 -61.15
CA GLY D 63 -31.91 34.95 -61.47
C GLY D 63 -31.83 35.57 -62.85
N VAL D 64 -30.81 35.24 -63.64
CA VAL D 64 -30.63 35.82 -64.96
C VAL D 64 -30.52 34.67 -65.96
N SER D 65 -31.28 34.76 -67.05
CA SER D 65 -31.21 33.75 -68.09
C SER D 65 -29.87 33.82 -68.81
N PRO D 66 -29.30 32.67 -69.20
CA PRO D 66 -28.00 32.70 -69.88
C PRO D 66 -27.99 33.52 -71.16
N THR D 67 -29.09 33.52 -71.92
CA THR D 67 -29.11 34.29 -73.15
C THR D 67 -29.18 35.78 -72.88
N LYS D 68 -29.98 36.19 -71.90
CA LYS D 68 -30.24 37.60 -71.63
C LYS D 68 -29.17 38.30 -70.80
N LEU D 69 -28.18 37.57 -70.27
CA LEU D 69 -27.21 38.20 -69.37
C LEU D 69 -26.40 39.28 -70.08
N ASN D 70 -26.07 39.07 -71.35
CA ASN D 70 -25.27 40.05 -72.10
C ASN D 70 -26.09 41.23 -72.59
N ASP D 71 -27.41 41.21 -72.43
CA ASP D 71 -28.31 42.26 -72.91
C ASP D 71 -29.31 42.68 -71.84
N LEU D 72 -28.86 42.84 -70.60
CA LEU D 72 -29.75 43.25 -69.51
C LEU D 72 -29.20 44.48 -68.80
N CYS D 73 -30.12 45.35 -68.39
CA CYS D 73 -29.82 46.56 -67.65
C CYS D 73 -30.30 46.42 -66.21
N PHE D 74 -29.61 47.10 -65.30
CA PHE D 74 -29.95 47.05 -63.87
C PHE D 74 -29.86 48.46 -63.29
N THR D 75 -30.65 48.68 -62.22
CA THR D 75 -30.67 49.99 -61.56
C THR D 75 -29.35 50.30 -60.89
N ASN D 76 -28.93 49.45 -59.94
CA ASN D 76 -27.66 49.63 -59.26
C ASN D 76 -27.04 48.26 -59.05
N VAL D 77 -25.71 48.23 -58.95
CA VAL D 77 -24.96 47.00 -58.75
C VAL D 77 -24.09 47.15 -57.51
N TYR D 78 -24.16 46.17 -56.62
CA TYR D 78 -23.34 46.13 -55.42
C TYR D 78 -22.36 44.97 -55.53
N ALA D 79 -21.10 45.24 -55.23
CA ALA D 79 -20.04 44.23 -55.25
C ALA D 79 -19.59 43.96 -53.82
N ASP D 80 -20.01 42.82 -53.28
CA ASP D 80 -19.63 42.40 -51.93
C ASP D 80 -18.46 41.43 -52.00
N SER D 81 -17.42 41.69 -51.21
CA SER D 81 -16.21 40.88 -51.22
C SER D 81 -15.85 40.43 -49.80
N PHE D 82 -15.36 39.19 -49.69
CA PHE D 82 -14.95 38.61 -48.42
C PHE D 82 -14.12 37.37 -48.70
N VAL D 83 -13.61 36.75 -47.64
CA VAL D 83 -12.83 35.52 -47.73
C VAL D 83 -13.43 34.47 -46.81
N ILE D 84 -13.68 33.27 -47.34
CA ILE D 84 -14.21 32.15 -46.59
C ILE D 84 -13.32 30.93 -46.84
N ARG D 85 -13.71 29.80 -46.25
CA ARG D 85 -13.02 28.54 -46.46
C ARG D 85 -13.37 28.00 -47.85
N GLY D 86 -12.60 26.99 -48.29
CA GLY D 86 -12.81 26.43 -49.60
C GLY D 86 -14.15 25.72 -49.74
N ASP D 87 -14.47 24.83 -48.81
CA ASP D 87 -15.71 24.06 -48.87
C ASP D 87 -16.93 24.87 -48.45
N GLU D 88 -16.75 26.11 -47.99
CA GLU D 88 -17.86 26.98 -47.62
C GLU D 88 -18.38 27.81 -48.79
N VAL D 89 -17.70 27.80 -49.93
CA VAL D 89 -18.13 28.59 -51.08
C VAL D 89 -19.49 28.12 -51.58
N ARG D 90 -19.79 26.83 -51.39
CA ARG D 90 -21.10 26.32 -51.79
C ARG D 90 -22.24 26.96 -50.99
N GLN D 91 -21.95 27.57 -49.84
CA GLN D 91 -22.97 28.24 -49.06
C GLN D 91 -23.33 29.62 -49.58
N ILE D 92 -22.49 30.21 -50.44
CA ILE D 92 -22.78 31.55 -50.99
C ILE D 92 -23.66 31.30 -52.22
N ALA D 93 -24.94 31.12 -51.95
CA ALA D 93 -25.95 30.81 -52.96
C ALA D 93 -27.31 30.94 -52.32
N PRO D 94 -28.36 31.25 -53.08
CA PRO D 94 -29.70 31.35 -52.48
C PRO D 94 -30.14 30.01 -51.90
N GLY D 95 -30.88 30.08 -50.79
CA GLY D 95 -31.42 28.88 -50.18
C GLY D 95 -30.37 27.92 -49.65
N GLN D 96 -29.35 28.44 -48.98
CA GLN D 96 -28.29 27.62 -48.41
C GLN D 96 -28.25 27.82 -46.91
N THR D 97 -27.75 26.81 -46.19
CA THR D 97 -27.62 26.89 -44.76
C THR D 97 -26.24 26.39 -44.31
N GLY D 98 -25.78 26.93 -43.19
CA GLY D 98 -24.47 26.60 -42.67
C GLY D 98 -23.98 27.74 -41.80
N LYS D 99 -22.73 27.57 -41.35
CA LYS D 99 -22.15 28.57 -40.44
C LYS D 99 -22.02 29.93 -41.12
N ILE D 100 -21.57 29.95 -42.37
CA ILE D 100 -21.40 31.22 -43.08
C ILE D 100 -22.74 31.81 -43.48
N ALA D 101 -23.63 30.98 -44.02
CA ALA D 101 -24.89 31.50 -44.54
C ALA D 101 -25.77 32.04 -43.42
N ASP D 102 -25.76 31.39 -42.26
CA ASP D 102 -26.66 31.77 -41.18
C ASP D 102 -26.12 32.90 -40.32
N TYR D 103 -24.80 33.01 -40.18
CA TYR D 103 -24.23 33.94 -39.22
C TYR D 103 -23.28 34.97 -39.82
N ASN D 104 -22.87 34.81 -41.08
CA ASN D 104 -21.89 35.72 -41.65
C ASN D 104 -22.37 36.45 -42.90
N TYR D 105 -22.95 35.73 -43.87
CA TYR D 105 -23.35 36.37 -45.13
C TYR D 105 -24.48 35.55 -45.76
N LYS D 106 -25.69 36.12 -45.78
CA LYS D 106 -26.87 35.44 -46.28
C LYS D 106 -27.37 36.13 -47.54
N LEU D 107 -27.62 35.35 -48.58
CA LEU D 107 -28.22 35.78 -49.84
C LEU D 107 -29.72 35.51 -49.83
N PRO D 108 -30.50 36.41 -50.42
CA PRO D 108 -31.95 36.19 -50.48
C PRO D 108 -32.28 35.03 -51.39
N ASP D 109 -33.42 34.40 -51.12
CA ASP D 109 -33.84 33.24 -51.92
C ASP D 109 -34.12 33.63 -53.37
N ASP D 110 -34.41 34.90 -53.63
CA ASP D 110 -34.65 35.42 -54.97
C ASP D 110 -33.45 36.22 -55.49
N PHE D 111 -32.24 35.76 -55.18
CA PHE D 111 -31.03 36.52 -55.52
C PHE D 111 -30.86 36.61 -57.04
N THR D 112 -30.59 37.83 -57.50
CA THR D 112 -30.34 38.11 -58.92
C THR D 112 -28.93 38.68 -59.04
N GLY D 113 -27.98 37.82 -59.38
CA GLY D 113 -26.60 38.26 -59.51
C GLY D 113 -25.69 37.08 -59.73
N CYS D 114 -24.38 37.35 -59.69
CA CYS D 114 -23.37 36.32 -59.90
C CYS D 114 -22.46 36.24 -58.69
N VAL D 115 -21.99 35.02 -58.42
CA VAL D 115 -21.05 34.76 -57.33
C VAL D 115 -19.76 34.26 -57.96
N ILE D 116 -18.67 34.97 -57.71
CA ILE D 116 -17.37 34.65 -58.27
C ILE D 116 -16.42 34.35 -57.13
N ALA D 117 -15.66 33.27 -57.25
CA ALA D 117 -14.69 32.89 -56.21
C ALA D 117 -13.48 32.25 -56.87
N TRP D 118 -12.34 32.38 -56.21
CA TRP D 118 -11.10 31.80 -56.71
C TRP D 118 -10.14 31.58 -55.55
N ASN D 119 -9.32 30.55 -55.68
CA ASN D 119 -8.37 30.19 -54.63
C ASN D 119 -7.30 31.27 -54.49
N SER D 120 -7.04 31.68 -53.25
CA SER D 120 -6.05 32.71 -52.95
C SER D 120 -5.09 32.24 -51.88
N ASN D 121 -4.69 30.96 -51.96
CA ASN D 121 -3.78 30.42 -50.95
C ASN D 121 -2.41 31.09 -51.05
N ASN D 122 -2.03 31.58 -52.23
CA ASN D 122 -0.76 32.27 -52.39
C ASN D 122 -0.79 33.69 -51.86
N LEU D 123 -1.95 34.20 -51.46
CA LEU D 123 -2.08 35.55 -50.92
C LEU D 123 -2.54 35.57 -49.48
N ASP D 124 -3.49 34.71 -49.11
CA ASP D 124 -4.15 34.78 -47.81
C ASP D 124 -3.71 33.67 -46.85
N SER D 125 -2.70 32.89 -47.19
CA SER D 125 -2.16 31.87 -46.28
C SER D 125 -0.71 32.18 -45.96
N LYS D 126 -0.38 32.18 -44.68
CA LYS D 126 0.98 32.45 -44.22
C LYS D 126 1.51 31.23 -43.46
N VAL D 127 2.83 31.10 -43.44
CA VAL D 127 3.46 29.99 -42.73
C VAL D 127 3.17 30.12 -41.23
N GLY D 128 2.72 29.02 -40.63
CA GLY D 128 2.29 29.02 -39.25
C GLY D 128 0.84 29.42 -39.04
N GLY D 129 0.14 29.78 -40.10
CA GLY D 129 -1.27 30.12 -39.99
C GLY D 129 -1.51 31.62 -40.08
N ASN D 130 -2.36 32.02 -41.02
CA ASN D 130 -2.77 33.41 -41.15
C ASN D 130 -4.02 33.60 -40.32
N TYR D 131 -3.90 34.33 -39.21
CA TYR D 131 -5.00 34.50 -38.27
C TYR D 131 -5.66 35.87 -38.38
N ASN D 132 -5.59 36.50 -39.56
CA ASN D 132 -6.20 37.81 -39.75
C ASN D 132 -7.64 37.72 -40.25
N TYR D 133 -8.04 36.60 -40.82
CA TYR D 133 -9.40 36.40 -41.31
C TYR D 133 -10.24 35.72 -40.24
N LEU D 134 -11.45 36.23 -40.02
CA LEU D 134 -12.32 35.72 -38.98
C LEU D 134 -13.68 35.37 -39.55
N TYR D 135 -14.46 34.62 -38.77
CA TYR D 135 -15.84 34.31 -39.11
C TYR D 135 -16.63 34.26 -37.82
N ARG D 136 -17.95 34.53 -37.92
CA ARG D 136 -18.81 34.55 -36.75
C ARG D 136 -19.26 33.14 -36.40
N LEU D 137 -19.07 32.76 -35.14
CA LEU D 137 -19.36 31.40 -34.70
C LEU D 137 -20.85 31.16 -34.55
N PHE D 138 -21.55 32.06 -33.87
CA PHE D 138 -22.96 31.85 -33.58
C PHE D 138 -23.64 33.20 -33.42
N ARG D 139 -24.94 33.19 -33.62
CA ARG D 139 -25.77 34.38 -33.46
C ARG D 139 -27.12 33.92 -32.93
N LYS D 140 -27.75 34.76 -32.10
CA LYS D 140 -29.04 34.37 -31.55
C LYS D 140 -30.06 34.09 -32.65
N SER D 141 -30.12 34.96 -33.66
CA SER D 141 -31.02 34.76 -34.78
C SER D 141 -30.22 34.76 -36.07
N ASN D 142 -30.73 34.00 -37.05
CA ASN D 142 -30.06 33.90 -38.34
C ASN D 142 -30.06 35.24 -39.06
N LEU D 143 -29.01 35.47 -39.85
CA LEU D 143 -28.88 36.73 -40.56
C LEU D 143 -29.96 36.87 -41.61
N LYS D 144 -30.56 38.06 -41.67
CA LYS D 144 -31.42 38.41 -42.78
C LYS D 144 -30.55 38.61 -44.03
N PRO D 145 -31.14 38.51 -45.22
CA PRO D 145 -30.34 38.71 -46.44
C PRO D 145 -29.66 40.08 -46.44
N PHE D 146 -28.39 40.07 -46.86
CA PHE D 146 -27.58 41.29 -46.98
C PHE D 146 -27.49 42.05 -45.67
N GLU D 147 -27.26 41.33 -44.57
CA GLU D 147 -27.12 41.91 -43.24
C GLU D 147 -25.70 41.72 -42.74
N ARG D 148 -25.09 42.80 -42.26
CA ARG D 148 -23.73 42.78 -41.74
C ARG D 148 -23.76 42.99 -40.23
N ASP D 149 -23.06 42.13 -39.49
CA ASP D 149 -22.99 42.20 -38.04
C ASP D 149 -21.52 42.13 -37.63
N ILE D 150 -20.95 43.26 -37.23
CA ILE D 150 -19.56 43.31 -36.83
C ILE D 150 -19.41 43.46 -35.32
N SER D 151 -20.45 43.14 -34.56
CA SER D 151 -20.38 43.27 -33.11
C SER D 151 -19.46 42.21 -32.53
N THR D 152 -18.69 42.62 -31.53
CA THR D 152 -17.78 41.74 -30.81
C THR D 152 -18.20 41.58 -29.35
N GLU D 153 -19.50 41.73 -29.07
CA GLU D 153 -19.99 41.51 -27.72
C GLU D 153 -19.83 40.04 -27.35
N ILE D 154 -19.47 39.79 -26.10
CA ILE D 154 -19.26 38.42 -25.66
C ILE D 154 -20.62 37.77 -25.40
N TYR D 155 -20.85 36.62 -26.04
CA TYR D 155 -22.11 35.92 -25.87
C TYR D 155 -22.22 35.41 -24.44
N GLN D 156 -23.36 35.68 -23.80
CA GLN D 156 -23.62 35.23 -22.43
C GLN D 156 -24.52 34.00 -22.50
N ALA D 157 -23.90 32.83 -22.48
CA ALA D 157 -24.66 31.58 -22.53
C ALA D 157 -25.36 31.29 -21.22
N GLY D 158 -24.74 31.67 -20.10
CA GLY D 158 -25.28 31.36 -18.80
C GLY D 158 -26.02 32.52 -18.16
N SER D 159 -26.44 32.28 -16.92
CA SER D 159 -27.16 33.30 -16.15
C SER D 159 -26.20 34.37 -15.64
N THR D 160 -24.99 33.97 -15.26
CA THR D 160 -24.01 34.92 -14.75
C THR D 160 -23.53 35.85 -15.87
N PRO D 161 -23.52 37.16 -15.64
CA PRO D 161 -23.10 38.09 -16.70
C PRO D 161 -21.63 37.94 -17.05
N CYS D 162 -21.28 38.41 -18.25
CA CYS D 162 -19.93 38.24 -18.76
C CYS D 162 -19.04 39.46 -18.53
N ASN D 163 -19.61 40.67 -18.51
CA ASN D 163 -18.85 41.90 -18.31
C ASN D 163 -17.71 42.03 -19.33
N GLY D 164 -17.98 41.57 -20.56
CA GLY D 164 -17.00 41.69 -21.63
C GLY D 164 -15.72 40.93 -21.39
N VAL D 165 -15.77 39.80 -20.69
CA VAL D 165 -14.60 39.00 -20.40
C VAL D 165 -14.88 37.56 -20.82
N GLU D 166 -13.97 36.99 -21.60
CA GLU D 166 -14.10 35.60 -22.01
C GLU D 166 -13.93 34.68 -20.81
N GLY D 167 -14.71 33.61 -20.79
CA GLY D 167 -14.60 32.65 -19.70
C GLY D 167 -15.69 31.61 -19.77
N PHE D 168 -16.00 31.04 -18.61
CA PHE D 168 -17.00 29.98 -18.54
C PHE D 168 -18.36 30.56 -18.88
N ASN D 169 -19.05 29.92 -19.83
CA ASN D 169 -20.35 30.37 -20.34
C ASN D 169 -20.28 31.77 -20.92
N CYS D 170 -19.11 32.20 -21.35
CA CYS D 170 -18.89 33.52 -21.94
C CYS D 170 -17.90 33.35 -23.08
N TYR D 171 -18.39 33.33 -24.30
CA TYR D 171 -17.57 32.97 -25.44
C TYR D 171 -17.47 34.17 -26.38
N PHE D 172 -16.28 34.35 -26.92
CA PHE D 172 -16.07 35.37 -27.93
C PHE D 172 -16.78 34.95 -29.21
N PRO D 173 -17.53 35.84 -29.86
CA PRO D 173 -18.35 35.42 -31.00
C PRO D 173 -17.57 35.18 -32.29
N LEU D 174 -16.29 35.54 -32.36
CA LEU D 174 -15.51 35.42 -33.58
C LEU D 174 -14.42 34.38 -33.43
N GLN D 175 -14.17 33.61 -34.49
CA GLN D 175 -13.10 32.62 -34.53
C GLN D 175 -12.26 32.86 -35.78
N SER D 176 -10.98 32.49 -35.70
CA SER D 176 -10.04 32.75 -36.78
C SER D 176 -9.84 31.50 -37.64
N TYR D 177 -9.57 31.74 -38.92
CA TYR D 177 -9.20 30.66 -39.84
C TYR D 177 -7.73 30.30 -39.66
N GLY D 178 -7.44 29.00 -39.70
CA GLY D 178 -6.06 28.57 -39.65
C GLY D 178 -5.46 28.39 -41.03
N PHE D 179 -5.44 29.47 -41.82
CA PHE D 179 -5.01 29.39 -43.22
C PHE D 179 -3.52 29.15 -43.28
N GLN D 180 -3.13 27.90 -43.50
CA GLN D 180 -1.76 27.48 -43.70
C GLN D 180 -1.58 26.96 -45.12
N PRO D 181 -0.42 27.18 -45.73
CA PRO D 181 -0.23 26.73 -47.12
C PRO D 181 -0.31 25.21 -47.29
N THR D 182 -0.11 24.45 -46.21
CA THR D 182 -0.12 23.00 -46.27
C THR D 182 -1.50 22.40 -46.05
N ASN D 183 -2.52 23.22 -45.84
CA ASN D 183 -3.86 22.69 -45.60
C ASN D 183 -4.42 22.05 -46.88
N GLY D 184 -5.41 21.19 -46.69
CA GLY D 184 -6.10 20.62 -47.82
C GLY D 184 -6.92 21.65 -48.56
N VAL D 185 -7.31 21.30 -49.78
CA VAL D 185 -7.99 22.26 -50.66
C VAL D 185 -9.27 22.76 -50.02
N GLY D 186 -9.96 21.90 -49.28
CA GLY D 186 -11.21 22.31 -48.65
C GLY D 186 -11.03 23.31 -47.53
N TYR D 187 -9.81 23.47 -47.02
CA TYR D 187 -9.54 24.39 -45.92
C TYR D 187 -8.69 25.59 -46.33
N GLN D 188 -8.47 25.80 -47.63
CA GLN D 188 -7.65 26.90 -48.13
C GLN D 188 -8.47 28.16 -48.30
N PRO D 189 -7.81 29.33 -48.27
CA PRO D 189 -8.54 30.60 -48.44
C PRO D 189 -9.10 30.75 -49.84
N TYR D 190 -10.32 31.28 -49.92
CA TYR D 190 -10.95 31.58 -51.19
C TYR D 190 -11.53 32.98 -51.12
N ARG D 191 -11.15 33.83 -52.06
CA ARG D 191 -11.71 35.17 -52.17
C ARG D 191 -12.99 35.10 -52.98
N VAL D 192 -14.06 35.70 -52.46
CA VAL D 192 -15.38 35.65 -53.07
C VAL D 192 -15.85 37.07 -53.36
N VAL D 193 -16.45 37.26 -54.54
CA VAL D 193 -17.09 38.52 -54.90
C VAL D 193 -18.51 38.21 -55.36
N VAL D 194 -19.49 38.84 -54.73
CA VAL D 194 -20.90 38.64 -55.03
C VAL D 194 -21.43 39.92 -55.67
N LEU D 195 -21.80 39.82 -56.94
CA LEU D 195 -22.37 40.93 -57.68
C LEU D 195 -23.88 40.89 -57.54
N SER D 196 -24.47 41.93 -56.96
CA SER D 196 -25.91 42.03 -56.80
C SER D 196 -26.48 42.98 -57.83
N PHE D 197 -27.56 42.56 -58.50
CA PHE D 197 -28.22 43.34 -59.52
C PHE D 197 -29.56 43.82 -58.99
N GLU D 198 -29.77 45.13 -58.99
CA GLU D 198 -30.98 45.74 -58.44
C GLU D 198 -31.92 46.12 -59.59
N LEU D 199 -33.17 45.64 -59.50
CA LEU D 199 -34.19 45.89 -60.53
C LEU D 199 -35.16 47.00 -60.14
N LEU D 200 -34.67 48.09 -59.55
CA LEU D 200 -35.56 49.16 -59.08
C LEU D 200 -36.10 49.98 -60.25
N HIS D 201 -37.25 50.61 -60.02
CA HIS D 201 -37.89 51.46 -61.02
C HIS D 201 -37.19 52.82 -61.08
N ALA D 202 -35.96 52.79 -61.55
CA ALA D 202 -35.09 53.95 -61.67
C ALA D 202 -34.27 53.77 -62.94
N PRO D 203 -33.71 54.86 -63.48
CA PRO D 203 -32.88 54.72 -64.68
C PRO D 203 -31.72 53.77 -64.46
N ALA D 204 -31.46 52.94 -65.47
CA ALA D 204 -30.46 51.90 -65.37
C ALA D 204 -29.07 52.50 -65.45
N THR D 205 -28.27 52.30 -64.39
CA THR D 205 -26.90 52.79 -64.35
C THR D 205 -25.88 51.76 -64.82
N VAL D 206 -26.27 50.49 -64.95
CA VAL D 206 -25.39 49.43 -65.44
C VAL D 206 -26.13 48.60 -66.47
N CYS D 207 -25.53 48.43 -67.65
CA CYS D 207 -26.12 47.65 -68.73
C CYS D 207 -25.06 46.74 -69.33
N GLY D 208 -25.48 45.89 -70.27
CA GLY D 208 -24.58 45.03 -71.00
C GLY D 208 -24.13 45.57 -72.35
N PRO D 209 -25.09 45.90 -73.24
CA PRO D 209 -24.72 46.44 -74.56
C PRO D 209 -24.39 47.93 -74.52
N GLN E 1 -34.20 7.13 -27.76
CA GLN E 1 -33.91 8.21 -28.70
C GLN E 1 -32.44 8.62 -28.65
N VAL E 2 -32.15 9.77 -28.03
CA VAL E 2 -30.79 10.29 -28.01
C VAL E 2 -29.94 9.49 -27.03
N GLN E 3 -28.70 9.19 -27.44
CA GLN E 3 -27.76 8.45 -26.59
C GLN E 3 -26.35 8.93 -26.87
N LEU E 4 -25.50 8.83 -25.85
CA LEU E 4 -24.08 9.18 -25.96
C LEU E 4 -23.25 7.89 -25.90
N VAL E 5 -22.50 7.62 -26.96
CA VAL E 5 -21.68 6.43 -27.08
C VAL E 5 -20.22 6.82 -26.95
N GLN E 6 -19.49 6.17 -26.04
CA GLN E 6 -18.09 6.49 -25.79
C GLN E 6 -17.18 5.42 -26.37
N SER E 7 -15.91 5.77 -26.52
CA SER E 7 -14.93 4.83 -27.04
C SER E 7 -14.69 3.71 -26.03
N GLY E 8 -14.06 2.63 -26.51
CA GLY E 8 -13.77 1.51 -25.65
C GLY E 8 -12.68 1.81 -24.64
N ALA E 9 -12.59 0.95 -23.64
CA ALA E 9 -11.56 1.09 -22.63
C ALA E 9 -10.18 0.88 -23.24
N GLU E 10 -9.21 1.62 -22.71
CA GLU E 10 -7.84 1.58 -23.21
C GLU E 10 -6.88 1.51 -22.02
N VAL E 11 -5.67 1.05 -22.30
CA VAL E 11 -4.57 1.09 -21.33
C VAL E 11 -3.45 1.90 -21.96
N LYS E 12 -2.88 2.83 -21.19
CA LYS E 12 -1.86 3.73 -21.71
C LYS E 12 -0.64 3.72 -20.80
N LYS E 13 0.55 3.71 -21.41
CA LYS E 13 1.79 3.77 -20.64
C LYS E 13 1.93 5.15 -20.00
N PRO E 14 2.47 5.22 -18.79
CA PRO E 14 2.57 6.53 -18.11
C PRO E 14 3.42 7.50 -18.90
N GLY E 15 2.98 8.76 -18.91
CA GLY E 15 3.63 9.81 -19.67
C GLY E 15 3.13 10.01 -21.07
N SER E 16 2.24 9.13 -21.55
CA SER E 16 1.70 9.24 -22.89
C SER E 16 0.40 10.04 -22.86
N SER E 17 -0.33 10.00 -23.96
CA SER E 17 -1.60 10.72 -24.09
C SER E 17 -2.68 9.76 -24.54
N VAL E 18 -3.90 10.02 -24.09
CA VAL E 18 -5.07 9.22 -24.43
C VAL E 18 -6.17 10.16 -24.90
N LYS E 19 -6.92 9.72 -25.91
CA LYS E 19 -8.03 10.50 -26.45
C LYS E 19 -9.27 9.63 -26.44
N VAL E 20 -10.33 10.12 -25.80
CA VAL E 20 -11.58 9.39 -25.64
C VAL E 20 -12.68 10.13 -26.39
N SER E 21 -13.53 9.40 -27.11
CA SER E 21 -14.59 9.98 -27.93
C SER E 21 -15.94 9.90 -27.23
N CYS E 22 -16.90 10.67 -27.76
CA CYS E 22 -18.27 10.73 -27.24
C CYS E 22 -19.19 11.16 -28.37
N LYS E 23 -19.94 10.22 -28.94
CA LYS E 23 -20.82 10.49 -30.06
C LYS E 23 -22.27 10.64 -29.60
N ALA E 24 -22.93 11.72 -30.03
CA ALA E 24 -24.33 11.96 -29.74
C ALA E 24 -25.18 11.52 -30.94
N SER E 25 -26.05 10.54 -30.72
CA SER E 25 -26.86 9.94 -31.77
C SER E 25 -28.35 10.22 -31.56
N GLY E 26 -28.93 11.08 -32.41
CA GLY E 26 -30.37 11.24 -32.42
C GLY E 26 -30.91 12.60 -32.02
N GLY E 27 -30.08 13.61 -31.76
CA GLY E 27 -30.57 14.92 -31.40
C GLY E 27 -29.59 15.98 -31.88
N THR E 28 -29.90 17.22 -31.52
CA THR E 28 -28.96 18.30 -31.80
C THR E 28 -27.67 18.08 -30.99
N PHE E 29 -26.59 18.58 -31.51
CA PHE E 29 -25.29 18.44 -30.88
C PHE E 29 -24.58 19.78 -30.72
N ASN E 30 -24.70 20.68 -31.69
CA ASN E 30 -23.87 21.87 -31.70
C ASN E 30 -24.21 22.81 -30.57
N ARG E 31 -25.49 22.99 -30.27
CA ARG E 31 -25.92 24.00 -29.32
C ARG E 31 -25.93 23.51 -27.88
N TYR E 32 -25.64 22.24 -27.62
CA TYR E 32 -25.58 21.74 -26.26
C TYR E 32 -24.20 21.98 -25.66
N ALA E 33 -24.09 21.74 -24.36
CA ALA E 33 -22.82 21.81 -23.65
C ALA E 33 -22.43 20.41 -23.21
N PHE E 34 -21.26 19.95 -23.66
CA PHE E 34 -20.76 18.61 -23.35
C PHE E 34 -19.58 18.72 -22.40
N SER E 35 -19.69 18.04 -21.26
CA SER E 35 -18.65 18.04 -20.24
C SER E 35 -18.06 16.64 -20.09
N TRP E 36 -16.88 16.60 -19.48
CA TRP E 36 -16.21 15.35 -19.15
C TRP E 36 -16.02 15.29 -17.65
N VAL E 37 -16.64 14.30 -17.01
CA VAL E 37 -16.55 14.11 -15.57
C VAL E 37 -15.76 12.84 -15.29
N ARG E 38 -14.74 12.94 -14.45
CA ARG E 38 -13.83 11.85 -14.13
C ARG E 38 -14.20 11.26 -12.78
N GLN E 39 -14.04 9.94 -12.66
CA GLN E 39 -14.30 9.25 -11.40
C GLN E 39 -13.22 8.21 -11.17
N ALA E 40 -12.28 8.51 -10.27
CA ALA E 40 -11.26 7.55 -9.92
C ALA E 40 -11.88 6.35 -9.20
N PRO E 41 -11.25 5.18 -9.28
CA PRO E 41 -11.82 3.99 -8.62
C PRO E 41 -12.01 4.22 -7.13
N GLY E 42 -13.25 4.04 -6.67
CA GLY E 42 -13.60 4.23 -5.28
C GLY E 42 -13.79 5.67 -4.86
N GLN E 43 -13.61 6.62 -5.78
CA GLN E 43 -13.65 8.04 -5.48
C GLN E 43 -14.91 8.69 -6.06
N GLY E 44 -15.04 9.98 -5.81
CA GLY E 44 -16.19 10.74 -6.24
C GLY E 44 -16.05 11.26 -7.65
N LEU E 45 -17.04 12.07 -8.04
CA LEU E 45 -17.08 12.66 -9.37
C LEU E 45 -16.27 13.94 -9.39
N GLU E 46 -15.59 14.17 -10.51
CA GLU E 46 -14.68 15.30 -10.64
C GLU E 46 -14.84 15.90 -12.04
N TRP E 47 -15.23 17.17 -12.10
CA TRP E 47 -15.43 17.83 -13.40
C TRP E 47 -14.10 18.24 -13.99
N MET E 48 -13.87 17.85 -15.23
CA MET E 48 -12.62 18.16 -15.90
C MET E 48 -12.74 19.35 -16.84
N GLY E 49 -13.88 19.52 -17.48
CA GLY E 49 -14.07 20.59 -18.43
C GLY E 49 -15.26 20.31 -19.31
N GLY E 50 -15.57 21.28 -20.15
CA GLY E 50 -16.70 21.13 -21.04
C GLY E 50 -16.54 22.05 -22.23
N ILE E 51 -17.47 21.92 -23.17
CA ILE E 51 -17.41 22.71 -24.39
C ILE E 51 -18.81 22.81 -24.98
N ILE E 52 -19.14 23.98 -25.53
CA ILE E 52 -20.29 24.15 -26.40
C ILE E 52 -19.77 24.14 -27.82
N PRO E 53 -19.98 23.08 -28.61
CA PRO E 53 -19.24 22.93 -29.87
C PRO E 53 -19.42 24.07 -30.84
N ILE E 54 -20.58 24.73 -30.81
CA ILE E 54 -20.84 25.79 -31.79
C ILE E 54 -19.89 26.97 -31.59
N PHE E 55 -19.44 27.21 -30.35
CA PHE E 55 -18.44 28.25 -30.10
C PHE E 55 -17.01 27.74 -30.16
N GLY E 56 -16.80 26.43 -30.12
CA GLY E 56 -15.49 25.85 -30.32
C GLY E 56 -14.52 25.96 -29.16
N THR E 57 -14.70 26.95 -28.29
CA THR E 57 -13.79 27.14 -27.17
C THR E 57 -14.33 26.42 -25.93
N ALA E 58 -13.46 25.64 -25.31
CA ALA E 58 -13.80 24.83 -24.14
C ALA E 58 -13.33 25.51 -22.86
N ASN E 59 -13.99 25.15 -21.76
CA ASN E 59 -13.65 25.66 -20.44
C ASN E 59 -13.26 24.48 -19.56
N TYR E 60 -12.06 24.54 -18.98
CA TYR E 60 -11.52 23.44 -18.21
C TYR E 60 -11.56 23.78 -16.72
N ALA E 61 -11.46 22.73 -15.91
CA ALA E 61 -11.22 22.90 -14.49
C ALA E 61 -9.76 23.26 -14.26
N GLN E 62 -9.52 24.09 -13.25
CA GLN E 62 -8.17 24.58 -13.02
C GLN E 62 -7.21 23.44 -12.70
N LYS E 63 -7.73 22.34 -12.13
CA LYS E 63 -6.87 21.22 -11.76
C LYS E 63 -6.23 20.59 -13.00
N PHE E 64 -7.01 20.42 -14.06
CA PHE E 64 -6.53 19.76 -15.27
C PHE E 64 -6.02 20.73 -16.32
N GLN E 65 -6.01 22.04 -16.03
CA GLN E 65 -5.62 23.01 -17.05
C GLN E 65 -4.20 22.74 -17.54
N GLY E 66 -4.02 22.70 -18.85
CA GLY E 66 -2.75 22.44 -19.46
C GLY E 66 -2.48 21.00 -19.84
N ARG E 67 -3.19 20.05 -19.23
CA ARG E 67 -3.01 18.66 -19.57
C ARG E 67 -4.17 18.06 -20.34
N VAL E 68 -5.37 18.63 -20.21
CA VAL E 68 -6.54 18.12 -20.89
C VAL E 68 -6.90 19.09 -22.00
N THR E 69 -7.34 18.54 -23.13
CA THR E 69 -7.76 19.34 -24.29
C THR E 69 -9.10 18.77 -24.74
N ILE E 70 -10.14 19.58 -24.63
CA ILE E 70 -11.50 19.16 -24.94
C ILE E 70 -11.93 19.86 -26.21
N THR E 71 -12.29 19.08 -27.21
CA THR E 71 -12.71 19.59 -28.52
C THR E 71 -13.96 18.86 -28.98
N ALA E 72 -14.50 19.31 -30.11
CA ALA E 72 -15.67 18.68 -30.68
C ALA E 72 -15.62 18.81 -32.20
N ASP E 73 -16.13 17.79 -32.87
CA ASP E 73 -16.24 17.76 -34.33
C ASP E 73 -17.72 17.86 -34.68
N GLU E 74 -18.15 19.06 -35.10
CA GLU E 74 -19.57 19.29 -35.34
C GLU E 74 -20.11 18.46 -36.50
N SER E 75 -19.25 18.07 -37.45
CA SER E 75 -19.69 17.33 -38.62
C SER E 75 -19.97 15.87 -38.30
N THR E 76 -19.45 15.36 -37.19
CA THR E 76 -19.70 13.98 -36.79
C THR E 76 -20.41 13.87 -35.45
N SER E 77 -20.80 14.99 -34.84
CA SER E 77 -21.50 15.02 -33.55
C SER E 77 -20.71 14.24 -32.50
N THR E 78 -19.40 14.50 -32.44
CA THR E 78 -18.52 13.81 -31.53
C THR E 78 -17.71 14.81 -30.71
N ALA E 79 -17.63 14.58 -29.41
CA ALA E 79 -16.84 15.38 -28.50
C ALA E 79 -15.66 14.55 -28.00
N TYR E 80 -14.48 15.17 -27.96
CA TYR E 80 -13.27 14.46 -27.61
C TYR E 80 -12.66 15.02 -26.33
N MET E 81 -11.97 14.14 -25.61
CA MET E 81 -11.16 14.51 -24.45
C MET E 81 -9.79 13.88 -24.61
N GLU E 82 -8.75 14.70 -24.55
CA GLU E 82 -7.38 14.25 -24.66
C GLU E 82 -6.63 14.67 -23.40
N LEU E 83 -6.10 13.69 -22.67
CA LEU E 83 -5.35 13.94 -21.45
C LEU E 83 -3.90 13.52 -21.67
N SER E 84 -2.99 14.50 -21.64
CA SER E 84 -1.57 14.26 -21.84
C SER E 84 -0.84 14.18 -20.50
N SER E 85 0.41 13.71 -20.56
CA SER E 85 1.25 13.51 -19.39
C SER E 85 0.55 12.61 -18.37
N LEU E 86 0.17 11.42 -18.83
CA LEU E 86 -0.60 10.51 -18.00
C LEU E 86 0.22 10.00 -16.82
N ARG E 87 -0.41 9.93 -15.66
CA ARG E 87 0.20 9.49 -14.42
C ARG E 87 -0.66 8.38 -13.83
N SER E 88 -0.18 7.80 -12.72
CA SER E 88 -0.92 6.73 -12.07
C SER E 88 -2.28 7.21 -11.57
N GLU E 89 -2.33 8.43 -11.05
CA GLU E 89 -3.59 8.98 -10.53
C GLU E 89 -4.65 9.17 -11.61
N ASP E 90 -4.24 9.27 -12.88
CA ASP E 90 -5.19 9.48 -13.96
C ASP E 90 -6.00 8.24 -14.30
N THR E 91 -5.69 7.10 -13.70
CA THR E 91 -6.48 5.88 -13.89
C THR E 91 -7.87 6.10 -13.31
N ALA E 92 -8.88 6.14 -14.16
CA ALA E 92 -10.25 6.44 -13.74
C ALA E 92 -11.19 6.09 -14.89
N VAL E 93 -12.48 6.28 -14.64
CA VAL E 93 -13.53 6.16 -15.67
C VAL E 93 -13.90 7.57 -16.11
N TYR E 94 -13.93 7.79 -17.42
CA TYR E 94 -14.18 9.10 -17.99
C TYR E 94 -15.57 9.12 -18.63
N TYR E 95 -16.47 9.89 -18.04
CA TYR E 95 -17.83 10.05 -18.53
C TYR E 95 -17.96 11.33 -19.34
N CYS E 96 -18.87 11.32 -20.31
CA CYS E 96 -19.25 12.52 -21.04
C CYS E 96 -20.73 12.77 -20.79
N ALA E 97 -21.05 14.00 -20.39
CA ALA E 97 -22.41 14.37 -19.99
C ALA E 97 -22.84 15.60 -20.77
N ARG E 98 -24.12 15.66 -21.09
CA ARG E 98 -24.68 16.74 -21.89
C ARG E 98 -25.62 17.59 -21.05
N SER E 99 -25.58 18.90 -21.27
CA SER E 99 -26.43 19.82 -20.54
C SER E 99 -27.89 19.62 -20.96
N THR E 100 -28.79 20.04 -20.07
CA THR E 100 -30.21 19.83 -20.31
C THR E 100 -30.79 20.81 -21.32
N ARG E 101 -30.20 21.99 -21.48
CA ARG E 101 -30.72 23.03 -22.36
C ARG E 101 -29.78 23.24 -23.55
N GLU E 102 -30.33 23.80 -24.62
CA GLU E 102 -29.55 24.14 -25.80
C GLU E 102 -29.16 25.61 -25.80
N LEU E 103 -28.23 25.96 -26.69
CA LEU E 103 -27.62 27.28 -26.65
C LEU E 103 -28.59 28.45 -26.82
N PRO E 104 -29.61 28.41 -27.69
CA PRO E 104 -30.50 29.58 -27.77
C PRO E 104 -31.11 29.94 -26.43
N GLU E 105 -31.40 28.94 -25.59
CA GLU E 105 -31.87 29.17 -24.23
C GLU E 105 -30.67 29.41 -23.31
N VAL E 106 -30.92 29.45 -22.00
CA VAL E 106 -29.85 29.68 -21.03
C VAL E 106 -29.26 28.34 -20.62
N VAL E 107 -27.96 28.17 -20.86
CA VAL E 107 -27.27 26.90 -20.65
C VAL E 107 -26.68 26.91 -19.24
N ASP E 108 -27.36 26.26 -18.31
CA ASP E 108 -26.82 25.97 -17.00
C ASP E 108 -26.24 24.56 -17.04
N TRP E 109 -25.05 24.39 -16.46
CA TRP E 109 -24.28 23.16 -16.65
C TRP E 109 -24.62 22.10 -15.59
N TYR E 110 -25.88 21.67 -15.60
CA TYR E 110 -26.28 20.43 -14.94
C TYR E 110 -26.78 19.47 -16.02
N PHE E 111 -26.42 18.20 -15.89
CA PHE E 111 -26.39 17.28 -17.01
C PHE E 111 -27.50 16.24 -16.92
N ASP E 112 -28.26 16.12 -18.01
CA ASP E 112 -29.42 15.24 -18.09
C ASP E 112 -29.12 13.90 -18.74
N LEU E 113 -28.17 13.86 -19.67
CA LEU E 113 -27.81 12.66 -20.41
C LEU E 113 -26.35 12.34 -20.17
N TRP E 114 -26.05 11.06 -19.97
CA TRP E 114 -24.70 10.61 -19.63
C TRP E 114 -24.25 9.48 -20.55
N GLY E 115 -22.93 9.35 -20.66
CA GLY E 115 -22.33 8.22 -21.35
C GLY E 115 -22.03 7.07 -20.40
N ARG E 116 -21.90 5.87 -20.97
CA ARG E 116 -21.71 4.68 -20.16
C ARG E 116 -20.34 4.62 -19.49
N GLY E 117 -19.40 5.41 -19.95
CA GLY E 117 -18.12 5.53 -19.30
C GLY E 117 -17.01 4.83 -20.08
N THR E 118 -15.82 5.40 -20.01
CA THR E 118 -14.62 4.80 -20.60
C THR E 118 -13.56 4.71 -19.51
N LEU E 119 -13.09 3.49 -19.24
CA LEU E 119 -12.07 3.26 -18.23
C LEU E 119 -10.69 3.34 -18.89
N VAL E 120 -9.86 4.26 -18.40
CA VAL E 120 -8.49 4.43 -18.85
C VAL E 120 -7.57 3.99 -17.73
N THR E 121 -6.78 2.96 -17.99
CA THR E 121 -5.87 2.39 -17.02
C THR E 121 -4.45 2.78 -17.39
N VAL E 122 -3.71 3.34 -16.45
CA VAL E 122 -2.36 3.83 -16.73
C VAL E 122 -1.36 2.96 -15.96
N SER E 123 -0.63 2.12 -16.69
CA SER E 123 0.39 1.27 -16.09
C SER E 123 1.41 0.90 -17.16
N SER E 124 2.60 0.49 -16.68
CA SER E 124 3.65 0.00 -17.56
C SER E 124 3.42 -1.42 -18.05
N ALA E 125 2.48 -2.14 -17.44
CA ALA E 125 2.19 -3.51 -17.85
C ALA E 125 1.45 -3.52 -19.18
N SER E 126 1.52 -4.65 -19.87
CA SER E 126 0.82 -4.82 -21.13
C SER E 126 -0.38 -5.72 -20.96
N THR E 127 -1.33 -5.59 -21.89
CA THR E 127 -2.60 -6.29 -21.81
C THR E 127 -2.41 -7.80 -21.85
N LYS E 128 -3.24 -8.51 -21.10
CA LYS E 128 -3.24 -9.97 -21.11
C LYS E 128 -4.67 -10.44 -21.24
N GLY E 129 -4.90 -11.35 -22.19
CA GLY E 129 -6.22 -11.91 -22.37
C GLY E 129 -6.60 -12.86 -21.26
N PRO E 130 -7.87 -12.86 -20.87
CA PRO E 130 -8.32 -13.74 -19.80
C PRO E 130 -8.47 -15.17 -20.31
N SER E 131 -8.42 -16.09 -19.35
CA SER E 131 -8.80 -17.48 -19.57
C SER E 131 -10.16 -17.69 -18.96
N VAL E 132 -11.08 -18.27 -19.74
CA VAL E 132 -12.45 -18.50 -19.29
C VAL E 132 -12.63 -20.00 -19.08
N PHE E 133 -12.89 -20.39 -17.83
CA PHE E 133 -13.12 -21.76 -17.42
C PHE E 133 -14.53 -21.94 -16.88
N PRO E 134 -15.17 -23.08 -17.13
CA PRO E 134 -16.53 -23.32 -16.66
C PRO E 134 -16.57 -23.79 -15.21
N LEU E 135 -17.58 -23.32 -14.47
CA LEU E 135 -17.86 -23.81 -13.13
C LEU E 135 -19.00 -24.83 -13.24
N ALA E 136 -18.63 -26.09 -13.45
CA ALA E 136 -19.62 -27.12 -13.73
C ALA E 136 -20.43 -27.43 -12.48
N PRO E 137 -21.76 -27.49 -12.59
CA PRO E 137 -22.57 -27.91 -11.44
C PRO E 137 -22.48 -29.41 -11.23
N SER E 138 -22.63 -29.81 -9.96
CA SER E 138 -22.61 -31.21 -9.58
C SER E 138 -23.56 -31.41 -8.42
N SER E 139 -23.52 -32.59 -7.80
CA SER E 139 -24.27 -32.80 -6.57
C SER E 139 -23.71 -32.00 -5.41
N LYS E 140 -22.49 -31.46 -5.55
CA LYS E 140 -21.85 -30.61 -4.56
C LYS E 140 -22.23 -29.13 -4.68
N SER E 141 -22.98 -28.76 -5.73
CA SER E 141 -23.49 -27.41 -5.91
C SER E 141 -25.01 -27.40 -5.83
N THR E 142 -25.57 -28.32 -5.04
CA THR E 142 -27.01 -28.51 -4.90
C THR E 142 -27.39 -28.53 -3.41
N SER E 143 -27.12 -27.42 -2.72
CA SER E 143 -27.52 -27.32 -1.32
C SER E 143 -29.04 -27.24 -1.19
N GLY E 144 -29.71 -26.72 -2.21
CA GLY E 144 -31.15 -26.84 -2.33
C GLY E 144 -31.45 -27.61 -3.60
N GLY E 145 -32.73 -27.72 -3.95
CA GLY E 145 -33.10 -28.33 -5.22
C GLY E 145 -32.69 -27.53 -6.43
N THR E 146 -32.19 -26.31 -6.23
CA THR E 146 -31.67 -25.48 -7.31
C THR E 146 -30.15 -25.56 -7.32
N ALA E 147 -29.60 -25.76 -8.51
CA ALA E 147 -28.16 -25.89 -8.72
C ALA E 147 -27.58 -24.59 -9.26
N ALA E 148 -26.31 -24.36 -8.94
CA ALA E 148 -25.59 -23.17 -9.37
C ALA E 148 -24.51 -23.55 -10.39
N LEU E 149 -24.30 -22.67 -11.35
CA LEU E 149 -23.27 -22.86 -12.36
C LEU E 149 -22.81 -21.49 -12.84
N GLY E 150 -21.62 -21.47 -13.42
CA GLY E 150 -21.08 -20.22 -13.93
C GLY E 150 -19.79 -20.46 -14.67
N CYS E 151 -19.10 -19.36 -14.98
CA CYS E 151 -17.77 -19.44 -15.55
C CYS E 151 -16.86 -18.44 -14.86
N LEU E 152 -15.59 -18.82 -14.74
CA LEU E 152 -14.56 -18.04 -14.07
C LEU E 152 -13.66 -17.38 -15.11
N VAL E 153 -13.60 -16.05 -15.09
CA VAL E 153 -12.75 -15.28 -15.99
C VAL E 153 -11.51 -14.88 -15.21
N LYS E 154 -10.38 -15.54 -15.48
CA LYS E 154 -9.20 -15.44 -14.62
C LYS E 154 -8.01 -14.89 -15.39
N ASP E 155 -7.16 -14.14 -14.67
CA ASP E 155 -5.85 -13.69 -15.12
C ASP E 155 -5.95 -12.81 -16.37
N TYR E 156 -6.57 -11.64 -16.18
CA TYR E 156 -6.67 -10.64 -17.22
C TYR E 156 -6.26 -9.27 -16.70
N PHE E 157 -5.79 -8.43 -17.62
CA PHE E 157 -5.39 -7.07 -17.29
C PHE E 157 -5.38 -6.27 -18.58
N PRO E 158 -5.90 -5.02 -18.59
CA PRO E 158 -6.52 -4.36 -17.44
C PRO E 158 -8.01 -4.57 -17.37
N GLU E 159 -8.67 -3.79 -16.53
CA GLU E 159 -10.12 -3.76 -16.50
C GLU E 159 -10.65 -3.10 -17.77
N PRO E 160 -11.92 -3.35 -18.14
CA PRO E 160 -12.88 -4.29 -17.54
C PRO E 160 -13.17 -5.51 -18.41
N VAL E 161 -14.02 -6.39 -17.89
CA VAL E 161 -14.54 -7.54 -18.61
C VAL E 161 -16.05 -7.50 -18.50
N THR E 162 -16.73 -7.70 -19.62
CA THR E 162 -18.18 -7.77 -19.67
C THR E 162 -18.62 -9.23 -19.80
N VAL E 163 -19.51 -9.67 -18.92
CA VAL E 163 -20.00 -11.05 -18.94
C VAL E 163 -21.51 -11.03 -19.04
N SER E 164 -22.04 -11.59 -20.12
CA SER E 164 -23.46 -11.84 -20.24
C SER E 164 -23.69 -13.34 -20.37
N TRP E 165 -24.95 -13.75 -20.22
CA TRP E 165 -25.34 -15.15 -20.30
C TRP E 165 -26.34 -15.33 -21.43
N ASN E 166 -26.11 -16.33 -22.27
CA ASN E 166 -27.02 -16.67 -23.36
C ASN E 166 -27.31 -15.46 -24.24
N SER E 167 -26.26 -14.68 -24.51
CA SER E 167 -26.35 -13.48 -25.33
C SER E 167 -27.39 -12.49 -24.80
N GLY E 168 -27.52 -12.42 -23.48
CA GLY E 168 -28.45 -11.50 -22.85
C GLY E 168 -29.85 -12.03 -22.62
N ALA E 169 -30.16 -13.25 -23.06
CA ALA E 169 -31.50 -13.81 -22.86
C ALA E 169 -31.72 -14.22 -21.41
N LEU E 170 -30.66 -14.58 -20.69
CA LEU E 170 -30.74 -15.01 -19.30
C LEU E 170 -30.18 -13.90 -18.42
N THR E 171 -31.05 -13.27 -17.63
CA THR E 171 -30.63 -12.24 -16.70
C THR E 171 -31.12 -12.45 -15.28
N SER E 172 -32.15 -13.25 -15.06
CA SER E 172 -32.70 -13.43 -13.72
C SER E 172 -31.86 -14.41 -12.92
N GLY E 173 -31.55 -14.05 -11.68
CA GLY E 173 -30.74 -14.92 -10.84
C GLY E 173 -29.27 -14.93 -11.21
N VAL E 174 -28.81 -13.93 -11.96
CA VAL E 174 -27.42 -13.86 -12.41
C VAL E 174 -26.65 -12.96 -11.44
N HIS E 175 -25.47 -13.41 -11.04
CA HIS E 175 -24.57 -12.64 -10.19
C HIS E 175 -23.21 -12.62 -10.84
N THR E 176 -22.81 -11.46 -11.35
CA THR E 176 -21.47 -11.27 -11.90
C THR E 176 -20.66 -10.47 -10.88
N PHE E 177 -19.66 -11.10 -10.31
CA PHE E 177 -18.94 -10.49 -9.20
C PHE E 177 -17.96 -9.42 -9.68
N PRO E 178 -17.71 -8.41 -8.84
CA PRO E 178 -16.67 -7.43 -9.18
C PRO E 178 -15.31 -8.10 -9.25
N ALA E 179 -14.45 -7.53 -10.10
CA ALA E 179 -13.12 -8.11 -10.25
C ALA E 179 -12.37 -8.04 -8.93
N VAL E 180 -11.49 -9.01 -8.72
CA VAL E 180 -10.65 -9.07 -7.54
C VAL E 180 -9.21 -9.17 -8.00
N LEU E 181 -8.35 -8.35 -7.41
CA LEU E 181 -6.93 -8.34 -7.75
C LEU E 181 -6.26 -9.55 -7.10
N GLN E 182 -5.63 -10.39 -7.90
CA GLN E 182 -5.08 -11.64 -7.39
C GLN E 182 -3.71 -11.45 -6.75
N SER E 183 -3.12 -12.57 -6.32
CA SER E 183 -1.80 -12.56 -5.70
C SER E 183 -0.76 -12.01 -6.65
N SER E 184 -0.86 -12.38 -7.93
CA SER E 184 -0.09 -11.73 -8.99
C SER E 184 -0.70 -10.35 -9.22
N GLY E 185 -0.23 -9.66 -10.24
CA GLY E 185 -0.84 -8.36 -10.47
C GLY E 185 -2.11 -8.38 -11.30
N LEU E 186 -2.62 -9.54 -11.65
CA LEU E 186 -3.71 -9.69 -12.61
C LEU E 186 -5.06 -9.81 -11.91
N TYR E 187 -6.10 -9.40 -12.62
CA TYR E 187 -7.48 -9.45 -12.14
C TYR E 187 -8.11 -10.79 -12.45
N SER E 188 -9.18 -11.08 -11.72
CA SER E 188 -9.97 -12.29 -11.93
C SER E 188 -11.40 -11.96 -11.56
N LEU E 189 -12.33 -12.69 -12.18
CA LEU E 189 -13.74 -12.42 -11.98
C LEU E 189 -14.52 -13.69 -12.29
N SER E 190 -15.65 -13.85 -11.60
CA SER E 190 -16.52 -14.99 -11.82
C SER E 190 -17.96 -14.53 -11.91
N SER E 191 -18.74 -15.19 -12.77
CA SER E 191 -20.15 -14.90 -12.94
C SER E 191 -20.93 -16.18 -12.77
N VAL E 192 -21.86 -16.20 -11.82
CA VAL E 192 -22.63 -17.39 -11.49
C VAL E 192 -24.11 -17.11 -11.70
N VAL E 193 -24.86 -18.18 -11.92
CA VAL E 193 -26.31 -18.12 -12.06
C VAL E 193 -26.90 -19.39 -11.46
N THR E 194 -28.02 -19.25 -10.75
CA THR E 194 -28.69 -20.38 -10.14
C THR E 194 -29.89 -20.79 -11.00
N VAL E 195 -29.98 -22.09 -11.28
CA VAL E 195 -31.05 -22.64 -12.11
C VAL E 195 -31.59 -23.90 -11.45
N PRO E 196 -32.81 -24.31 -11.79
CA PRO E 196 -33.34 -25.58 -11.29
C PRO E 196 -32.48 -26.78 -11.70
N SER E 197 -32.38 -27.76 -10.81
CA SER E 197 -31.54 -28.93 -11.04
C SER E 197 -32.06 -29.82 -12.15
N SER E 198 -33.38 -29.80 -12.41
CA SER E 198 -33.91 -30.65 -13.46
C SER E 198 -33.42 -30.24 -14.84
N SER E 199 -33.17 -28.95 -15.04
CA SER E 199 -32.78 -28.41 -16.33
C SER E 199 -31.27 -28.40 -16.55
N LEU E 200 -30.49 -29.03 -15.66
CA LEU E 200 -29.04 -28.99 -15.79
C LEU E 200 -28.58 -29.71 -17.05
N GLY E 201 -29.06 -30.93 -17.28
CA GLY E 201 -28.63 -31.72 -18.41
C GLY E 201 -29.35 -31.50 -19.71
N THR E 202 -30.39 -30.67 -19.72
CA THR E 202 -31.22 -30.50 -20.90
C THR E 202 -31.24 -29.07 -21.43
N GLN E 203 -30.69 -28.10 -20.72
CA GLN E 203 -30.75 -26.71 -21.14
C GLN E 203 -29.35 -26.14 -21.32
N THR E 204 -29.26 -25.10 -22.14
CA THR E 204 -28.00 -24.48 -22.51
C THR E 204 -27.69 -23.26 -21.67
N TYR E 205 -26.41 -23.13 -21.29
CA TYR E 205 -25.94 -21.95 -20.57
C TYR E 205 -24.62 -21.54 -21.19
N ILE E 206 -24.60 -20.37 -21.83
CA ILE E 206 -23.43 -19.89 -22.56
C ILE E 206 -22.89 -18.64 -21.86
N CYS E 207 -21.59 -18.61 -21.65
CA CYS E 207 -20.89 -17.43 -21.15
C CYS E 207 -20.43 -16.58 -22.32
N ASN E 208 -20.71 -15.28 -22.27
CA ASN E 208 -20.31 -14.35 -23.31
C ASN E 208 -19.32 -13.35 -22.71
N VAL E 209 -18.04 -13.71 -22.74
CA VAL E 209 -16.98 -12.92 -22.12
C VAL E 209 -16.31 -12.07 -23.19
N ASN E 210 -16.30 -10.75 -22.96
CA ASN E 210 -15.63 -9.79 -23.84
C ASN E 210 -14.59 -9.01 -23.04
N HIS E 211 -13.37 -8.94 -23.57
CA HIS E 211 -12.30 -8.16 -22.96
C HIS E 211 -11.89 -7.11 -23.98
N LYS E 212 -12.39 -5.89 -23.78
CA LYS E 212 -12.18 -4.83 -24.77
C LYS E 212 -10.71 -4.56 -25.07
N PRO E 213 -9.82 -4.37 -24.08
CA PRO E 213 -8.43 -4.01 -24.42
C PRO E 213 -7.64 -5.09 -25.13
N SER E 214 -8.07 -6.36 -25.09
CA SER E 214 -7.32 -7.43 -25.71
C SER E 214 -8.05 -8.07 -26.89
N ASN E 215 -9.23 -7.56 -27.25
CA ASN E 215 -10.02 -8.13 -28.35
C ASN E 215 -10.31 -9.61 -28.11
N THR E 216 -10.58 -9.98 -26.86
CA THR E 216 -10.82 -11.36 -26.48
C THR E 216 -12.32 -11.56 -26.33
N LYS E 217 -12.91 -12.33 -27.24
CA LYS E 217 -14.32 -12.72 -27.18
C LYS E 217 -14.36 -14.24 -27.02
N VAL E 218 -14.86 -14.69 -25.88
CA VAL E 218 -14.90 -16.11 -25.54
C VAL E 218 -16.34 -16.51 -25.30
N ASP E 219 -16.75 -17.63 -25.91
CA ASP E 219 -18.04 -18.25 -25.64
C ASP E 219 -17.77 -19.63 -25.04
N LYS E 220 -18.29 -19.87 -23.84
CA LYS E 220 -18.09 -21.14 -23.14
C LYS E 220 -19.43 -21.73 -22.75
N LYS E 221 -19.61 -23.01 -23.04
CA LYS E 221 -20.81 -23.72 -22.63
C LYS E 221 -20.55 -24.38 -21.28
N VAL E 222 -21.36 -24.03 -20.28
CA VAL E 222 -21.25 -24.64 -18.96
C VAL E 222 -22.12 -25.89 -18.96
N GLU E 223 -21.48 -27.04 -19.07
CA GLU E 223 -22.14 -28.33 -19.11
C GLU E 223 -21.76 -29.16 -17.88
N PRO E 224 -22.72 -29.81 -17.22
CA PRO E 224 -22.37 -30.61 -16.05
C PRO E 224 -21.46 -31.79 -16.42
N LYS E 225 -20.65 -32.22 -15.45
CA LYS E 225 -19.70 -33.31 -15.67
C LYS E 225 -20.35 -34.66 -15.40
N ASP F 1 -12.80 27.78 -5.55
CA ASP F 1 -13.94 26.96 -5.96
C ASP F 1 -14.88 26.68 -4.78
N ILE F 2 -16.12 26.33 -5.09
CA ILE F 2 -17.13 26.04 -4.08
C ILE F 2 -17.03 24.55 -3.76
N VAL F 3 -16.43 24.21 -2.62
CA VAL F 3 -16.29 22.81 -2.23
C VAL F 3 -17.60 22.33 -1.62
N MET F 4 -18.01 21.12 -2.00
CA MET F 4 -19.28 20.55 -1.56
C MET F 4 -19.01 19.43 -0.57
N THR F 5 -19.60 19.56 0.62
CA THR F 5 -19.41 18.61 1.71
C THR F 5 -20.74 17.94 2.01
N GLN F 6 -20.74 16.61 2.03
CA GLN F 6 -21.93 15.84 2.32
C GLN F 6 -21.80 15.14 3.66
N SER F 7 -22.93 14.89 4.30
CA SER F 7 -23.01 14.23 5.58
C SER F 7 -24.29 13.40 5.58
N PRO F 8 -24.23 12.12 5.98
CA PRO F 8 -23.00 11.42 6.36
C PRO F 8 -22.34 10.74 5.18
N ASP F 9 -21.26 10.00 5.43
CA ASP F 9 -20.67 9.21 4.35
C ASP F 9 -21.56 8.05 3.95
N SER F 10 -22.28 7.47 4.91
CA SER F 10 -23.15 6.33 4.64
C SER F 10 -24.22 6.24 5.71
N LEU F 11 -25.39 5.71 5.32
CA LEU F 11 -26.46 5.48 6.28
C LEU F 11 -27.28 4.27 5.83
N ALA F 12 -27.80 3.56 6.82
CA ALA F 12 -28.60 2.36 6.61
C ALA F 12 -30.05 2.62 7.03
N VAL F 13 -30.98 2.31 6.15
CA VAL F 13 -32.40 2.56 6.35
C VAL F 13 -33.19 1.32 5.97
N SER F 14 -34.18 0.97 6.79
CA SER F 14 -35.07 -0.14 6.49
C SER F 14 -36.01 0.22 5.35
N LEU F 15 -36.63 -0.80 4.74
CA LEU F 15 -37.53 -0.56 3.62
C LEU F 15 -38.70 0.31 4.06
N GLY F 16 -38.99 1.33 3.27
CA GLY F 16 -40.12 2.20 3.56
C GLY F 16 -39.87 3.27 4.58
N GLU F 17 -38.66 3.36 5.13
CA GLU F 17 -38.34 4.36 6.13
C GLU F 17 -37.66 5.56 5.46
N ARG F 18 -37.55 6.64 6.22
CA ARG F 18 -37.11 7.91 5.66
C ARG F 18 -35.58 7.98 5.62
N ALA F 19 -35.05 8.51 4.52
CA ALA F 19 -33.62 8.68 4.32
C ALA F 19 -33.32 10.15 4.05
N THR F 20 -32.35 10.71 4.77
CA THR F 20 -31.99 12.11 4.66
C THR F 20 -30.51 12.24 4.36
N ILE F 21 -30.18 13.00 3.32
CA ILE F 21 -28.80 13.23 2.90
C ILE F 21 -28.57 14.74 2.89
N ASN F 22 -27.43 15.16 3.46
CA ASN F 22 -27.10 16.57 3.57
C ASN F 22 -25.98 16.93 2.59
N CYS F 23 -25.99 18.19 2.17
CA CYS F 23 -24.98 18.75 1.28
C CYS F 23 -24.73 20.19 1.72
N LYS F 24 -23.48 20.51 2.02
CA LYS F 24 -23.08 21.82 2.51
C LYS F 24 -22.10 22.42 1.53
N SER F 25 -22.32 23.69 1.15
CA SER F 25 -21.44 24.40 0.24
C SER F 25 -20.68 25.49 0.97
N SER F 26 -19.39 25.60 0.66
CA SER F 26 -18.55 26.60 1.34
C SER F 26 -18.94 28.02 0.99
N GLN F 27 -19.59 28.24 -0.15
CA GLN F 27 -20.09 29.53 -0.54
C GLN F 27 -21.55 29.40 -0.93
N SER F 28 -22.33 30.46 -0.71
CA SER F 28 -23.74 30.41 -1.06
C SER F 28 -23.89 30.27 -2.56
N VAL F 29 -24.73 29.31 -2.97
CA VAL F 29 -25.05 29.11 -4.38
C VAL F 29 -26.40 29.73 -4.73
N LEU F 30 -26.94 30.57 -3.85
CA LEU F 30 -28.18 31.30 -4.09
C LEU F 30 -27.82 32.61 -4.78
N TYR F 31 -28.10 32.69 -6.07
CA TYR F 31 -27.82 33.89 -6.84
C TYR F 31 -28.74 35.02 -6.41
N SER F 32 -28.15 36.19 -6.13
CA SER F 32 -28.94 37.31 -5.65
C SER F 32 -29.89 37.83 -6.71
N SER F 33 -29.53 37.67 -7.99
CA SER F 33 -30.30 38.29 -9.07
C SER F 33 -31.58 37.53 -9.40
N ASN F 34 -31.53 36.19 -9.43
CA ASN F 34 -32.71 35.40 -9.75
C ASN F 34 -33.35 34.71 -8.56
N ASN F 35 -32.72 34.76 -7.38
CA ASN F 35 -33.24 34.10 -6.17
C ASN F 35 -33.41 32.59 -6.37
N LYS F 36 -32.46 31.98 -7.09
CA LYS F 36 -32.50 30.55 -7.34
C LYS F 36 -31.17 29.91 -6.92
N ASN F 37 -31.28 28.68 -6.40
CA ASN F 37 -30.13 27.95 -5.94
C ASN F 37 -29.62 27.05 -7.05
N TYR F 38 -28.33 27.17 -7.37
CA TYR F 38 -27.73 26.43 -8.47
C TYR F 38 -27.16 25.11 -7.97
N LEU F 39 -28.06 24.25 -7.49
CA LEU F 39 -27.68 22.98 -6.90
C LEU F 39 -28.47 21.83 -7.52
N ALA F 40 -27.78 20.72 -7.77
CA ALA F 40 -28.38 19.53 -8.37
C ALA F 40 -28.00 18.28 -7.59
N TRP F 41 -28.88 17.28 -7.62
CA TRP F 41 -28.68 16.00 -6.97
C TRP F 41 -28.60 14.88 -8.02
N TYR F 42 -27.66 13.95 -7.83
CA TYR F 42 -27.46 12.84 -8.74
C TYR F 42 -27.53 11.51 -8.00
N GLN F 43 -27.90 10.47 -8.75
CA GLN F 43 -27.95 9.11 -8.24
C GLN F 43 -27.09 8.23 -9.14
N GLN F 44 -26.23 7.42 -8.51
CA GLN F 44 -25.32 6.55 -9.26
C GLN F 44 -25.43 5.14 -8.69
N LYS F 45 -26.13 4.26 -9.41
CA LYS F 45 -26.13 2.85 -9.08
C LYS F 45 -24.76 2.26 -9.39
N PRO F 46 -24.41 1.14 -8.75
CA PRO F 46 -23.10 0.53 -9.04
C PRO F 46 -22.97 0.17 -10.51
N GLY F 47 -21.80 0.49 -11.08
CA GLY F 47 -21.51 0.14 -12.45
C GLY F 47 -22.19 0.99 -13.50
N GLN F 48 -22.87 2.06 -13.12
CA GLN F 48 -23.68 2.86 -14.01
C GLN F 48 -23.29 4.32 -13.93
N PRO F 49 -23.62 5.11 -14.95
CA PRO F 49 -23.36 6.55 -14.89
C PRO F 49 -24.31 7.22 -13.91
N PRO F 50 -23.99 8.44 -13.48
CA PRO F 50 -24.90 9.19 -12.61
C PRO F 50 -26.22 9.51 -13.30
N LYS F 51 -27.26 9.65 -12.48
CA LYS F 51 -28.61 9.94 -12.95
C LYS F 51 -29.09 11.22 -12.29
N LEU F 52 -29.62 12.15 -13.08
CA LEU F 52 -30.08 13.42 -12.55
C LEU F 52 -31.40 13.24 -11.78
N LEU F 53 -31.41 13.63 -10.52
CA LEU F 53 -32.61 13.54 -9.68
C LEU F 53 -33.26 14.90 -9.46
N ILE F 54 -32.50 15.86 -8.93
CA ILE F 54 -33.03 17.15 -8.54
C ILE F 54 -32.16 18.24 -9.15
N TYR F 55 -32.80 19.32 -9.61
CA TYR F 55 -32.10 20.52 -10.01
C TYR F 55 -32.83 21.72 -9.41
N TRP F 56 -32.13 22.85 -9.33
CA TRP F 56 -32.57 24.04 -8.60
C TRP F 56 -32.87 23.73 -7.14
N ALA F 57 -32.28 22.63 -6.65
CA ALA F 57 -32.32 22.19 -5.26
C ALA F 57 -33.69 21.72 -4.80
N SER F 58 -34.72 21.93 -5.62
CA SER F 58 -36.07 21.51 -5.26
C SER F 58 -36.87 20.90 -6.39
N THR F 59 -36.43 21.01 -7.64
CA THR F 59 -37.23 20.60 -8.80
C THR F 59 -36.82 19.19 -9.23
N ARG F 60 -37.80 18.30 -9.35
CA ARG F 60 -37.52 16.92 -9.77
C ARG F 60 -37.43 16.82 -11.28
N GLU F 61 -36.50 15.98 -11.75
CA GLU F 61 -36.41 15.67 -13.16
C GLU F 61 -37.56 14.77 -13.58
N SER F 62 -38.01 14.94 -14.82
CA SER F 62 -39.11 14.12 -15.32
C SER F 62 -38.73 12.66 -15.23
N GLY F 63 -39.62 11.86 -14.64
CA GLY F 63 -39.38 10.45 -14.45
C GLY F 63 -38.92 10.06 -13.06
N VAL F 64 -38.33 10.99 -12.33
CA VAL F 64 -37.90 10.70 -10.95
C VAL F 64 -39.15 10.45 -10.10
N PRO F 65 -39.19 9.37 -9.32
CA PRO F 65 -40.38 9.08 -8.52
C PRO F 65 -40.62 10.14 -7.45
N ASP F 66 -41.86 10.20 -6.96
CA ASP F 66 -42.27 11.22 -6.02
C ASP F 66 -41.62 11.08 -4.65
N ARG F 67 -41.02 9.94 -4.33
CA ARG F 67 -40.38 9.76 -3.04
C ARG F 67 -39.11 10.59 -2.90
N PHE F 68 -38.51 11.03 -4.01
CA PHE F 68 -37.32 11.87 -3.97
C PHE F 68 -37.72 13.34 -3.84
N SER F 69 -37.08 14.03 -2.91
CA SER F 69 -37.39 15.43 -2.62
C SER F 69 -36.11 16.21 -2.39
N GLY F 70 -36.13 17.48 -2.78
CA GLY F 70 -34.99 18.35 -2.54
C GLY F 70 -35.38 19.60 -1.77
N SER F 71 -34.62 19.93 -0.73
CA SER F 71 -34.91 21.10 0.09
C SER F 71 -33.62 21.78 0.49
N GLY F 72 -33.74 23.02 0.92
CA GLY F 72 -32.60 23.81 1.34
C GLY F 72 -32.44 25.07 0.48
N SER F 73 -31.58 25.95 0.98
CA SER F 73 -31.29 27.21 0.32
C SER F 73 -29.96 27.73 0.85
N GLY F 74 -29.24 28.47 0.02
CA GLY F 74 -28.01 29.10 0.47
C GLY F 74 -26.81 28.19 0.46
N THR F 75 -26.42 27.70 1.65
CA THR F 75 -25.30 26.78 1.78
C THR F 75 -25.68 25.40 2.32
N ASP F 76 -26.84 25.24 2.94
CA ASP F 76 -27.26 23.97 3.51
C ASP F 76 -28.43 23.41 2.70
N PHE F 77 -28.28 22.19 2.20
CA PHE F 77 -29.27 21.54 1.35
C PHE F 77 -29.50 20.12 1.83
N THR F 78 -30.63 19.55 1.41
CA THR F 78 -31.06 18.25 1.90
C THR F 78 -31.75 17.47 0.79
N LEU F 79 -31.34 16.22 0.61
CA LEU F 79 -32.03 15.26 -0.24
C LEU F 79 -32.77 14.29 0.64
N THR F 80 -34.05 14.10 0.39
CA THR F 80 -34.91 13.28 1.24
C THR F 80 -35.59 12.20 0.40
N ILE F 81 -35.52 10.97 0.88
CA ILE F 81 -36.27 9.85 0.31
C ILE F 81 -37.29 9.43 1.37
N SER F 82 -38.57 9.67 1.07
CA SER F 82 -39.61 9.50 2.08
C SER F 82 -39.75 8.04 2.51
N SER F 83 -39.73 7.10 1.56
CA SER F 83 -39.78 5.68 1.85
C SER F 83 -38.76 4.99 0.96
N LEU F 84 -37.68 4.52 1.56
CA LEU F 84 -36.58 3.95 0.78
C LEU F 84 -36.99 2.60 0.21
N GLN F 85 -36.70 2.39 -1.06
CA GLN F 85 -37.00 1.14 -1.74
C GLN F 85 -35.72 0.36 -2.03
N ALA F 86 -35.89 -0.92 -2.36
CA ALA F 86 -34.73 -1.77 -2.62
C ALA F 86 -33.94 -1.27 -3.82
N GLU F 87 -34.63 -0.74 -4.83
CA GLU F 87 -34.01 -0.24 -6.04
C GLU F 87 -33.46 1.16 -5.88
N ASP F 88 -33.28 1.63 -4.65
CA ASP F 88 -32.73 2.96 -4.40
C ASP F 88 -31.35 2.92 -3.78
N VAL F 89 -30.79 1.73 -3.57
CA VAL F 89 -29.45 1.60 -2.99
C VAL F 89 -28.45 2.11 -4.03
N ALA F 90 -27.83 3.24 -3.73
CA ALA F 90 -26.85 3.84 -4.62
C ALA F 90 -26.04 4.86 -3.84
N VAL F 91 -25.17 5.58 -4.55
CA VAL F 91 -24.43 6.70 -4.00
C VAL F 91 -25.01 7.97 -4.61
N TYR F 92 -25.30 8.94 -3.76
CA TYR F 92 -25.95 10.18 -4.19
C TYR F 92 -24.95 11.32 -4.05
N TYR F 93 -24.79 12.09 -5.13
CA TYR F 93 -23.90 13.23 -5.17
C TYR F 93 -24.68 14.53 -5.32
N CYS F 94 -24.14 15.60 -4.76
CA CYS F 94 -24.68 16.93 -4.99
C CYS F 94 -23.69 17.76 -5.79
N GLN F 95 -24.21 18.54 -6.74
CA GLN F 95 -23.38 19.35 -7.61
C GLN F 95 -23.85 20.80 -7.56
N GLN F 96 -22.90 21.73 -7.60
CA GLN F 96 -23.19 23.14 -7.77
C GLN F 96 -22.81 23.55 -9.18
N TYR F 97 -23.67 24.34 -9.81
CA TYR F 97 -23.43 24.92 -11.13
C TYR F 97 -23.58 26.43 -11.06
N TYR F 98 -23.15 27.01 -9.94
CA TYR F 98 -23.14 28.45 -9.78
C TYR F 98 -21.93 29.08 -10.47
N SER F 99 -20.77 28.44 -10.33
CA SER F 99 -19.54 28.99 -10.89
C SER F 99 -18.59 27.86 -11.24
N ALA F 100 -17.63 28.18 -12.08
CA ALA F 100 -16.57 27.27 -12.45
C ALA F 100 -15.44 27.35 -11.43
N PRO F 101 -14.73 26.23 -11.14
CA PRO F 101 -14.99 24.92 -11.72
C PRO F 101 -16.21 24.27 -11.08
N LEU F 102 -16.96 23.51 -11.87
CA LEU F 102 -18.09 22.76 -11.34
C LEU F 102 -17.56 21.70 -10.38
N THR F 103 -18.14 21.67 -9.18
CA THR F 103 -17.66 20.79 -8.12
C THR F 103 -18.78 19.92 -7.61
N PHE F 104 -18.47 18.64 -7.38
CA PHE F 104 -19.40 17.68 -6.81
C PHE F 104 -19.07 17.47 -5.33
N GLY F 105 -20.03 16.85 -4.64
CA GLY F 105 -19.84 16.45 -3.26
C GLY F 105 -19.08 15.15 -3.13
N GLY F 106 -18.79 14.79 -1.88
CA GLY F 106 -18.10 13.53 -1.64
C GLY F 106 -18.95 12.31 -1.89
N GLY F 107 -20.27 12.47 -1.97
CA GLY F 107 -21.14 11.33 -2.17
C GLY F 107 -21.59 10.72 -0.86
N THR F 108 -22.79 10.13 -0.88
CA THR F 108 -23.35 9.48 0.29
C THR F 108 -23.94 8.14 -0.14
N LYS F 109 -23.40 7.05 0.41
CA LYS F 109 -23.88 5.71 0.08
C LYS F 109 -25.01 5.35 1.03
N VAL F 110 -26.18 5.03 0.48
CA VAL F 110 -27.30 4.55 1.27
C VAL F 110 -27.47 3.07 1.00
N GLU F 111 -27.65 2.29 2.06
CA GLU F 111 -27.85 0.86 1.94
C GLU F 111 -29.07 0.46 2.76
N ILE F 112 -29.73 -0.61 2.34
CA ILE F 112 -30.93 -1.10 3.01
C ILE F 112 -30.55 -1.92 4.22
N LYS F 113 -31.19 -1.63 5.35
CA LYS F 113 -31.07 -2.46 6.54
C LYS F 113 -32.23 -3.46 6.49
N ARG F 114 -31.91 -4.76 6.42
CA ARG F 114 -32.92 -5.79 6.19
C ARG F 114 -32.76 -6.91 7.22
N THR F 115 -33.73 -7.84 7.18
CA THR F 115 -33.70 -8.99 8.07
C THR F 115 -32.59 -9.98 7.69
N VAL F 116 -32.17 -10.77 8.67
CA VAL F 116 -31.08 -11.72 8.48
C VAL F 116 -31.49 -12.80 7.50
N ALA F 117 -30.62 -13.09 6.54
CA ALA F 117 -30.84 -14.13 5.54
C ALA F 117 -29.62 -15.01 5.43
N ALA F 118 -29.83 -16.35 5.54
CA ALA F 118 -28.74 -17.31 5.48
C ALA F 118 -28.30 -17.55 4.03
N PRO F 119 -27.00 -17.76 3.79
CA PRO F 119 -26.53 -18.02 2.43
C PRO F 119 -26.69 -19.48 2.02
N SER F 120 -26.96 -19.67 0.73
CA SER F 120 -26.90 -21.00 0.13
C SER F 120 -25.49 -21.20 -0.43
N VAL F 121 -24.82 -22.26 0.03
CA VAL F 121 -23.41 -22.48 -0.27
C VAL F 121 -23.28 -23.49 -1.39
N PHE F 122 -22.44 -23.17 -2.38
CA PHE F 122 -22.14 -24.05 -3.50
C PHE F 122 -20.62 -24.13 -3.67
N ILE F 123 -20.15 -25.27 -4.16
CA ILE F 123 -18.72 -25.48 -4.40
C ILE F 123 -18.53 -26.06 -5.79
N PHE F 124 -17.51 -25.57 -6.49
CA PHE F 124 -17.21 -25.97 -7.86
C PHE F 124 -15.81 -26.59 -7.92
N PRO F 125 -15.67 -27.83 -8.37
CA PRO F 125 -14.35 -28.40 -8.55
C PRO F 125 -13.63 -27.73 -9.72
N PRO F 126 -12.32 -27.94 -9.86
CA PRO F 126 -11.60 -27.35 -10.99
C PRO F 126 -12.08 -27.91 -12.31
N SER F 127 -11.98 -27.10 -13.35
CA SER F 127 -12.36 -27.53 -14.69
C SER F 127 -11.26 -28.39 -15.32
N ASP F 128 -11.67 -29.25 -16.25
CA ASP F 128 -10.68 -30.05 -16.98
C ASP F 128 -9.85 -29.18 -17.90
N GLU F 129 -10.43 -28.09 -18.42
CA GLU F 129 -9.68 -27.18 -19.28
C GLU F 129 -8.54 -26.53 -18.52
N GLN F 130 -8.80 -26.10 -17.27
CA GLN F 130 -7.74 -25.45 -16.50
C GLN F 130 -6.67 -26.43 -16.04
N LEU F 131 -7.06 -27.68 -15.77
CA LEU F 131 -6.08 -28.67 -15.34
C LEU F 131 -5.02 -28.90 -16.41
N LYS F 132 -5.41 -28.85 -17.68
CA LYS F 132 -4.44 -28.97 -18.77
C LYS F 132 -3.47 -27.80 -18.80
N SER F 133 -3.84 -26.66 -18.18
CA SER F 133 -2.96 -25.50 -18.11
C SER F 133 -1.95 -25.57 -16.98
N GLY F 134 -2.11 -26.50 -16.04
CA GLY F 134 -1.18 -26.64 -14.94
C GLY F 134 -1.61 -26.04 -13.63
N THR F 135 -2.79 -25.43 -13.57
CA THR F 135 -3.30 -24.86 -12.32
C THR F 135 -4.71 -25.36 -12.07
N ALA F 136 -5.14 -25.30 -10.82
CA ALA F 136 -6.46 -25.75 -10.42
C ALA F 136 -7.09 -24.74 -9.46
N SER F 137 -8.29 -24.28 -9.79
CA SER F 137 -9.02 -23.30 -8.99
C SER F 137 -10.32 -23.91 -8.52
N VAL F 138 -10.59 -23.77 -7.22
CA VAL F 138 -11.83 -24.23 -6.60
C VAL F 138 -12.59 -23.00 -6.15
N VAL F 139 -13.87 -22.92 -6.51
CA VAL F 139 -14.70 -21.76 -6.24
C VAL F 139 -15.75 -22.13 -5.20
N CYS F 140 -15.88 -21.30 -4.18
CA CYS F 140 -16.93 -21.42 -3.18
C CYS F 140 -17.88 -20.25 -3.34
N LEU F 141 -19.18 -20.53 -3.42
CA LEU F 141 -20.20 -19.52 -3.72
C LEU F 141 -21.15 -19.37 -2.53
N LEU F 142 -21.26 -18.14 -2.04
CA LEU F 142 -22.26 -17.77 -1.04
C LEU F 142 -23.29 -16.88 -1.73
N ASN F 143 -24.55 -17.31 -1.72
CA ASN F 143 -25.56 -16.65 -2.52
C ASN F 143 -26.66 -16.08 -1.63
N ASN F 144 -26.96 -14.80 -1.81
CA ASN F 144 -28.16 -14.15 -1.26
C ASN F 144 -28.23 -14.29 0.26
N PHE F 145 -27.32 -13.58 0.92
CA PHE F 145 -27.27 -13.56 2.38
C PHE F 145 -27.25 -12.12 2.88
N TYR F 146 -27.52 -11.96 4.18
CA TYR F 146 -27.45 -10.67 4.84
C TYR F 146 -27.23 -10.90 6.33
N PRO F 147 -26.36 -10.12 6.99
CA PRO F 147 -25.56 -9.03 6.44
C PRO F 147 -24.36 -9.51 5.63
N ARG F 148 -23.60 -8.57 5.07
CA ARG F 148 -22.50 -8.95 4.18
C ARG F 148 -21.34 -9.60 4.91
N GLU F 149 -21.19 -9.32 6.21
CA GLU F 149 -20.08 -9.89 6.95
C GLU F 149 -20.19 -11.40 6.98
N ALA F 150 -19.26 -12.08 6.31
CA ALA F 150 -19.24 -13.53 6.23
C ALA F 150 -17.79 -13.99 6.20
N LYS F 151 -17.54 -15.16 6.77
CA LYS F 151 -16.21 -15.75 6.80
C LYS F 151 -16.21 -17.02 5.95
N VAL F 152 -15.21 -17.13 5.07
CA VAL F 152 -15.03 -18.31 4.23
C VAL F 152 -13.62 -18.84 4.48
N GLN F 153 -13.55 -20.08 4.96
CA GLN F 153 -12.27 -20.74 5.25
C GLN F 153 -12.10 -21.92 4.30
N TRP F 154 -10.91 -22.03 3.72
CA TRP F 154 -10.57 -23.11 2.79
C TRP F 154 -9.78 -24.19 3.52
N LYS F 155 -10.34 -25.39 3.60
CA LYS F 155 -9.69 -26.54 4.22
C LYS F 155 -9.35 -27.57 3.16
N VAL F 156 -8.07 -27.96 3.11
CA VAL F 156 -7.60 -28.99 2.17
C VAL F 156 -7.08 -30.15 3.01
N ASP F 157 -7.79 -31.28 2.95
CA ASP F 157 -7.54 -32.40 3.86
C ASP F 157 -7.56 -31.95 5.31
N ASN F 158 -8.54 -31.10 5.63
CA ASN F 158 -8.71 -30.54 6.98
C ASN F 158 -7.52 -29.69 7.40
N ALA F 159 -6.89 -28.99 6.44
CA ALA F 159 -5.79 -28.09 6.74
C ALA F 159 -6.13 -26.69 6.26
N LEU F 160 -5.84 -25.71 7.12
CA LEU F 160 -6.22 -24.33 6.84
C LEU F 160 -5.35 -23.73 5.75
N GLN F 161 -6.00 -23.26 4.68
CA GLN F 161 -5.33 -22.60 3.57
C GLN F 161 -5.59 -21.11 3.66
N SER F 162 -4.54 -20.31 3.55
CA SER F 162 -4.81 -18.87 3.70
C SER F 162 -4.19 -18.00 2.62
N GLY F 163 -2.99 -18.32 2.16
CA GLY F 163 -2.29 -17.48 1.20
C GLY F 163 -2.66 -17.62 -0.26
N ASN F 164 -3.55 -18.55 -0.61
CA ASN F 164 -3.85 -18.85 -2.00
C ASN F 164 -5.33 -18.71 -2.34
N SER F 165 -6.01 -17.78 -1.70
CA SER F 165 -7.43 -17.56 -1.93
C SER F 165 -7.71 -16.08 -2.14
N GLN F 166 -8.71 -15.79 -2.97
CA GLN F 166 -9.22 -14.44 -3.20
C GLN F 166 -10.73 -14.50 -3.26
N GLU F 167 -11.41 -13.54 -2.64
CA GLU F 167 -12.87 -13.51 -2.62
C GLU F 167 -13.36 -12.15 -3.07
N SER F 168 -14.54 -12.15 -3.70
CA SER F 168 -15.19 -10.95 -4.18
C SER F 168 -16.63 -10.92 -3.69
N VAL F 169 -17.13 -9.73 -3.37
CA VAL F 169 -18.47 -9.54 -2.83
C VAL F 169 -19.22 -8.56 -3.72
N THR F 170 -20.46 -8.92 -4.07
CA THR F 170 -21.29 -8.04 -4.89
C THR F 170 -21.80 -6.87 -4.06
N GLU F 171 -22.30 -5.86 -4.77
CA GLU F 171 -23.03 -4.79 -4.13
C GLU F 171 -24.39 -5.30 -3.67
N GLN F 172 -25.06 -4.49 -2.86
CA GLN F 172 -26.37 -4.88 -2.33
C GLN F 172 -27.38 -5.00 -3.48
N ASP F 173 -28.15 -6.09 -3.46
CA ASP F 173 -29.08 -6.37 -4.54
C ASP F 173 -30.24 -5.38 -4.56
N SER F 174 -30.69 -5.03 -5.76
CA SER F 174 -31.74 -4.03 -5.92
C SER F 174 -33.14 -4.59 -5.75
N LYS F 175 -33.30 -5.89 -5.55
CA LYS F 175 -34.61 -6.50 -5.35
C LYS F 175 -34.81 -7.00 -3.93
N ASP F 176 -33.92 -7.85 -3.43
CA ASP F 176 -34.04 -8.38 -2.08
C ASP F 176 -33.03 -7.79 -1.11
N SER F 177 -32.17 -6.87 -1.56
CA SER F 177 -31.19 -6.19 -0.72
C SER F 177 -30.26 -7.18 -0.01
N THR F 178 -29.82 -8.19 -0.74
CA THR F 178 -28.90 -9.19 -0.22
C THR F 178 -27.54 -9.10 -0.92
N TYR F 179 -26.58 -9.82 -0.36
CA TYR F 179 -25.22 -9.86 -0.89
C TYR F 179 -24.89 -11.27 -1.37
N SER F 180 -23.85 -11.36 -2.18
CA SER F 180 -23.32 -12.64 -2.65
C SER F 180 -21.80 -12.59 -2.70
N LEU F 181 -21.17 -13.69 -2.35
CA LEU F 181 -19.72 -13.79 -2.22
C LEU F 181 -19.20 -14.97 -3.02
N SER F 182 -18.00 -14.82 -3.60
CA SER F 182 -17.35 -15.91 -4.34
C SER F 182 -15.87 -15.89 -4.00
N SER F 183 -15.42 -16.91 -3.27
CA SER F 183 -14.01 -17.09 -2.95
C SER F 183 -13.40 -18.11 -3.90
N THR F 184 -12.20 -17.82 -4.39
CA THR F 184 -11.50 -18.69 -5.35
C THR F 184 -10.19 -19.16 -4.75
N LEU F 185 -10.07 -20.47 -4.56
CA LEU F 185 -8.84 -21.10 -4.10
C LEU F 185 -8.06 -21.60 -5.31
N THR F 186 -6.88 -21.03 -5.54
CA THR F 186 -6.08 -21.35 -6.71
C THR F 186 -4.83 -22.09 -6.28
N LEU F 187 -4.64 -23.29 -6.82
CA LEU F 187 -3.46 -24.11 -6.56
C LEU F 187 -2.87 -24.57 -7.88
N SER F 188 -1.58 -24.91 -7.85
CA SER F 188 -0.97 -25.53 -9.00
C SER F 188 -1.51 -26.94 -9.20
N LYS F 189 -1.42 -27.43 -10.43
CA LYS F 189 -1.86 -28.80 -10.69
C LYS F 189 -1.06 -29.79 -9.86
N ALA F 190 0.21 -29.48 -9.59
CA ALA F 190 1.04 -30.37 -8.78
C ALA F 190 0.51 -30.48 -7.35
N ASP F 191 0.29 -29.35 -6.70
CA ASP F 191 -0.24 -29.38 -5.34
C ASP F 191 -1.66 -29.90 -5.30
N TYR F 192 -2.44 -29.66 -6.36
CA TYR F 192 -3.83 -30.09 -6.36
C TYR F 192 -3.94 -31.61 -6.29
N GLU F 193 -3.08 -32.31 -7.03
CA GLU F 193 -3.12 -33.77 -7.04
C GLU F 193 -2.43 -34.40 -5.83
N LYS F 194 -1.84 -33.60 -4.96
CA LYS F 194 -1.23 -34.09 -3.72
C LYS F 194 -2.24 -34.31 -2.61
N HIS F 195 -3.50 -33.96 -2.81
CA HIS F 195 -4.50 -34.02 -1.75
C HIS F 195 -5.81 -34.56 -2.31
N LYS F 196 -6.72 -34.90 -1.39
CA LYS F 196 -7.98 -35.56 -1.73
C LYS F 196 -9.20 -34.68 -1.46
N VAL F 197 -9.39 -34.22 -0.22
CA VAL F 197 -10.62 -33.54 0.18
C VAL F 197 -10.40 -32.03 0.09
N TYR F 198 -11.26 -31.36 -0.66
CA TYR F 198 -11.25 -29.90 -0.79
C TYR F 198 -12.58 -29.37 -0.27
N ALA F 199 -12.53 -28.59 0.81
CA ALA F 199 -13.73 -28.09 1.47
C ALA F 199 -13.67 -26.58 1.64
N CYS F 200 -14.84 -25.95 1.65
CA CYS F 200 -14.96 -24.55 2.02
C CYS F 200 -16.00 -24.44 3.12
N GLU F 201 -15.59 -23.95 4.28
CA GLU F 201 -16.45 -23.80 5.44
C GLU F 201 -16.92 -22.34 5.53
N VAL F 202 -18.21 -22.15 5.75
CA VAL F 202 -18.83 -20.83 5.73
C VAL F 202 -19.39 -20.55 7.12
N THR F 203 -19.06 -19.38 7.65
CA THR F 203 -19.58 -18.90 8.93
C THR F 203 -20.40 -17.64 8.68
N HIS F 204 -21.62 -17.62 9.18
CA HIS F 204 -22.51 -16.48 8.96
C HIS F 204 -23.48 -16.37 10.13
N GLN F 205 -24.04 -15.16 10.30
CA GLN F 205 -24.98 -14.93 11.38
C GLN F 205 -26.25 -15.75 11.20
N GLY F 206 -26.67 -15.99 9.95
CA GLY F 206 -27.86 -16.75 9.68
C GLY F 206 -27.72 -18.26 9.78
N LEU F 207 -26.53 -18.76 10.09
CA LEU F 207 -26.26 -20.19 10.21
C LEU F 207 -26.00 -20.52 11.68
N SER F 208 -26.78 -21.44 12.22
CA SER F 208 -26.57 -21.87 13.60
C SER F 208 -25.23 -22.57 13.78
N SER F 209 -24.83 -23.39 12.80
CA SER F 209 -23.53 -24.04 12.75
C SER F 209 -22.89 -23.73 11.41
N PRO F 210 -21.55 -23.72 11.35
CA PRO F 210 -20.87 -23.45 10.08
C PRO F 210 -21.22 -24.50 9.03
N VAL F 211 -21.52 -24.03 7.83
CA VAL F 211 -21.87 -24.90 6.71
C VAL F 211 -20.61 -25.24 5.93
N THR F 212 -20.40 -26.53 5.69
CA THR F 212 -19.24 -27.02 4.96
C THR F 212 -19.73 -27.75 3.71
N LYS F 213 -19.24 -27.32 2.54
CA LYS F 213 -19.52 -28.02 1.29
C LYS F 213 -18.19 -28.45 0.70
N SER F 214 -18.02 -29.76 0.52
CA SER F 214 -16.74 -30.34 0.12
C SER F 214 -16.95 -31.37 -0.98
N PHE F 215 -15.84 -31.76 -1.59
CA PHE F 215 -15.80 -32.80 -2.59
C PHE F 215 -14.44 -33.47 -2.56
N ASN F 216 -14.37 -34.66 -3.12
CA ASN F 216 -13.13 -35.42 -3.24
C ASN F 216 -12.64 -35.37 -4.68
N ARG F 217 -11.35 -35.10 -4.85
CA ARG F 217 -10.75 -35.07 -6.18
C ARG F 217 -10.86 -36.43 -6.83
N GLY F 218 -11.49 -36.47 -8.02
CA GLY F 218 -11.70 -37.71 -8.74
C GLY F 218 -13.12 -38.19 -8.75
N GLU F 219 -14.01 -37.59 -7.96
CA GLU F 219 -15.41 -37.99 -7.91
C GLU F 219 -16.20 -37.50 -9.13
#